data_2KOK
#
_entry.id   2KOK
#
_entity_poly.entity_id   1
_entity_poly.type   'polypeptide(L)'
_entity_poly.pdbx_seq_one_letter_code
;GPGSMSVTIYGIKNCDTMKKARIWLEDHGIDYTFHDYKKEGLDAETLDRFLKTVPWEQLLNRAGTTFRKLPEDVRSNVDA
ASARELMLAQPSMVKRPVLERDGKLMVGFKPAQYEAYFKL
;
_entity_poly.pdbx_strand_id   A
#
# COMPACT_ATOMS: atom_id res chain seq x y z
N GLY A 1 5.33 -17.03 24.74
CA GLY A 1 5.84 -16.45 23.51
C GLY A 1 5.43 -15.00 23.35
N PRO A 2 6.08 -14.11 24.11
CA PRO A 2 5.80 -12.67 24.06
C PRO A 2 6.25 -12.03 22.75
N GLY A 3 6.07 -10.72 22.64
CA GLY A 3 6.46 -10.02 21.44
C GLY A 3 6.62 -8.53 21.67
N SER A 4 7.86 -8.08 21.84
CA SER A 4 8.15 -6.68 22.08
C SER A 4 7.89 -5.85 20.82
N MET A 5 8.39 -6.34 19.69
CA MET A 5 8.23 -5.65 18.41
C MET A 5 6.78 -5.71 17.96
N SER A 6 6.47 -4.96 16.91
CA SER A 6 5.11 -4.92 16.37
C SER A 6 5.12 -4.57 14.88
N VAL A 7 4.09 -5.03 14.17
CA VAL A 7 3.99 -4.77 12.74
C VAL A 7 3.08 -3.57 12.47
N THR A 8 3.51 -2.69 11.57
CA THR A 8 2.73 -1.51 11.22
C THR A 8 2.20 -1.60 9.80
N ILE A 9 0.90 -1.35 9.64
CA ILE A 9 0.28 -1.41 8.33
C ILE A 9 -0.23 -0.03 7.90
N TYR A 10 0.00 0.31 6.64
CA TYR A 10 -0.43 1.60 6.10
C TYR A 10 -1.50 1.42 5.02
N GLY A 11 -2.30 2.44 4.82
CA GLY A 11 -3.35 2.39 3.81
C GLY A 11 -4.41 3.45 4.02
N ILE A 12 -5.67 3.08 3.84
CA ILE A 12 -6.77 4.02 3.98
C ILE A 12 -7.89 3.41 4.83
N LYS A 13 -8.92 4.21 5.09
CA LYS A 13 -10.06 3.75 5.88
C LYS A 13 -11.26 3.45 4.98
N ASN A 14 -11.30 4.11 3.83
CA ASN A 14 -12.38 3.90 2.88
C ASN A 14 -12.05 2.79 1.88
N CYS A 15 -11.85 1.59 2.41
CA CYS A 15 -11.52 0.44 1.56
C CYS A 15 -11.89 -0.87 2.25
N ASP A 16 -12.40 -1.82 1.47
CA ASP A 16 -12.81 -3.11 2.00
C ASP A 16 -11.58 -3.98 2.28
N THR A 17 -10.64 -3.99 1.34
CA THR A 17 -9.43 -4.78 1.48
C THR A 17 -8.74 -4.51 2.81
N MET A 18 -8.58 -3.24 3.13
CA MET A 18 -7.94 -2.84 4.38
C MET A 18 -8.59 -3.54 5.57
N LYS A 19 -9.92 -3.53 5.62
CA LYS A 19 -10.65 -4.17 6.69
C LYS A 19 -10.35 -5.67 6.75
N LYS A 20 -10.31 -6.29 5.58
CA LYS A 20 -10.03 -7.73 5.50
C LYS A 20 -8.63 -8.04 6.00
N ALA A 21 -7.71 -7.11 5.77
CA ALA A 21 -6.32 -7.28 6.19
C ALA A 21 -6.19 -7.18 7.71
N ARG A 22 -6.73 -6.10 8.27
CA ARG A 22 -6.69 -5.90 9.71
C ARG A 22 -7.38 -7.04 10.45
N ILE A 23 -8.51 -7.49 9.91
CA ILE A 23 -9.26 -8.58 10.53
C ILE A 23 -8.49 -9.89 10.46
N TRP A 24 -8.03 -10.25 9.27
CA TRP A 24 -7.28 -11.48 9.08
C TRP A 24 -6.08 -11.54 10.01
N LEU A 25 -5.27 -10.49 9.99
CA LEU A 25 -4.08 -10.42 10.84
C LEU A 25 -4.47 -10.47 12.31
N GLU A 26 -5.51 -9.73 12.68
CA GLU A 26 -5.99 -9.69 14.05
C GLU A 26 -6.43 -11.07 14.51
N ASP A 27 -7.12 -11.79 13.63
CA ASP A 27 -7.61 -13.13 13.94
C ASP A 27 -6.45 -14.10 14.11
N HIS A 28 -5.44 -13.97 13.24
CA HIS A 28 -4.28 -14.84 13.29
C HIS A 28 -3.52 -14.67 14.61
N GLY A 29 -3.80 -13.57 15.31
CA GLY A 29 -3.14 -13.31 16.57
C GLY A 29 -1.98 -12.34 16.42
N ILE A 30 -1.99 -11.58 15.33
CA ILE A 30 -0.93 -10.62 15.08
C ILE A 30 -1.43 -9.18 15.27
N ASP A 31 -0.59 -8.34 15.86
CA ASP A 31 -0.96 -6.95 16.11
C ASP A 31 -0.47 -6.06 14.97
N TYR A 32 -1.41 -5.45 14.25
CA TYR A 32 -1.08 -4.57 13.14
C TYR A 32 -1.55 -3.14 13.41
N THR A 33 -0.64 -2.19 13.26
CA THR A 33 -0.95 -0.79 13.48
C THR A 33 -1.57 -0.15 12.24
N PHE A 34 -2.84 0.24 12.34
CA PHE A 34 -3.54 0.86 11.22
C PHE A 34 -3.10 2.32 11.05
N HIS A 35 -2.47 2.61 9.92
CA HIS A 35 -2.00 3.96 9.63
C HIS A 35 -2.57 4.46 8.30
N ASP A 36 -3.26 5.60 8.35
CA ASP A 36 -3.85 6.18 7.16
C ASP A 36 -2.84 7.05 6.41
N TYR A 37 -2.95 7.06 5.09
CA TYR A 37 -2.03 7.85 4.26
C TYR A 37 -1.96 9.30 4.74
N LYS A 38 -3.11 9.82 5.15
CA LYS A 38 -3.18 11.20 5.65
C LYS A 38 -2.78 11.27 7.11
N LYS A 39 -3.06 10.20 7.85
CA LYS A 39 -2.73 10.14 9.27
C LYS A 39 -1.22 10.24 9.49
N GLU A 40 -0.46 9.47 8.72
CA GLU A 40 0.99 9.48 8.83
C GLU A 40 1.57 10.77 8.27
N GLY A 41 0.83 11.40 7.37
CA GLY A 41 1.29 12.64 6.77
C GLY A 41 2.14 12.41 5.53
N LEU A 42 1.52 12.48 4.36
CA LEU A 42 2.23 12.28 3.11
C LEU A 42 2.95 13.55 2.68
N ASP A 43 4.26 13.44 2.49
CA ASP A 43 5.07 14.58 2.08
C ASP A 43 6.14 14.15 1.07
N ALA A 44 6.90 15.13 0.58
CA ALA A 44 7.96 14.85 -0.39
C ALA A 44 8.92 13.79 0.14
N GLU A 45 9.29 13.91 1.40
CA GLU A 45 10.21 12.97 2.03
C GLU A 45 9.63 11.56 2.01
N THR A 46 8.39 11.42 2.49
CA THR A 46 7.72 10.13 2.53
C THR A 46 7.60 9.54 1.14
N LEU A 47 7.14 10.33 0.19
CA LEU A 47 6.98 9.89 -1.18
C LEU A 47 8.28 9.33 -1.74
N ASP A 48 9.36 10.10 -1.59
CA ASP A 48 10.66 9.68 -2.07
C ASP A 48 11.08 8.35 -1.44
N ARG A 49 10.94 8.27 -0.12
CA ARG A 49 11.31 7.05 0.61
C ARG A 49 10.55 5.84 0.06
N PHE A 50 9.26 6.03 -0.23
CA PHE A 50 8.43 4.97 -0.76
C PHE A 50 8.87 4.59 -2.17
N LEU A 51 8.97 5.59 -3.04
CA LEU A 51 9.38 5.37 -4.42
C LEU A 51 10.77 4.73 -4.50
N LYS A 52 11.57 4.97 -3.46
CA LYS A 52 12.92 4.43 -3.40
C LYS A 52 12.90 2.99 -2.88
N THR A 53 11.86 2.65 -2.13
CA THR A 53 11.71 1.31 -1.57
C THR A 53 11.10 0.36 -2.58
N VAL A 54 10.20 0.89 -3.41
CA VAL A 54 9.53 0.08 -4.42
C VAL A 54 9.37 0.86 -5.73
N PRO A 55 9.21 0.12 -6.84
CA PRO A 55 9.04 0.72 -8.17
C PRO A 55 7.69 1.43 -8.32
N TRP A 56 7.71 2.58 -8.99
CA TRP A 56 6.49 3.36 -9.20
C TRP A 56 5.44 2.52 -9.92
N GLU A 57 5.90 1.51 -10.66
CA GLU A 57 4.99 0.64 -11.40
C GLU A 57 4.18 -0.25 -10.45
N GLN A 58 4.79 -0.59 -9.31
CA GLN A 58 4.13 -1.43 -8.33
C GLN A 58 3.82 -0.64 -7.06
N LEU A 59 3.64 0.66 -7.22
CA LEU A 59 3.32 1.52 -6.08
C LEU A 59 1.88 2.02 -6.16
N LEU A 60 1.32 2.03 -7.36
CA LEU A 60 -0.05 2.47 -7.56
C LEU A 60 -0.83 1.48 -8.43
N ASN A 61 -2.04 1.14 -7.98
CA ASN A 61 -2.88 0.20 -8.71
C ASN A 61 -3.01 0.61 -10.17
N ARG A 62 -3.06 -0.38 -11.06
CA ARG A 62 -3.19 -0.13 -12.49
C ARG A 62 -4.51 -0.69 -13.03
N ALA A 63 -5.11 -1.58 -12.27
CA ALA A 63 -6.39 -2.19 -12.67
C ALA A 63 -7.56 -1.46 -12.04
N GLY A 64 -7.39 -0.16 -11.81
CA GLY A 64 -8.44 0.64 -11.21
C GLY A 64 -8.83 1.82 -12.07
N THR A 65 -9.50 2.80 -11.47
CA THR A 65 -9.93 3.99 -12.18
C THR A 65 -8.79 5.00 -12.31
N THR A 66 -7.92 5.02 -11.32
CA THR A 66 -6.78 5.94 -11.32
C THR A 66 -5.98 5.82 -12.61
N PHE A 67 -5.60 4.60 -12.97
CA PHE A 67 -4.84 4.36 -14.18
C PHE A 67 -5.70 4.61 -15.42
N ARG A 68 -6.98 4.26 -15.33
CA ARG A 68 -7.89 4.45 -16.45
C ARG A 68 -8.18 5.93 -16.67
N LYS A 69 -7.83 6.75 -15.69
CA LYS A 69 -8.05 8.19 -15.77
C LYS A 69 -7.29 8.79 -16.95
N LEU A 70 -6.00 8.51 -17.01
CA LEU A 70 -5.15 9.01 -18.09
C LEU A 70 -5.49 8.33 -19.42
N PRO A 71 -5.13 8.99 -20.53
CA PRO A 71 -5.37 8.45 -21.87
C PRO A 71 -4.51 7.24 -22.18
N GLU A 72 -4.63 6.73 -23.41
CA GLU A 72 -3.86 5.57 -23.83
C GLU A 72 -2.38 5.91 -23.99
N ASP A 73 -2.11 7.13 -24.48
CA ASP A 73 -0.74 7.58 -24.67
C ASP A 73 -0.01 7.71 -23.34
N VAL A 74 -0.63 8.44 -22.40
CA VAL A 74 -0.04 8.64 -21.08
C VAL A 74 0.04 7.31 -20.31
N ARG A 75 -1.03 6.54 -20.36
CA ARG A 75 -1.09 5.27 -19.66
C ARG A 75 0.12 4.40 -20.03
N SER A 76 0.61 4.57 -21.25
CA SER A 76 1.76 3.81 -21.72
C SER A 76 3.05 4.62 -21.60
N ASN A 77 2.90 5.94 -21.52
CA ASN A 77 4.05 6.83 -21.41
C ASN A 77 4.23 7.29 -19.96
N VAL A 78 4.08 6.36 -19.03
CA VAL A 78 4.23 6.68 -17.61
C VAL A 78 5.69 6.88 -17.23
N ASP A 79 5.95 7.89 -16.42
CA ASP A 79 7.32 8.20 -15.99
C ASP A 79 7.39 8.35 -14.48
N ALA A 80 8.60 8.31 -13.94
CA ALA A 80 8.80 8.45 -12.50
C ALA A 80 8.23 9.77 -11.99
N ALA A 81 8.57 10.86 -12.66
CA ALA A 81 8.09 12.18 -12.29
C ALA A 81 6.57 12.19 -12.12
N SER A 82 5.87 11.83 -13.19
CA SER A 82 4.41 11.80 -13.16
C SER A 82 3.90 10.95 -12.01
N ALA A 83 4.41 9.72 -11.92
CA ALA A 83 4.01 8.80 -10.86
C ALA A 83 4.17 9.45 -9.49
N ARG A 84 5.38 9.92 -9.19
CA ARG A 84 5.65 10.56 -7.91
C ARG A 84 4.65 11.67 -7.62
N GLU A 85 4.35 12.47 -8.64
CA GLU A 85 3.41 13.57 -8.50
C GLU A 85 2.01 13.04 -8.21
N LEU A 86 1.68 11.89 -8.78
CA LEU A 86 0.37 11.28 -8.59
C LEU A 86 0.22 10.75 -7.16
N MET A 87 1.31 10.22 -6.62
CA MET A 87 1.30 9.69 -5.26
C MET A 87 1.23 10.82 -4.24
N LEU A 88 2.01 11.87 -4.46
CA LEU A 88 2.04 13.01 -3.56
C LEU A 88 0.74 13.80 -3.63
N ALA A 89 0.17 13.87 -4.83
CA ALA A 89 -1.08 14.60 -5.03
C ALA A 89 -2.28 13.77 -4.56
N GLN A 90 -2.32 12.50 -4.97
CA GLN A 90 -3.41 11.61 -4.58
C GLN A 90 -2.87 10.24 -4.17
N PRO A 91 -2.32 10.17 -2.95
CA PRO A 91 -1.77 8.93 -2.40
C PRO A 91 -2.84 7.90 -2.10
N SER A 92 -4.10 8.31 -2.19
CA SER A 92 -5.23 7.43 -1.91
C SER A 92 -5.27 6.28 -2.91
N MET A 93 -4.56 6.44 -4.02
CA MET A 93 -4.51 5.42 -5.06
C MET A 93 -3.36 4.46 -4.82
N VAL A 94 -2.43 4.84 -3.95
CA VAL A 94 -1.28 3.99 -3.63
C VAL A 94 -1.72 2.59 -3.26
N LYS A 95 -0.91 1.61 -3.65
CA LYS A 95 -1.20 0.20 -3.37
C LYS A 95 -1.53 0.01 -1.89
N ARG A 96 -2.31 -1.02 -1.59
CA ARG A 96 -2.70 -1.32 -0.21
C ARG A 96 -3.41 -2.66 -0.13
N PRO A 97 -3.36 -3.28 1.06
CA PRO A 97 -2.68 -2.71 2.23
C PRO A 97 -1.17 -2.70 2.07
N VAL A 98 -0.48 -2.00 2.97
CA VAL A 98 0.97 -1.92 2.93
C VAL A 98 1.58 -2.29 4.27
N LEU A 99 2.61 -3.13 4.24
CA LEU A 99 3.28 -3.57 5.46
C LEU A 99 4.67 -2.95 5.56
N GLU A 100 4.95 -2.31 6.68
CA GLU A 100 6.25 -1.68 6.91
C GLU A 100 7.00 -2.37 8.04
N ARG A 101 8.19 -2.88 7.73
CA ARG A 101 9.01 -3.57 8.70
C ARG A 101 10.50 -3.31 8.46
N ASP A 102 11.13 -2.59 9.37
CA ASP A 102 12.54 -2.26 9.25
C ASP A 102 12.82 -1.48 7.97
N GLY A 103 11.84 -0.68 7.55
CA GLY A 103 11.99 0.11 6.34
C GLY A 103 11.44 -0.60 5.11
N LYS A 104 11.76 -1.88 4.98
CA LYS A 104 11.29 -2.66 3.85
C LYS A 104 9.77 -2.64 3.75
N LEU A 105 9.26 -2.21 2.59
CA LEU A 105 7.83 -2.14 2.37
C LEU A 105 7.33 -3.36 1.60
N MET A 106 6.13 -3.83 1.95
CA MET A 106 5.54 -4.99 1.28
C MET A 106 4.12 -4.69 0.84
N VAL A 107 3.69 -5.33 -0.24
CA VAL A 107 2.34 -5.14 -0.75
C VAL A 107 1.38 -6.17 -0.18
N GLY A 108 0.15 -5.74 0.10
CA GLY A 108 -0.85 -6.64 0.64
C GLY A 108 -1.18 -7.79 -0.29
N PHE A 109 -1.49 -8.94 0.29
CA PHE A 109 -1.83 -10.12 -0.51
C PHE A 109 -3.26 -10.57 -0.24
N LYS A 110 -3.84 -11.27 -1.20
CA LYS A 110 -5.21 -11.76 -1.06
C LYS A 110 -5.32 -12.76 0.09
N PRO A 111 -6.55 -12.96 0.56
CA PRO A 111 -6.83 -13.90 1.67
C PRO A 111 -6.63 -15.34 1.27
N ALA A 112 -7.20 -15.73 0.13
CA ALA A 112 -7.08 -17.09 -0.36
C ALA A 112 -5.62 -17.47 -0.58
N GLN A 113 -4.84 -16.52 -1.08
CA GLN A 113 -3.43 -16.77 -1.34
C GLN A 113 -2.65 -16.86 -0.03
N TYR A 114 -2.85 -15.88 0.84
CA TYR A 114 -2.16 -15.86 2.13
C TYR A 114 -2.38 -17.16 2.89
N GLU A 115 -3.62 -17.64 2.87
CA GLU A 115 -3.96 -18.88 3.56
C GLU A 115 -3.34 -20.08 2.86
N ALA A 116 -3.55 -20.18 1.55
CA ALA A 116 -3.01 -21.27 0.76
C ALA A 116 -1.49 -21.33 0.85
N TYR A 117 -0.89 -20.17 1.13
CA TYR A 117 0.57 -20.09 1.24
C TYR A 117 1.04 -20.51 2.63
N PHE A 118 0.56 -19.80 3.64
CA PHE A 118 0.93 -20.10 5.03
C PHE A 118 0.52 -21.52 5.41
N LYS A 119 -0.50 -22.03 4.72
CA LYS A 119 -0.99 -23.38 4.98
C LYS A 119 0.13 -24.41 4.81
N LEU A 120 0.05 -25.50 5.57
CA LEU A 120 1.05 -26.55 5.50
C LEU A 120 0.63 -27.64 4.53
N GLY A 1 -3.40 -4.62 20.89
CA GLY A 1 -3.48 -6.04 21.13
C GLY A 1 -2.16 -6.63 21.60
N PRO A 2 -2.15 -7.95 21.88
CA PRO A 2 -0.96 -8.64 22.35
C PRO A 2 0.10 -8.77 21.26
N GLY A 3 1.24 -9.35 21.62
CA GLY A 3 2.32 -9.53 20.66
C GLY A 3 3.24 -8.32 20.60
N SER A 4 4.47 -8.49 21.08
CA SER A 4 5.44 -7.41 21.08
C SER A 4 5.66 -6.87 19.67
N MET A 5 5.46 -7.73 18.67
CA MET A 5 5.63 -7.35 17.28
C MET A 5 4.48 -6.49 16.80
N SER A 6 4.62 -5.17 16.98
CA SER A 6 3.58 -4.23 16.57
C SER A 6 4.00 -3.47 15.31
N VAL A 7 3.58 -3.99 14.16
CA VAL A 7 3.91 -3.36 12.87
C VAL A 7 2.88 -2.29 12.51
N THR A 8 3.14 -1.58 11.42
CA THR A 8 2.24 -0.53 10.96
C THR A 8 1.76 -0.80 9.54
N ILE A 9 0.45 -0.69 9.34
CA ILE A 9 -0.14 -0.91 8.02
C ILE A 9 -0.74 0.37 7.46
N TYR A 10 -0.51 0.60 6.17
CA TYR A 10 -1.04 1.80 5.51
C TYR A 10 -2.16 1.44 4.54
N GLY A 11 -3.21 2.26 4.52
CA GLY A 11 -4.33 2.01 3.64
C GLY A 11 -5.21 3.23 3.45
N ILE A 12 -6.38 3.03 2.85
CA ILE A 12 -7.30 4.13 2.62
C ILE A 12 -8.71 3.76 3.09
N LYS A 13 -9.63 4.72 2.99
CA LYS A 13 -11.01 4.50 3.40
C LYS A 13 -11.93 4.41 2.19
N ASN A 14 -13.20 4.11 2.45
CA ASN A 14 -14.19 4.00 1.38
C ASN A 14 -13.85 2.84 0.44
N CYS A 15 -13.14 1.85 0.98
CA CYS A 15 -12.74 0.68 0.19
C CYS A 15 -13.29 -0.59 0.82
N ASP A 16 -12.94 -1.73 0.23
CA ASP A 16 -13.38 -3.03 0.73
C ASP A 16 -12.20 -3.91 1.10
N THR A 17 -11.10 -3.76 0.35
CA THR A 17 -9.90 -4.55 0.59
C THR A 17 -9.48 -4.47 2.05
N MET A 18 -9.38 -3.25 2.57
CA MET A 18 -8.98 -3.04 3.96
C MET A 18 -9.85 -3.86 4.90
N LYS A 19 -11.11 -4.06 4.52
CA LYS A 19 -12.05 -4.82 5.33
C LYS A 19 -11.56 -6.25 5.53
N LYS A 20 -11.22 -6.91 4.42
CA LYS A 20 -10.74 -8.29 4.47
C LYS A 20 -9.39 -8.37 5.18
N ALA A 21 -8.51 -7.42 4.86
CA ALA A 21 -7.19 -7.38 5.47
C ALA A 21 -7.29 -7.20 6.98
N ARG A 22 -8.10 -6.24 7.41
CA ARG A 22 -8.29 -5.97 8.83
C ARG A 22 -8.88 -7.18 9.55
N ILE A 23 -9.95 -7.73 8.99
CA ILE A 23 -10.61 -8.89 9.57
C ILE A 23 -9.65 -10.08 9.67
N TRP A 24 -8.78 -10.21 8.67
CA TRP A 24 -7.81 -11.29 8.65
C TRP A 24 -6.76 -11.11 9.74
N LEU A 25 -6.17 -9.93 9.80
CA LEU A 25 -5.16 -9.64 10.80
C LEU A 25 -5.70 -9.85 12.21
N GLU A 26 -6.89 -9.31 12.47
CA GLU A 26 -7.52 -9.44 13.78
C GLU A 26 -7.94 -10.88 14.04
N ASP A 27 -8.35 -11.57 12.98
CA ASP A 27 -8.77 -12.97 13.09
C ASP A 27 -7.62 -13.84 13.59
N HIS A 28 -6.45 -13.66 13.00
CA HIS A 28 -5.28 -14.44 13.38
C HIS A 28 -4.74 -13.99 14.74
N GLY A 29 -5.17 -12.81 15.17
CA GLY A 29 -4.72 -12.28 16.45
C GLY A 29 -3.36 -11.62 16.37
N ILE A 30 -3.15 -10.84 15.31
CA ILE A 30 -1.88 -10.16 15.11
C ILE A 30 -2.03 -8.66 15.37
N ASP A 31 -1.02 -8.06 16.00
CA ASP A 31 -1.03 -6.64 16.30
C ASP A 31 -0.63 -5.82 15.07
N TYR A 32 -1.56 -5.03 14.57
CA TYR A 32 -1.32 -4.20 13.40
C TYR A 32 -1.88 -2.80 13.59
N THR A 33 -1.04 -1.79 13.37
CA THR A 33 -1.45 -0.40 13.52
C THR A 33 -2.05 0.14 12.22
N PHE A 34 -3.33 0.50 12.28
CA PHE A 34 -4.03 1.03 11.11
C PHE A 34 -3.63 2.48 10.85
N HIS A 35 -3.11 2.75 9.66
CA HIS A 35 -2.68 4.10 9.29
C HIS A 35 -3.31 4.53 7.97
N ASP A 36 -4.09 5.61 8.00
CA ASP A 36 -4.74 6.12 6.81
C ASP A 36 -3.80 6.99 5.99
N TYR A 37 -3.89 6.89 4.67
CA TYR A 37 -3.04 7.67 3.78
C TYR A 37 -3.18 9.17 4.07
N LYS A 38 -4.35 9.56 4.54
CA LYS A 38 -4.61 10.97 4.86
C LYS A 38 -4.31 11.26 6.33
N LYS A 39 -4.94 10.48 7.21
CA LYS A 39 -4.75 10.66 8.65
C LYS A 39 -3.26 10.60 9.00
N GLU A 40 -2.49 9.88 8.19
CA GLU A 40 -1.06 9.75 8.42
C GLU A 40 -0.28 10.78 7.61
N GLY A 41 -0.80 11.11 6.43
CA GLY A 41 -0.13 12.08 5.57
C GLY A 41 1.04 11.49 4.83
N LEU A 42 1.46 12.15 3.75
CA LEU A 42 2.58 11.68 2.96
C LEU A 42 3.44 12.85 2.49
N ASP A 43 4.73 12.80 2.83
CA ASP A 43 5.67 13.85 2.44
C ASP A 43 6.62 13.36 1.36
N ALA A 44 7.27 14.29 0.68
CA ALA A 44 8.21 13.96 -0.37
C ALA A 44 9.26 12.98 0.12
N GLU A 45 9.82 13.25 1.30
CA GLU A 45 10.84 12.39 1.89
C GLU A 45 10.37 10.94 1.93
N THR A 46 9.17 10.73 2.45
CA THR A 46 8.60 9.39 2.55
C THR A 46 8.42 8.76 1.18
N LEU A 47 7.79 9.50 0.27
CA LEU A 47 7.56 9.01 -1.09
C LEU A 47 8.87 8.60 -1.74
N ASP A 48 9.83 9.51 -1.78
CA ASP A 48 11.13 9.25 -2.38
C ASP A 48 11.75 7.98 -1.78
N ARG A 49 11.80 7.93 -0.45
CA ARG A 49 12.38 6.79 0.24
C ARG A 49 11.68 5.49 -0.17
N PHE A 50 10.37 5.58 -0.38
CA PHE A 50 9.58 4.41 -0.78
C PHE A 50 9.86 4.04 -2.22
N LEU A 51 10.01 5.05 -3.08
CA LEU A 51 10.29 4.82 -4.48
C LEU A 51 11.67 4.19 -4.68
N LYS A 52 12.60 4.55 -3.81
CA LYS A 52 13.96 4.02 -3.89
C LYS A 52 14.00 2.56 -3.47
N THR A 53 13.03 2.16 -2.64
CA THR A 53 12.95 0.78 -2.17
C THR A 53 12.06 -0.06 -3.08
N VAL A 54 11.03 0.57 -3.66
CA VAL A 54 10.12 -0.12 -4.55
C VAL A 54 9.71 0.77 -5.71
N PRO A 55 9.75 0.20 -6.93
CA PRO A 55 9.39 0.93 -8.16
C PRO A 55 7.89 1.22 -8.24
N TRP A 56 7.55 2.37 -8.79
CA TRP A 56 6.15 2.77 -8.93
C TRP A 56 5.36 1.72 -9.70
N GLU A 57 6.06 0.95 -10.53
CA GLU A 57 5.42 -0.09 -11.32
C GLU A 57 4.70 -1.10 -10.43
N GLN A 58 5.26 -1.32 -9.24
CA GLN A 58 4.68 -2.26 -8.29
C GLN A 58 4.37 -1.57 -6.97
N LEU A 59 4.19 -0.26 -7.01
CA LEU A 59 3.89 0.52 -5.82
C LEU A 59 2.51 1.15 -5.92
N LEU A 60 1.98 1.22 -7.13
CA LEU A 60 0.66 1.81 -7.35
C LEU A 60 -0.18 0.92 -8.28
N ASN A 61 -1.49 0.95 -8.08
CA ASN A 61 -2.40 0.15 -8.88
C ASN A 61 -2.16 0.38 -10.37
N ARG A 62 -2.30 -0.68 -11.16
CA ARG A 62 -2.09 -0.60 -12.59
C ARG A 62 -3.41 -0.79 -13.35
N ALA A 63 -4.15 -1.81 -12.97
CA ALA A 63 -5.43 -2.10 -13.61
C ALA A 63 -6.60 -1.64 -12.74
N GLY A 64 -6.35 -0.62 -11.91
CA GLY A 64 -7.38 -0.10 -11.05
C GLY A 64 -8.10 1.09 -11.64
N THR A 65 -9.30 1.37 -11.13
CA THR A 65 -10.10 2.49 -11.62
C THR A 65 -9.27 3.79 -11.63
N THR A 66 -8.38 3.92 -10.65
CA THR A 66 -7.54 5.11 -10.54
C THR A 66 -6.73 5.32 -11.81
N PHE A 67 -6.17 4.23 -12.34
CA PHE A 67 -5.36 4.30 -13.55
C PHE A 67 -6.24 4.45 -14.78
N ARG A 68 -7.41 3.82 -14.75
CA ARG A 68 -8.35 3.87 -15.87
C ARG A 68 -8.99 5.26 -15.96
N LYS A 69 -8.96 5.99 -14.85
CA LYS A 69 -9.54 7.33 -14.81
C LYS A 69 -8.86 8.25 -15.81
N LEU A 70 -7.61 7.94 -16.15
CA LEU A 70 -6.84 8.74 -17.09
C LEU A 70 -7.07 8.24 -18.52
N PRO A 71 -6.82 9.13 -19.49
CA PRO A 71 -6.98 8.82 -20.92
C PRO A 71 -5.93 7.82 -21.41
N GLU A 72 -6.02 7.46 -22.69
CA GLU A 72 -5.09 6.52 -23.28
C GLU A 72 -3.72 7.16 -23.46
N ASP A 73 -3.70 8.44 -23.78
CA ASP A 73 -2.45 9.18 -23.97
C ASP A 73 -1.69 9.31 -22.65
N VAL A 74 -2.38 9.80 -21.63
CA VAL A 74 -1.77 9.97 -20.31
C VAL A 74 -1.40 8.63 -19.70
N ARG A 75 -2.19 7.61 -19.99
CA ARG A 75 -1.94 6.27 -19.46
C ARG A 75 -0.68 5.67 -20.06
N SER A 76 -0.32 6.14 -21.25
CA SER A 76 0.86 5.65 -21.94
C SER A 76 2.05 6.60 -21.74
N ASN A 77 1.73 7.86 -21.44
CA ASN A 77 2.77 8.87 -21.22
C ASN A 77 3.11 8.98 -19.74
N VAL A 78 3.23 7.83 -19.08
CA VAL A 78 3.56 7.80 -17.66
C VAL A 78 5.06 7.75 -17.44
N ASP A 79 5.56 8.56 -16.52
CA ASP A 79 6.98 8.61 -16.22
C ASP A 79 7.22 8.49 -14.72
N ALA A 80 8.48 8.32 -14.34
CA ALA A 80 8.85 8.19 -12.93
C ALA A 80 8.55 9.48 -12.17
N ALA A 81 9.07 10.59 -12.69
CA ALA A 81 8.87 11.88 -12.05
C ALA A 81 7.38 12.18 -11.87
N SER A 82 6.64 12.18 -12.98
CA SER A 82 5.21 12.45 -12.94
C SER A 82 4.50 11.53 -11.95
N ALA A 83 4.75 10.22 -12.09
CA ALA A 83 4.14 9.23 -11.21
C ALA A 83 4.46 9.53 -9.75
N ARG A 84 5.72 9.81 -9.47
CA ARG A 84 6.17 10.11 -8.11
C ARG A 84 5.38 11.29 -7.54
N GLU A 85 5.22 12.33 -8.35
CA GLU A 85 4.49 13.52 -7.92
C GLU A 85 3.03 13.20 -7.65
N LEU A 86 2.40 12.48 -8.58
CA LEU A 86 1.00 12.11 -8.43
C LEU A 86 0.76 11.37 -7.12
N MET A 87 1.60 10.37 -6.85
CA MET A 87 1.48 9.60 -5.62
C MET A 87 1.89 10.42 -4.40
N LEU A 88 2.84 11.32 -4.60
CA LEU A 88 3.33 12.18 -3.53
C LEU A 88 2.20 13.01 -2.95
N ALA A 89 1.52 13.76 -3.81
CA ALA A 89 0.41 14.61 -3.38
C ALA A 89 -0.87 13.80 -3.21
N GLN A 90 -0.94 12.67 -3.92
CA GLN A 90 -2.12 11.80 -3.85
C GLN A 90 -1.70 10.34 -3.67
N PRO A 91 -1.25 10.00 -2.45
CA PRO A 91 -0.82 8.65 -2.13
C PRO A 91 -1.98 7.66 -2.09
N SER A 92 -3.19 8.18 -2.17
CA SER A 92 -4.39 7.35 -2.14
C SER A 92 -4.36 6.32 -3.27
N MET A 93 -3.62 6.63 -4.33
CA MET A 93 -3.50 5.73 -5.47
C MET A 93 -2.50 4.61 -5.19
N VAL A 94 -1.63 4.84 -4.21
CA VAL A 94 -0.63 3.85 -3.84
C VAL A 94 -1.27 2.51 -3.48
N LYS A 95 -0.62 1.43 -3.86
CA LYS A 95 -1.13 0.09 -3.57
C LYS A 95 -1.45 -0.06 -2.10
N ARG A 96 -2.25 -1.09 -1.77
CA ARG A 96 -2.64 -1.34 -0.39
C ARG A 96 -3.43 -2.63 -0.27
N PRO A 97 -3.48 -3.20 0.94
CA PRO A 97 -2.82 -2.61 2.11
C PRO A 97 -1.30 -2.70 2.03
N VAL A 98 -0.63 -1.77 2.69
CA VAL A 98 0.84 -1.75 2.70
C VAL A 98 1.39 -2.01 4.09
N LEU A 99 2.49 -2.75 4.16
CA LEU A 99 3.12 -3.06 5.44
C LEU A 99 4.48 -2.39 5.56
N GLU A 100 4.65 -1.59 6.60
CA GLU A 100 5.92 -0.90 6.82
C GLU A 100 6.65 -1.48 8.02
N ARG A 101 7.84 -2.02 7.79
CA ARG A 101 8.64 -2.61 8.85
C ARG A 101 10.09 -2.13 8.77
N ASP A 102 10.49 -1.31 9.73
CA ASP A 102 11.85 -0.78 9.77
C ASP A 102 12.20 -0.10 8.44
N GLY A 103 11.19 0.43 7.77
CA GLY A 103 11.41 1.10 6.50
C GLY A 103 10.97 0.28 5.32
N LYS A 104 11.27 -1.02 5.35
CA LYS A 104 10.90 -1.91 4.27
C LYS A 104 9.40 -1.86 4.01
N LEU A 105 9.02 -1.79 2.74
CA LEU A 105 7.62 -1.73 2.37
C LEU A 105 7.17 -3.04 1.73
N MET A 106 5.99 -3.50 2.10
CA MET A 106 5.45 -4.75 1.56
C MET A 106 4.00 -4.56 1.11
N VAL A 107 3.64 -5.21 0.01
CA VAL A 107 2.30 -5.12 -0.54
C VAL A 107 1.42 -6.25 -0.01
N GLY A 108 0.15 -5.93 0.26
CA GLY A 108 -0.78 -6.93 0.76
C GLY A 108 -1.00 -8.07 -0.22
N PHE A 109 -1.56 -9.16 0.26
CA PHE A 109 -1.82 -10.33 -0.58
C PHE A 109 -3.21 -10.89 -0.30
N LYS A 110 -3.77 -11.58 -1.29
CA LYS A 110 -5.10 -12.18 -1.16
C LYS A 110 -5.17 -13.05 0.09
N PRO A 111 -6.41 -13.33 0.54
CA PRO A 111 -6.64 -14.16 1.73
C PRO A 111 -6.29 -15.63 1.48
N ALA A 112 -6.78 -16.18 0.38
CA ALA A 112 -6.51 -17.57 0.03
C ALA A 112 -5.02 -17.83 -0.10
N GLN A 113 -4.30 -16.87 -0.68
CA GLN A 113 -2.85 -16.99 -0.86
C GLN A 113 -2.13 -16.87 0.48
N TYR A 114 -2.47 -15.85 1.25
CA TYR A 114 -1.85 -15.63 2.55
C TYR A 114 -1.98 -16.86 3.44
N GLU A 115 -3.16 -17.48 3.42
CA GLU A 115 -3.43 -18.66 4.22
C GLU A 115 -2.66 -19.87 3.67
N ALA A 116 -2.78 -20.10 2.37
CA ALA A 116 -2.10 -21.22 1.72
C ALA A 116 -0.60 -21.12 1.91
N TYR A 117 -0.09 -19.88 1.98
CA TYR A 117 1.34 -19.65 2.16
C TYR A 117 1.74 -19.78 3.62
N PHE A 118 0.86 -19.33 4.51
CA PHE A 118 1.12 -19.40 5.94
C PHE A 118 0.40 -20.58 6.57
N LYS A 119 0.17 -21.62 5.78
CA LYS A 119 -0.50 -22.82 6.26
C LYS A 119 0.39 -23.60 7.22
N LEU A 120 -0.21 -24.47 8.01
CA LEU A 120 0.53 -25.28 8.97
C LEU A 120 1.51 -26.20 8.27
N GLY A 1 11.29 -11.93 20.82
CA GLY A 1 9.92 -11.55 21.09
C GLY A 1 9.59 -10.16 20.56
N PRO A 2 8.30 -9.84 20.49
CA PRO A 2 7.82 -8.54 20.00
C PRO A 2 8.15 -7.40 20.96
N GLY A 3 7.62 -6.22 20.68
CA GLY A 3 7.88 -5.07 21.53
C GLY A 3 8.96 -4.16 20.98
N SER A 4 10.11 -4.76 20.67
CA SER A 4 11.24 -4.00 20.14
C SER A 4 10.89 -3.35 18.81
N MET A 5 10.37 -4.16 17.89
CA MET A 5 9.98 -3.66 16.57
C MET A 5 8.48 -3.38 16.51
N SER A 6 8.05 -2.71 15.45
CA SER A 6 6.63 -2.38 15.28
C SER A 6 6.20 -2.58 13.83
N VAL A 7 4.90 -2.82 13.64
CA VAL A 7 4.35 -3.03 12.31
C VAL A 7 3.23 -2.06 12.02
N THR A 8 3.37 -1.30 10.93
CA THR A 8 2.37 -0.32 10.53
C THR A 8 1.81 -0.63 9.15
N ILE A 9 0.50 -0.48 9.00
CA ILE A 9 -0.16 -0.74 7.74
C ILE A 9 -0.75 0.53 7.14
N TYR A 10 -0.58 0.71 5.83
CA TYR A 10 -1.09 1.89 5.15
C TYR A 10 -2.31 1.54 4.30
N GLY A 11 -3.35 2.36 4.42
CA GLY A 11 -4.57 2.12 3.65
C GLY A 11 -5.41 3.38 3.49
N ILE A 12 -6.63 3.20 3.00
CA ILE A 12 -7.53 4.33 2.81
C ILE A 12 -8.94 4.00 3.29
N LYS A 13 -9.82 5.00 3.27
CA LYS A 13 -11.20 4.81 3.70
C LYS A 13 -12.15 4.81 2.51
N ASN A 14 -11.68 4.25 1.39
CA ASN A 14 -12.49 4.17 0.19
C ASN A 14 -12.27 2.85 -0.55
N CYS A 15 -12.27 1.76 0.21
CA CYS A 15 -12.06 0.43 -0.37
C CYS A 15 -12.69 -0.64 0.50
N ASP A 16 -12.81 -1.85 -0.04
CA ASP A 16 -13.39 -2.97 0.69
C ASP A 16 -12.30 -3.91 1.20
N THR A 17 -11.24 -4.04 0.41
CA THR A 17 -10.13 -4.92 0.79
C THR A 17 -9.63 -4.61 2.19
N MET A 18 -9.63 -3.33 2.55
CA MET A 18 -9.18 -2.91 3.87
C MET A 18 -9.90 -3.69 4.97
N LYS A 19 -11.21 -3.88 4.79
CA LYS A 19 -12.02 -4.60 5.76
C LYS A 19 -11.47 -6.00 5.98
N LYS A 20 -11.25 -6.73 4.89
CA LYS A 20 -10.73 -8.08 4.97
C LYS A 20 -9.37 -8.11 5.65
N ALA A 21 -8.51 -7.15 5.29
CA ALA A 21 -7.18 -7.05 5.87
C ALA A 21 -7.26 -6.91 7.39
N ARG A 22 -8.05 -5.96 7.86
CA ARG A 22 -8.21 -5.73 9.28
C ARG A 22 -8.74 -6.98 9.99
N ILE A 23 -9.79 -7.56 9.43
CA ILE A 23 -10.40 -8.76 10.00
C ILE A 23 -9.38 -9.89 10.10
N TRP A 24 -8.50 -9.98 9.11
CA TRP A 24 -7.47 -11.01 9.08
C TRP A 24 -6.46 -10.80 10.20
N LEU A 25 -5.85 -9.62 10.22
CA LEU A 25 -4.86 -9.30 11.24
C LEU A 25 -5.47 -9.37 12.64
N GLU A 26 -6.71 -8.91 12.76
CA GLU A 26 -7.41 -8.92 14.04
C GLU A 26 -7.74 -10.35 14.47
N ASP A 27 -8.26 -11.13 13.53
CA ASP A 27 -8.62 -12.52 13.79
C ASP A 27 -7.41 -13.31 14.28
N HIS A 28 -6.28 -13.12 13.60
CA HIS A 28 -5.05 -13.83 13.96
C HIS A 28 -4.55 -13.38 15.33
N GLY A 29 -5.05 -12.24 15.81
CA GLY A 29 -4.65 -11.72 17.09
C GLY A 29 -3.32 -10.99 17.03
N ILE A 30 -3.10 -10.25 15.95
CA ILE A 30 -1.86 -9.50 15.77
C ILE A 30 -2.11 -8.01 15.95
N ASP A 31 -1.11 -7.32 16.50
CA ASP A 31 -1.20 -5.88 16.71
C ASP A 31 -0.61 -5.11 15.54
N TYR A 32 -1.49 -4.51 14.73
CA TYR A 32 -1.06 -3.75 13.57
C TYR A 32 -1.51 -2.30 13.67
N THR A 33 -0.60 -1.37 13.38
CA THR A 33 -0.91 0.05 13.44
C THR A 33 -1.60 0.52 12.16
N PHE A 34 -2.89 0.86 12.28
CA PHE A 34 -3.66 1.31 11.13
C PHE A 34 -3.33 2.77 10.81
N HIS A 35 -2.87 2.99 9.58
CA HIS A 35 -2.51 4.33 9.13
C HIS A 35 -3.18 4.66 7.80
N ASP A 36 -3.94 5.75 7.79
CA ASP A 36 -4.64 6.17 6.58
C ASP A 36 -3.74 7.05 5.71
N TYR A 37 -3.99 7.02 4.40
CA TYR A 37 -3.19 7.80 3.47
C TYR A 37 -3.20 9.28 3.85
N LYS A 38 -4.28 9.72 4.49
CA LYS A 38 -4.42 11.10 4.92
C LYS A 38 -3.88 11.29 6.34
N LYS A 39 -4.35 10.45 7.25
CA LYS A 39 -3.92 10.51 8.65
C LYS A 39 -2.40 10.44 8.75
N GLU A 40 -1.81 9.50 8.04
CA GLU A 40 -0.35 9.33 8.05
C GLU A 40 0.33 10.50 7.36
N GLY A 41 -0.38 11.13 6.44
CA GLY A 41 0.17 12.26 5.71
C GLY A 41 1.38 11.88 4.88
N LEU A 42 1.16 11.62 3.59
CA LEU A 42 2.25 11.24 2.69
C LEU A 42 3.05 12.46 2.26
N ASP A 43 4.36 12.39 2.45
CA ASP A 43 5.25 13.49 2.08
C ASP A 43 6.23 13.06 0.99
N ALA A 44 6.93 14.03 0.41
CA ALA A 44 7.90 13.74 -0.65
C ALA A 44 8.97 12.78 -0.16
N GLU A 45 9.44 12.99 1.07
CA GLU A 45 10.48 12.14 1.65
C GLU A 45 10.05 10.68 1.64
N THR A 46 8.84 10.42 2.14
CA THR A 46 8.32 9.06 2.18
C THR A 46 8.15 8.49 0.77
N LEU A 47 7.47 9.24 -0.08
CA LEU A 47 7.25 8.81 -1.47
C LEU A 47 8.56 8.45 -2.15
N ASP A 48 9.54 9.35 -2.05
CA ASP A 48 10.85 9.14 -2.65
C ASP A 48 11.48 7.86 -2.12
N ARG A 49 11.52 7.72 -0.80
CA ARG A 49 12.11 6.56 -0.16
C ARG A 49 11.46 5.27 -0.67
N PHE A 50 10.14 5.32 -0.86
CA PHE A 50 9.39 4.16 -1.34
C PHE A 50 9.69 3.90 -2.81
N LEU A 51 9.94 4.98 -3.56
CA LEU A 51 10.23 4.87 -4.98
C LEU A 51 11.60 4.23 -5.21
N LYS A 52 12.55 4.57 -4.35
CA LYS A 52 13.90 4.03 -4.45
C LYS A 52 13.94 2.56 -4.03
N THR A 53 13.26 2.25 -2.93
CA THR A 53 13.22 0.89 -2.42
C THR A 53 12.30 0.02 -3.27
N VAL A 54 11.31 0.64 -3.91
CA VAL A 54 10.37 -0.07 -4.75
C VAL A 54 9.91 0.80 -5.92
N PRO A 55 9.92 0.21 -7.13
CA PRO A 55 9.51 0.91 -8.35
C PRO A 55 8.00 1.19 -8.38
N TRP A 56 7.64 2.39 -8.82
CA TRP A 56 6.24 2.77 -8.90
C TRP A 56 5.43 1.76 -9.71
N GLU A 57 6.11 1.09 -10.65
CA GLU A 57 5.45 0.09 -11.48
C GLU A 57 4.70 -0.93 -10.63
N GLN A 58 5.26 -1.26 -9.47
CA GLN A 58 4.65 -2.22 -8.56
C GLN A 58 4.32 -1.57 -7.23
N LEU A 59 4.05 -0.27 -7.25
CA LEU A 59 3.72 0.46 -6.04
C LEU A 59 2.31 1.04 -6.13
N LEU A 60 1.74 1.03 -7.33
CA LEU A 60 0.40 1.55 -7.54
C LEU A 60 -0.44 0.59 -8.38
N ASN A 61 -1.74 0.59 -8.14
CA ASN A 61 -2.65 -0.29 -8.88
C ASN A 61 -2.47 -0.13 -10.38
N ARG A 62 -2.60 -1.23 -11.11
CA ARG A 62 -2.45 -1.20 -12.56
C ARG A 62 -3.80 -1.38 -13.25
N ALA A 63 -4.51 -2.44 -12.88
CA ALA A 63 -5.82 -2.73 -13.46
C ALA A 63 -6.92 -1.98 -12.72
N GLY A 64 -6.63 -1.59 -11.48
CA GLY A 64 -7.62 -0.88 -10.69
C GLY A 64 -8.20 0.31 -11.41
N THR A 65 -9.45 0.64 -11.11
CA THR A 65 -10.12 1.77 -11.75
C THR A 65 -9.30 3.05 -11.61
N THR A 66 -8.58 3.16 -10.50
CA THR A 66 -7.76 4.33 -10.25
C THR A 66 -6.80 4.59 -11.41
N PHE A 67 -6.29 3.53 -12.00
CA PHE A 67 -5.37 3.64 -13.12
C PHE A 67 -6.11 3.95 -14.42
N ARG A 68 -7.31 3.39 -14.54
CA ARG A 68 -8.13 3.60 -15.72
C ARG A 68 -8.78 4.99 -15.70
N LYS A 69 -8.60 5.70 -14.59
CA LYS A 69 -9.15 7.04 -14.44
C LYS A 69 -8.61 7.98 -15.51
N LEU A 70 -7.30 7.93 -15.73
CA LEU A 70 -6.66 8.78 -16.72
C LEU A 70 -6.75 8.15 -18.11
N PRO A 71 -6.63 9.00 -19.15
CA PRO A 71 -6.70 8.55 -20.54
C PRO A 71 -5.47 7.74 -20.94
N GLU A 72 -5.47 7.27 -22.19
CA GLU A 72 -4.35 6.48 -22.70
C GLU A 72 -3.11 7.34 -22.90
N ASP A 73 -3.33 8.59 -23.31
CA ASP A 73 -2.23 9.52 -23.54
C ASP A 73 -1.54 9.88 -22.24
N VAL A 74 -2.33 10.31 -21.25
CA VAL A 74 -1.80 10.70 -19.95
C VAL A 74 -1.18 9.50 -19.24
N ARG A 75 -1.72 8.31 -19.50
CA ARG A 75 -1.23 7.09 -18.89
C ARG A 75 0.00 6.56 -19.64
N SER A 76 0.11 6.92 -20.91
CA SER A 76 1.23 6.49 -21.73
C SER A 76 2.44 7.40 -21.53
N ASN A 77 2.18 8.64 -21.12
CA ASN A 77 3.24 9.61 -20.89
C ASN A 77 3.67 9.62 -19.42
N VAL A 78 3.36 8.53 -18.72
CA VAL A 78 3.72 8.41 -17.31
C VAL A 78 5.21 8.16 -17.14
N ASP A 79 5.84 8.94 -16.27
CA ASP A 79 7.27 8.79 -16.02
C ASP A 79 7.55 8.69 -14.52
N ALA A 80 8.83 8.62 -14.16
CA ALA A 80 9.22 8.53 -12.76
C ALA A 80 8.83 9.78 -12.00
N ALA A 81 9.30 10.93 -12.47
CA ALA A 81 8.99 12.20 -11.82
C ALA A 81 7.49 12.37 -11.62
N SER A 82 6.74 12.31 -12.71
CA SER A 82 5.28 12.46 -12.65
C SER A 82 4.68 11.47 -11.67
N ALA A 83 5.07 10.20 -11.81
CA ALA A 83 4.57 9.15 -10.94
C ALA A 83 4.71 9.53 -9.47
N ARG A 84 5.88 10.04 -9.11
CA ARG A 84 6.16 10.44 -7.73
C ARG A 84 5.29 11.64 -7.34
N GLU A 85 5.11 12.57 -8.28
CA GLU A 85 4.31 13.76 -8.04
C GLU A 85 2.84 13.39 -7.78
N LEU A 86 2.29 12.55 -8.65
CA LEU A 86 0.91 12.12 -8.53
C LEU A 86 0.68 11.36 -7.22
N MET A 87 1.52 10.35 -6.98
CA MET A 87 1.43 9.55 -5.78
C MET A 87 1.65 10.40 -4.53
N LEU A 88 2.49 11.42 -4.67
CA LEU A 88 2.78 12.32 -3.55
C LEU A 88 1.54 13.12 -3.15
N ALA A 89 0.95 13.80 -4.11
CA ALA A 89 -0.24 14.60 -3.87
C ALA A 89 -1.44 13.71 -3.53
N GLN A 90 -1.65 12.68 -4.34
CA GLN A 90 -2.76 11.76 -4.14
C GLN A 90 -2.26 10.33 -3.99
N PRO A 91 -1.74 10.00 -2.78
CA PRO A 91 -1.21 8.66 -2.49
C PRO A 91 -2.31 7.61 -2.41
N SER A 92 -3.56 8.06 -2.46
CA SER A 92 -4.70 7.16 -2.39
C SER A 92 -4.66 6.14 -3.53
N MET A 93 -3.93 6.47 -4.59
CA MET A 93 -3.80 5.59 -5.74
C MET A 93 -2.78 4.50 -5.47
N VAL A 94 -1.91 4.73 -4.49
CA VAL A 94 -0.88 3.75 -4.13
C VAL A 94 -1.50 2.41 -3.77
N LYS A 95 -0.82 1.33 -4.15
CA LYS A 95 -1.30 -0.02 -3.87
C LYS A 95 -1.60 -0.18 -2.38
N ARG A 96 -2.44 -1.15 -2.06
CA ARG A 96 -2.82 -1.42 -0.67
C ARG A 96 -3.62 -2.71 -0.57
N PRO A 97 -3.67 -3.27 0.65
CA PRO A 97 -2.97 -2.71 1.82
C PRO A 97 -1.46 -2.81 1.70
N VAL A 98 -0.76 -1.97 2.45
CA VAL A 98 0.70 -1.97 2.44
C VAL A 98 1.26 -2.23 3.84
N LEU A 99 2.32 -3.02 3.90
CA LEU A 99 2.96 -3.36 5.18
C LEU A 99 4.35 -2.75 5.26
N GLU A 100 4.58 -1.95 6.30
CA GLU A 100 5.88 -1.31 6.49
C GLU A 100 6.55 -1.81 7.77
N ARG A 101 7.68 -2.50 7.61
CA ARG A 101 8.41 -3.03 8.75
C ARG A 101 9.91 -3.10 8.45
N ASP A 102 10.71 -2.54 9.35
CA ASP A 102 12.17 -2.54 9.19
C ASP A 102 12.55 -1.81 7.91
N GLY A 103 11.84 -0.75 7.58
CA GLY A 103 12.13 0.01 6.38
C GLY A 103 11.84 -0.77 5.12
N LYS A 104 10.99 -1.78 5.22
CA LYS A 104 10.63 -2.62 4.09
C LYS A 104 9.13 -2.52 3.79
N LEU A 105 8.80 -2.28 2.53
CA LEU A 105 7.41 -2.17 2.11
C LEU A 105 6.94 -3.44 1.41
N MET A 106 5.76 -3.93 1.79
CA MET A 106 5.20 -5.14 1.20
C MET A 106 3.80 -4.89 0.67
N VAL A 107 3.44 -5.57 -0.42
CA VAL A 107 2.14 -5.43 -1.02
C VAL A 107 1.15 -6.45 -0.46
N GLY A 108 -0.06 -6.00 -0.16
CA GLY A 108 -1.07 -6.88 0.38
C GLY A 108 -1.46 -7.98 -0.59
N PHE A 109 -1.88 -9.12 -0.05
CA PHE A 109 -2.28 -10.26 -0.88
C PHE A 109 -3.65 -10.78 -0.45
N LYS A 110 -4.33 -11.45 -1.38
CA LYS A 110 -5.65 -12.00 -1.12
C LYS A 110 -5.63 -12.85 0.16
N PRO A 111 -6.82 -13.08 0.73
CA PRO A 111 -6.98 -13.88 1.95
C PRO A 111 -6.69 -15.36 1.71
N ALA A 112 -7.30 -15.91 0.67
CA ALA A 112 -7.11 -17.32 0.33
C ALA A 112 -5.64 -17.63 0.10
N GLN A 113 -4.94 -16.73 -0.59
CA GLN A 113 -3.53 -16.91 -0.88
C GLN A 113 -2.70 -16.79 0.38
N TYR A 114 -2.93 -15.73 1.15
CA TYR A 114 -2.19 -15.50 2.38
C TYR A 114 -2.28 -16.71 3.31
N GLU A 115 -3.47 -17.30 3.38
CA GLU A 115 -3.69 -18.46 4.22
C GLU A 115 -2.99 -19.69 3.66
N ALA A 116 -3.21 -19.96 2.38
CA ALA A 116 -2.59 -21.10 1.71
C ALA A 116 -1.07 -21.01 1.77
N TYR A 117 -0.56 -19.79 1.81
CA TYR A 117 0.89 -19.56 1.85
C TYR A 117 1.41 -19.73 3.28
N PHE A 118 0.67 -19.21 4.24
CA PHE A 118 1.06 -19.30 5.65
C PHE A 118 1.27 -20.76 6.06
N LYS A 119 0.43 -21.64 5.52
CA LYS A 119 0.52 -23.06 5.84
C LYS A 119 1.79 -23.67 5.23
N LEU A 120 2.34 -24.67 5.92
CA LEU A 120 3.55 -25.34 5.46
C LEU A 120 3.20 -26.58 4.64
N GLY A 1 10.52 -14.69 12.23
CA GLY A 1 11.63 -13.77 12.38
C GLY A 1 11.30 -12.61 13.30
N PRO A 2 12.24 -11.67 13.44
CA PRO A 2 12.07 -10.49 14.30
C PRO A 2 11.05 -9.51 13.72
N GLY A 3 10.67 -8.53 14.54
CA GLY A 3 9.70 -7.54 14.09
C GLY A 3 8.29 -7.88 14.52
N SER A 4 8.17 -8.61 15.62
CA SER A 4 6.87 -9.01 16.14
C SER A 4 6.05 -7.79 16.55
N MET A 5 6.73 -6.76 17.03
CA MET A 5 6.06 -5.53 17.46
C MET A 5 6.21 -4.44 16.39
N SER A 6 7.31 -4.49 15.65
CA SER A 6 7.57 -3.51 14.60
C SER A 6 6.74 -3.81 13.37
N VAL A 7 5.43 -3.68 13.49
CA VAL A 7 4.51 -3.94 12.38
C VAL A 7 3.59 -2.75 12.15
N THR A 8 3.74 -2.11 10.99
CA THR A 8 2.92 -0.96 10.64
C THR A 8 2.36 -1.09 9.22
N ILE A 9 1.08 -0.78 9.07
CA ILE A 9 0.42 -0.86 7.78
C ILE A 9 -0.01 0.52 7.29
N TYR A 10 0.10 0.73 5.98
CA TYR A 10 -0.29 2.01 5.39
C TYR A 10 -1.42 1.82 4.39
N GLY A 11 -2.41 2.71 4.46
CA GLY A 11 -3.54 2.64 3.56
C GLY A 11 -4.43 3.86 3.63
N ILE A 12 -5.68 3.71 3.23
CA ILE A 12 -6.64 4.81 3.26
C ILE A 12 -7.99 4.35 3.80
N LYS A 13 -8.75 5.30 4.34
CA LYS A 13 -10.07 4.99 4.90
C LYS A 13 -11.16 5.26 3.87
N ASN A 14 -10.99 4.72 2.67
CA ASN A 14 -11.96 4.89 1.60
C ASN A 14 -11.86 3.75 0.58
N CYS A 15 -11.46 2.57 1.06
CA CYS A 15 -11.33 1.41 0.20
C CYS A 15 -11.92 0.17 0.87
N ASP A 16 -11.82 -0.97 0.18
CA ASP A 16 -12.33 -2.22 0.71
C ASP A 16 -11.19 -3.19 1.03
N THR A 17 -10.11 -3.09 0.27
CA THR A 17 -8.95 -3.95 0.47
C THR A 17 -8.44 -3.86 1.90
N MET A 18 -8.39 -2.65 2.44
CA MET A 18 -7.92 -2.42 3.80
C MET A 18 -8.87 -3.07 4.81
N LYS A 19 -10.16 -3.10 4.47
CA LYS A 19 -11.16 -3.69 5.34
C LYS A 19 -10.90 -5.18 5.55
N LYS A 20 -10.73 -5.90 4.45
CA LYS A 20 -10.47 -7.34 4.51
C LYS A 20 -9.10 -7.62 5.10
N ALA A 21 -8.13 -6.79 4.75
CA ALA A 21 -6.77 -6.95 5.25
C ALA A 21 -6.71 -6.71 6.75
N ARG A 22 -7.45 -5.71 7.22
CA ARG A 22 -7.48 -5.38 8.64
C ARG A 22 -8.19 -6.48 9.44
N ILE A 23 -9.37 -6.88 8.95
CA ILE A 23 -10.15 -7.91 9.62
C ILE A 23 -9.38 -9.24 9.65
N TRP A 24 -8.67 -9.53 8.57
CA TRP A 24 -7.90 -10.77 8.49
C TRP A 24 -6.72 -10.74 9.46
N LEU A 25 -5.93 -9.67 9.39
CA LEU A 25 -4.77 -9.52 10.25
C LEU A 25 -5.18 -9.54 11.73
N GLU A 26 -6.31 -8.92 12.03
CA GLU A 26 -6.81 -8.87 13.40
C GLU A 26 -7.36 -10.22 13.83
N ASP A 27 -8.20 -10.81 12.98
CA ASP A 27 -8.80 -12.10 13.27
C ASP A 27 -7.73 -13.15 13.55
N HIS A 28 -6.63 -13.08 12.79
CA HIS A 28 -5.53 -14.03 12.96
C HIS A 28 -4.78 -13.75 14.25
N GLY A 29 -4.99 -12.57 14.82
CA GLY A 29 -4.32 -12.21 16.06
C GLY A 29 -2.92 -11.71 15.83
N ILE A 30 -2.73 -10.91 14.78
CA ILE A 30 -1.42 -10.36 14.46
C ILE A 30 -1.32 -8.91 14.90
N ASP A 31 -0.13 -8.52 15.36
CA ASP A 31 0.10 -7.14 15.81
C ASP A 31 0.47 -6.24 14.63
N TYR A 32 -0.22 -5.11 14.53
CA TYR A 32 0.03 -4.16 13.44
C TYR A 32 -0.75 -2.87 13.66
N THR A 33 -0.08 -1.74 13.47
CA THR A 33 -0.70 -0.44 13.63
C THR A 33 -1.31 0.06 12.33
N PHE A 34 -2.53 0.57 12.42
CA PHE A 34 -3.24 1.08 11.24
C PHE A 34 -2.81 2.51 10.94
N HIS A 35 -2.16 2.71 9.79
CA HIS A 35 -1.71 4.03 9.39
C HIS A 35 -2.43 4.49 8.11
N ASP A 36 -3.07 5.65 8.19
CA ASP A 36 -3.80 6.19 7.05
C ASP A 36 -3.06 7.39 6.47
N TYR A 37 -3.04 7.48 5.14
CA TYR A 37 -2.36 8.58 4.46
C TYR A 37 -3.14 9.88 4.63
N LYS A 38 -4.46 9.79 4.60
CA LYS A 38 -5.32 10.95 4.75
C LYS A 38 -5.40 11.38 6.22
N LYS A 39 -5.78 10.44 7.07
CA LYS A 39 -5.90 10.71 8.50
C LYS A 39 -4.61 11.30 9.06
N GLU A 40 -3.48 10.67 8.71
CA GLU A 40 -2.18 11.12 9.17
C GLU A 40 -1.64 12.21 8.27
N GLY A 41 -1.26 11.84 7.04
CA GLY A 41 -0.73 12.80 6.10
C GLY A 41 0.60 12.35 5.51
N LEU A 42 0.58 12.04 4.22
CA LEU A 42 1.80 11.59 3.53
C LEU A 42 2.66 12.79 3.12
N ASP A 43 3.82 12.91 3.74
CA ASP A 43 4.74 14.00 3.44
C ASP A 43 5.71 13.60 2.33
N ALA A 44 6.26 14.60 1.65
CA ALA A 44 7.21 14.35 0.58
C ALA A 44 8.33 13.43 1.03
N GLU A 45 8.76 13.60 2.27
CA GLU A 45 9.83 12.78 2.83
C GLU A 45 9.45 11.30 2.82
N THR A 46 8.27 10.99 3.35
CA THR A 46 7.78 9.62 3.39
C THR A 46 7.61 9.05 1.99
N LEU A 47 7.00 9.82 1.11
CA LEU A 47 6.77 9.39 -0.26
C LEU A 47 8.08 8.98 -0.92
N ASP A 48 9.08 9.85 -0.83
CA ASP A 48 10.38 9.57 -1.42
C ASP A 48 11.02 8.34 -0.78
N ARG A 49 10.93 8.24 0.54
CA ARG A 49 11.49 7.12 1.28
C ARG A 49 10.90 5.80 0.79
N PHE A 50 9.60 5.81 0.51
CA PHE A 50 8.92 4.61 0.04
C PHE A 50 9.29 4.31 -1.42
N LEU A 51 9.41 5.36 -2.22
CA LEU A 51 9.77 5.20 -3.63
C LEU A 51 11.16 4.59 -3.77
N LYS A 52 12.07 4.98 -2.90
CA LYS A 52 13.43 4.47 -2.93
C LYS A 52 13.46 2.99 -2.58
N THR A 53 12.46 2.53 -1.84
CA THR A 53 12.37 1.13 -1.45
C THR A 53 11.52 0.35 -2.42
N VAL A 54 10.62 1.03 -3.12
CA VAL A 54 9.74 0.39 -4.09
C VAL A 54 9.48 1.30 -5.28
N PRO A 55 9.61 0.74 -6.49
CA PRO A 55 9.38 1.48 -7.73
C PRO A 55 7.92 1.85 -7.94
N TRP A 56 7.68 3.02 -8.52
CA TRP A 56 6.32 3.48 -8.78
C TRP A 56 5.52 2.42 -9.53
N GLU A 57 6.14 1.81 -10.53
CA GLU A 57 5.48 0.78 -11.32
C GLU A 57 4.88 -0.30 -10.42
N GLN A 58 5.51 -0.54 -9.29
CA GLN A 58 5.04 -1.54 -8.34
C GLN A 58 4.64 -0.89 -7.02
N LEU A 59 4.27 0.38 -7.08
CA LEU A 59 3.86 1.11 -5.89
C LEU A 59 2.54 1.84 -6.12
N LEU A 60 1.86 1.49 -7.21
CA LEU A 60 0.59 2.11 -7.54
C LEU A 60 -0.31 1.14 -8.31
N ASN A 61 -1.62 1.26 -8.11
CA ASN A 61 -2.58 0.39 -8.78
C ASN A 61 -2.34 0.38 -10.29
N ARG A 62 -2.49 -0.79 -10.90
CA ARG A 62 -2.28 -0.94 -12.33
C ARG A 62 -3.62 -1.12 -13.05
N ALA A 63 -4.38 -2.12 -12.62
CA ALA A 63 -5.68 -2.41 -13.23
C ALA A 63 -6.82 -1.92 -12.33
N GLY A 64 -6.52 -0.92 -11.50
CA GLY A 64 -7.53 -0.39 -10.60
C GLY A 64 -8.43 0.62 -11.29
N THR A 65 -9.25 1.32 -10.50
CA THR A 65 -10.17 2.31 -11.03
C THR A 65 -9.46 3.63 -11.29
N THR A 66 -8.62 4.05 -10.34
CA THR A 66 -7.88 5.30 -10.46
C THR A 66 -7.07 5.33 -11.76
N PHE A 67 -6.41 4.21 -12.05
CA PHE A 67 -5.59 4.12 -13.26
C PHE A 67 -6.47 4.03 -14.51
N ARG A 68 -7.62 3.36 -14.37
CA ARG A 68 -8.54 3.20 -15.48
C ARG A 68 -9.25 4.52 -15.80
N LYS A 69 -9.31 5.40 -14.80
CA LYS A 69 -9.95 6.69 -14.97
C LYS A 69 -9.28 7.51 -16.07
N LEU A 70 -7.95 7.50 -16.07
CA LEU A 70 -7.17 8.24 -17.06
C LEU A 70 -7.30 7.58 -18.44
N PRO A 71 -7.07 8.38 -19.48
CA PRO A 71 -7.14 7.90 -20.88
C PRO A 71 -6.00 6.94 -21.22
N GLU A 72 -5.99 6.47 -22.46
CA GLU A 72 -4.96 5.55 -22.92
C GLU A 72 -3.61 6.26 -23.06
N ASP A 73 -3.67 7.52 -23.50
CA ASP A 73 -2.46 8.31 -23.68
C ASP A 73 -1.76 8.57 -22.35
N VAL A 74 -2.53 9.05 -21.38
CA VAL A 74 -2.00 9.34 -20.04
C VAL A 74 -1.60 8.06 -19.33
N ARG A 75 -2.44 7.03 -19.43
CA ARG A 75 -2.17 5.75 -18.80
C ARG A 75 -0.85 5.16 -19.28
N SER A 76 -0.42 5.59 -20.47
CA SER A 76 0.82 5.10 -21.05
C SER A 76 1.91 6.17 -20.97
N ASN A 77 1.52 7.40 -20.67
CA ASN A 77 2.46 8.51 -20.56
C ASN A 77 2.94 8.68 -19.12
N VAL A 78 3.22 7.56 -18.46
CA VAL A 78 3.69 7.59 -17.07
C VAL A 78 5.21 7.59 -17.01
N ASP A 79 5.76 8.45 -16.16
CA ASP A 79 7.20 8.55 -16.00
C ASP A 79 7.58 8.60 -14.53
N ALA A 80 8.89 8.60 -14.26
CA ALA A 80 9.39 8.64 -12.89
C ALA A 80 8.90 9.91 -12.17
N ALA A 81 9.29 11.07 -12.70
CA ALA A 81 8.90 12.34 -12.11
C ALA A 81 7.40 12.40 -11.89
N SER A 82 6.64 12.23 -12.97
CA SER A 82 5.18 12.28 -12.90
C SER A 82 4.66 11.30 -11.84
N ALA A 83 5.15 10.07 -11.89
CA ALA A 83 4.74 9.04 -10.94
C ALA A 83 4.86 9.55 -9.51
N ARG A 84 6.02 10.11 -9.18
CA ARG A 84 6.27 10.62 -7.83
C ARG A 84 5.34 11.79 -7.52
N GLU A 85 5.06 12.62 -8.53
CA GLU A 85 4.18 13.76 -8.36
C GLU A 85 2.74 13.32 -8.09
N LEU A 86 2.31 12.29 -8.81
CA LEU A 86 0.96 11.76 -8.65
C LEU A 86 0.78 11.14 -7.28
N MET A 87 1.72 10.28 -6.89
CA MET A 87 1.66 9.61 -5.60
C MET A 87 1.82 10.62 -4.47
N LEU A 88 2.60 11.67 -4.71
CA LEU A 88 2.82 12.71 -3.71
C LEU A 88 1.55 13.48 -3.42
N ALA A 89 0.94 14.03 -4.47
CA ALA A 89 -0.28 14.80 -4.34
C ALA A 89 -1.45 13.90 -3.95
N GLN A 90 -1.59 12.79 -4.65
CA GLN A 90 -2.67 11.84 -4.38
C GLN A 90 -2.12 10.43 -4.17
N PRO A 91 -1.61 10.17 -2.95
CA PRO A 91 -1.05 8.87 -2.59
C PRO A 91 -2.12 7.78 -2.49
N SER A 92 -3.38 8.18 -2.58
CA SER A 92 -4.49 7.25 -2.50
C SER A 92 -4.38 6.18 -3.58
N MET A 93 -3.64 6.49 -4.64
CA MET A 93 -3.45 5.56 -5.74
C MET A 93 -2.39 4.52 -5.41
N VAL A 94 -1.55 4.84 -4.43
CA VAL A 94 -0.48 3.94 -4.01
C VAL A 94 -1.02 2.56 -3.72
N LYS A 95 -0.25 1.53 -4.08
CA LYS A 95 -0.65 0.15 -3.84
C LYS A 95 -1.04 -0.06 -2.38
N ARG A 96 -1.81 -1.11 -2.13
CA ARG A 96 -2.25 -1.43 -0.78
C ARG A 96 -3.00 -2.76 -0.75
N PRO A 97 -3.09 -3.37 0.44
CA PRO A 97 -2.51 -2.79 1.66
C PRO A 97 -0.98 -2.84 1.64
N VAL A 98 -0.36 -1.91 2.36
CA VAL A 98 1.10 -1.84 2.43
C VAL A 98 1.60 -2.14 3.83
N LEU A 99 2.43 -3.17 3.94
CA LEU A 99 2.99 -3.57 5.23
C LEU A 99 4.49 -3.35 5.27
N GLU A 100 4.95 -2.57 6.25
CA GLU A 100 6.38 -2.28 6.40
C GLU A 100 6.98 -3.08 7.56
N ARG A 101 7.97 -3.91 7.25
CA ARG A 101 8.62 -4.73 8.26
C ARG A 101 10.13 -4.50 8.25
N ASP A 102 10.65 -3.97 9.35
CA ASP A 102 12.08 -3.70 9.46
C ASP A 102 12.54 -2.73 8.39
N GLY A 103 11.61 -1.90 7.91
CA GLY A 103 11.94 -0.93 6.88
C GLY A 103 11.52 -1.40 5.50
N LYS A 104 11.54 -2.70 5.28
CA LYS A 104 11.15 -3.27 4.00
C LYS A 104 9.64 -3.15 3.78
N LEU A 105 9.25 -2.71 2.59
CA LEU A 105 7.83 -2.55 2.26
C LEU A 105 7.32 -3.76 1.48
N MET A 106 6.15 -4.26 1.87
CA MET A 106 5.56 -5.42 1.21
C MET A 106 4.13 -5.09 0.74
N VAL A 107 3.75 -5.65 -0.40
CA VAL A 107 2.42 -5.43 -0.95
C VAL A 107 1.44 -6.50 -0.47
N GLY A 108 0.20 -6.08 -0.23
CA GLY A 108 -0.82 -7.02 0.23
C GLY A 108 -1.10 -8.11 -0.78
N PHE A 109 -1.63 -9.24 -0.29
CA PHE A 109 -1.94 -10.37 -1.15
C PHE A 109 -3.35 -10.89 -0.88
N LYS A 110 -3.93 -11.56 -1.87
CA LYS A 110 -5.27 -12.11 -1.74
C LYS A 110 -5.38 -12.96 -0.48
N PRO A 111 -6.63 -13.20 -0.03
CA PRO A 111 -6.90 -13.99 1.17
C PRO A 111 -6.59 -15.48 0.95
N ALA A 112 -7.09 -16.02 -0.15
CA ALA A 112 -6.87 -17.43 -0.48
C ALA A 112 -5.38 -17.74 -0.59
N GLN A 113 -4.64 -16.81 -1.18
CA GLN A 113 -3.20 -16.99 -1.35
C GLN A 113 -2.48 -16.88 -0.02
N TYR A 114 -2.78 -15.83 0.74
CA TYR A 114 -2.14 -15.61 2.03
C TYR A 114 -2.33 -16.82 2.94
N GLU A 115 -3.54 -17.39 2.92
CA GLU A 115 -3.84 -18.56 3.74
C GLU A 115 -3.12 -19.79 3.21
N ALA A 116 -3.25 -20.04 1.91
CA ALA A 116 -2.61 -21.20 1.28
C ALA A 116 -1.10 -21.15 1.46
N TYR A 117 -0.55 -19.94 1.55
CA TYR A 117 0.88 -19.75 1.72
C TYR A 117 1.28 -19.89 3.18
N PHE A 118 0.44 -19.38 4.07
CA PHE A 118 0.70 -19.44 5.50
C PHE A 118 -0.04 -20.62 6.14
N LYS A 119 -0.23 -21.67 5.36
CA LYS A 119 -0.92 -22.87 5.85
C LYS A 119 -0.06 -23.63 6.83
N LEU A 120 -0.64 -24.65 7.45
CA LEU A 120 0.08 -25.47 8.43
C LEU A 120 1.40 -25.97 7.84
N GLY A 1 7.28 -17.19 14.69
CA GLY A 1 7.84 -15.85 14.60
C GLY A 1 6.91 -14.89 13.88
N PRO A 2 5.81 -14.51 14.56
CA PRO A 2 4.82 -13.59 14.01
C PRO A 2 5.35 -12.17 13.90
N GLY A 3 6.15 -11.77 14.90
CA GLY A 3 6.71 -10.43 14.89
C GLY A 3 6.78 -9.83 16.28
N SER A 4 7.98 -9.80 16.85
CA SER A 4 8.19 -9.25 18.19
C SER A 4 7.85 -7.77 18.22
N MET A 5 8.47 -7.01 17.32
CA MET A 5 8.23 -5.56 17.25
C MET A 5 6.87 -5.27 16.63
N SER A 6 6.43 -4.02 16.76
CA SER A 6 5.15 -3.60 16.21
C SER A 6 5.27 -3.31 14.72
N VAL A 7 4.30 -3.78 13.94
CA VAL A 7 4.29 -3.55 12.49
C VAL A 7 3.35 -2.42 12.12
N THR A 8 3.73 -1.65 11.10
CA THR A 8 2.91 -0.54 10.64
C THR A 8 2.29 -0.83 9.28
N ILE A 9 0.99 -0.61 9.16
CA ILE A 9 0.28 -0.86 7.91
C ILE A 9 -0.39 0.41 7.41
N TYR A 10 -0.30 0.65 6.10
CA TYR A 10 -0.89 1.84 5.49
C TYR A 10 -2.22 1.49 4.83
N GLY A 11 -3.09 2.49 4.71
CA GLY A 11 -4.39 2.28 4.09
C GLY A 11 -5.17 3.56 3.93
N ILE A 12 -6.46 3.43 3.63
CA ILE A 12 -7.32 4.60 3.45
C ILE A 12 -8.71 4.33 4.01
N LYS A 13 -9.56 5.36 3.96
CA LYS A 13 -10.93 5.24 4.46
C LYS A 13 -11.85 4.68 3.39
N ASN A 14 -11.49 4.89 2.13
CA ASN A 14 -12.29 4.41 1.01
C ASN A 14 -11.63 3.18 0.36
N CYS A 15 -11.65 2.07 1.08
CA CYS A 15 -11.05 0.82 0.57
C CYS A 15 -11.66 -0.38 1.27
N ASP A 16 -11.85 -1.46 0.51
CA ASP A 16 -12.42 -2.68 1.05
C ASP A 16 -11.32 -3.66 1.48
N THR A 17 -10.23 -3.69 0.71
CA THR A 17 -9.12 -4.57 1.00
C THR A 17 -8.64 -4.40 2.44
N MET A 18 -8.66 -3.16 2.93
CA MET A 18 -8.23 -2.87 4.29
C MET A 18 -9.16 -3.55 5.30
N LYS A 19 -10.43 -3.70 4.93
CA LYS A 19 -11.41 -4.33 5.80
C LYS A 19 -11.07 -5.80 6.03
N LYS A 20 -10.86 -6.53 4.94
CA LYS A 20 -10.53 -7.95 5.03
C LYS A 20 -9.15 -8.15 5.65
N ALA A 21 -8.22 -7.26 5.33
CA ALA A 21 -6.87 -7.34 5.88
C ALA A 21 -6.87 -7.14 7.39
N ARG A 22 -7.65 -6.18 7.86
CA ARG A 22 -7.73 -5.89 9.30
C ARG A 22 -8.43 -7.02 10.03
N ILE A 23 -9.58 -7.44 9.50
CA ILE A 23 -10.35 -8.53 10.12
C ILE A 23 -9.52 -9.81 10.20
N TRP A 24 -8.76 -10.09 9.14
CA TRP A 24 -7.92 -11.28 9.10
C TRP A 24 -6.80 -11.19 10.12
N LEU A 25 -6.02 -10.12 10.04
CA LEU A 25 -4.91 -9.92 10.96
C LEU A 25 -5.39 -9.91 12.41
N GLU A 26 -6.51 -9.23 12.65
CA GLU A 26 -7.07 -9.13 13.99
C GLU A 26 -7.60 -10.50 14.45
N ASP A 27 -8.35 -11.16 13.58
CA ASP A 27 -8.92 -12.46 13.89
C ASP A 27 -7.82 -13.44 14.31
N HIS A 28 -6.72 -13.43 13.58
CA HIS A 28 -5.60 -14.32 13.88
C HIS A 28 -5.01 -14.01 15.25
N GLY A 29 -5.34 -12.83 15.78
CA GLY A 29 -4.83 -12.43 17.08
C GLY A 29 -3.64 -11.52 16.98
N ILE A 30 -3.49 -10.84 15.85
CA ILE A 30 -2.37 -9.94 15.63
C ILE A 30 -2.83 -8.49 15.68
N ASP A 31 -1.95 -7.61 16.14
CA ASP A 31 -2.26 -6.18 16.23
C ASP A 31 -1.32 -5.36 15.37
N TYR A 32 -1.87 -4.69 14.37
CA TYR A 32 -1.07 -3.87 13.46
C TYR A 32 -1.44 -2.39 13.61
N THR A 33 -0.51 -1.52 13.19
CA THR A 33 -0.73 -0.08 13.28
C THR A 33 -1.39 0.45 12.02
N PHE A 34 -2.68 0.76 12.13
CA PHE A 34 -3.44 1.28 10.99
C PHE A 34 -3.11 2.75 10.74
N HIS A 35 -2.60 3.04 9.55
CA HIS A 35 -2.24 4.41 9.19
C HIS A 35 -2.92 4.83 7.89
N ASP A 36 -3.80 5.83 7.98
CA ASP A 36 -4.52 6.33 6.82
C ASP A 36 -3.64 7.25 5.98
N TYR A 37 -3.86 7.24 4.68
CA TYR A 37 -3.09 8.08 3.77
C TYR A 37 -3.10 9.54 4.23
N LYS A 38 -4.21 9.95 4.83
CA LYS A 38 -4.36 11.32 5.32
C LYS A 38 -3.86 11.44 6.75
N LYS A 39 -4.29 10.50 7.60
CA LYS A 39 -3.90 10.49 9.00
C LYS A 39 -2.38 10.54 9.14
N GLU A 40 -1.70 9.68 8.38
CA GLU A 40 -0.25 9.62 8.42
C GLU A 40 0.37 10.78 7.65
N GLY A 41 -0.40 11.33 6.71
CA GLY A 41 0.08 12.45 5.91
C GLY A 41 1.18 12.03 4.95
N LEU A 42 0.80 11.77 3.70
CA LEU A 42 1.76 11.37 2.67
C LEU A 42 2.49 12.58 2.10
N ASP A 43 3.80 12.63 2.33
CA ASP A 43 4.62 13.73 1.83
C ASP A 43 5.70 13.22 0.90
N ALA A 44 6.50 14.14 0.36
CA ALA A 44 7.57 13.78 -0.55
C ALA A 44 8.56 12.81 0.11
N GLU A 45 8.85 13.05 1.38
CA GLU A 45 9.77 12.19 2.12
C GLU A 45 9.30 10.74 2.10
N THR A 46 8.04 10.53 2.45
CA THR A 46 7.47 9.18 2.46
C THR A 46 7.45 8.57 1.07
N LEU A 47 6.89 9.30 0.12
CA LEU A 47 6.80 8.83 -1.27
C LEU A 47 8.18 8.42 -1.78
N ASP A 48 9.17 9.28 -1.58
CA ASP A 48 10.53 9.00 -2.02
C ASP A 48 11.05 7.72 -1.37
N ARG A 49 10.99 7.67 -0.05
CA ARG A 49 11.46 6.49 0.69
C ARG A 49 10.75 5.23 0.20
N PHE A 50 9.46 5.35 -0.07
CA PHE A 50 8.66 4.21 -0.53
C PHE A 50 9.00 3.86 -1.98
N LEU A 51 9.47 4.86 -2.72
CA LEU A 51 9.84 4.66 -4.12
C LEU A 51 11.13 3.86 -4.23
N LYS A 52 12.15 4.30 -3.52
CA LYS A 52 13.45 3.62 -3.54
C LYS A 52 13.32 2.19 -3.04
N THR A 53 12.31 1.94 -2.20
CA THR A 53 12.08 0.62 -1.65
C THR A 53 11.15 -0.19 -2.55
N VAL A 54 10.26 0.50 -3.26
CA VAL A 54 9.31 -0.15 -4.15
C VAL A 54 9.03 0.72 -5.37
N PRO A 55 9.06 0.10 -6.55
CA PRO A 55 8.81 0.80 -7.82
C PRO A 55 7.34 1.20 -7.97
N TRP A 56 7.12 2.39 -8.53
CA TRP A 56 5.77 2.90 -8.73
C TRP A 56 4.91 1.88 -9.46
N GLU A 57 5.47 1.26 -10.49
CA GLU A 57 4.75 0.26 -11.28
C GLU A 57 4.15 -0.81 -10.37
N GLN A 58 4.81 -1.06 -9.24
CA GLN A 58 4.35 -2.07 -8.29
C GLN A 58 4.00 -1.42 -6.96
N LEU A 59 3.58 -0.16 -7.00
CA LEU A 59 3.22 0.57 -5.80
C LEU A 59 1.84 1.20 -5.93
N LEU A 60 1.16 0.88 -7.02
CA LEU A 60 -0.18 1.41 -7.28
C LEU A 60 -1.03 0.40 -8.04
N ASN A 61 -2.34 0.44 -7.80
CA ASN A 61 -3.26 -0.47 -8.49
C ASN A 61 -3.05 -0.44 -9.99
N ARG A 62 -3.09 -1.61 -10.62
CA ARG A 62 -2.91 -1.71 -12.06
C ARG A 62 -4.23 -2.03 -12.75
N ALA A 63 -5.02 -2.90 -12.15
CA ALA A 63 -6.31 -3.29 -12.70
C ALA A 63 -7.46 -2.60 -11.95
N GLY A 64 -7.19 -1.42 -11.43
CA GLY A 64 -8.20 -0.68 -10.70
C GLY A 64 -8.75 0.49 -11.48
N THR A 65 -10.00 0.85 -11.22
CA THR A 65 -10.64 1.97 -11.91
C THR A 65 -9.79 3.23 -11.82
N THR A 66 -9.06 3.37 -10.72
CA THR A 66 -8.22 4.54 -10.51
C THR A 66 -7.27 4.74 -11.69
N PHE A 67 -6.58 3.67 -12.09
CA PHE A 67 -5.66 3.73 -13.21
C PHE A 67 -6.39 3.99 -14.52
N ARG A 68 -7.58 3.44 -14.64
CA ARG A 68 -8.40 3.59 -15.84
C ARG A 68 -9.00 5.00 -15.91
N LYS A 69 -8.83 5.76 -14.83
CA LYS A 69 -9.35 7.12 -14.75
C LYS A 69 -8.75 7.99 -15.85
N LEU A 70 -7.44 7.86 -16.04
CA LEU A 70 -6.73 8.64 -17.05
C LEU A 70 -6.76 7.93 -18.41
N PRO A 71 -6.68 8.73 -19.48
CA PRO A 71 -6.69 8.19 -20.85
C PRO A 71 -5.42 7.43 -21.18
N GLU A 72 -5.34 6.93 -22.42
CA GLU A 72 -4.18 6.17 -22.87
C GLU A 72 -2.97 7.10 -23.05
N ASP A 73 -3.24 8.30 -23.56
CA ASP A 73 -2.18 9.28 -23.78
C ASP A 73 -1.51 9.67 -22.47
N VAL A 74 -2.32 10.07 -21.49
CA VAL A 74 -1.81 10.47 -20.19
C VAL A 74 -1.14 9.30 -19.48
N ARG A 75 -1.74 8.12 -19.59
CA ARG A 75 -1.21 6.92 -18.95
C ARG A 75 0.06 6.44 -19.67
N SER A 76 0.20 6.84 -20.93
CA SER A 76 1.36 6.45 -21.72
C SER A 76 2.53 7.41 -21.48
N ASN A 77 2.20 8.62 -21.03
CA ASN A 77 3.22 9.63 -20.76
C ASN A 77 3.62 9.62 -19.29
N VAL A 78 3.43 8.48 -18.63
CA VAL A 78 3.77 8.34 -17.22
C VAL A 78 5.25 8.05 -17.05
N ASP A 79 5.87 8.73 -16.09
CA ASP A 79 7.30 8.54 -15.82
C ASP A 79 7.55 8.39 -14.32
N ALA A 80 8.81 8.25 -13.95
CA ALA A 80 9.18 8.10 -12.54
C ALA A 80 8.82 9.34 -11.74
N ALA A 81 9.38 10.48 -12.15
CA ALA A 81 9.11 11.74 -11.47
C ALA A 81 7.61 11.98 -11.32
N SER A 82 6.90 12.00 -12.44
CA SER A 82 5.47 12.23 -12.45
C SER A 82 4.76 11.24 -11.53
N ALA A 83 5.09 9.96 -11.69
CA ALA A 83 4.49 8.91 -10.87
C ALA A 83 4.61 9.24 -9.38
N ARG A 84 5.79 9.70 -8.97
CA ARG A 84 6.03 10.04 -7.58
C ARG A 84 5.16 11.22 -7.15
N GLU A 85 5.17 12.29 -7.95
CA GLU A 85 4.38 13.47 -7.66
C GLU A 85 2.90 13.12 -7.53
N LEU A 86 2.38 12.39 -8.52
CA LEU A 86 0.97 12.00 -8.52
C LEU A 86 0.63 11.20 -7.26
N MET A 87 1.41 10.15 -7.01
CA MET A 87 1.19 9.30 -5.84
C MET A 87 1.27 10.13 -4.56
N LEU A 88 2.10 11.15 -4.56
CA LEU A 88 2.27 12.02 -3.41
C LEU A 88 0.99 12.80 -3.12
N ALA A 89 0.52 13.54 -4.12
CA ALA A 89 -0.70 14.33 -3.97
C ALA A 89 -1.91 13.42 -3.76
N GLN A 90 -2.04 12.41 -4.60
CA GLN A 90 -3.16 11.47 -4.51
C GLN A 90 -2.66 10.06 -4.24
N PRO A 91 -2.32 9.77 -2.99
CA PRO A 91 -1.82 8.45 -2.58
C PRO A 91 -2.90 7.40 -2.61
N SER A 92 -4.14 7.82 -2.85
CA SER A 92 -5.27 6.90 -2.92
C SER A 92 -5.05 5.84 -4.00
N MET A 93 -4.17 6.15 -4.94
CA MET A 93 -3.87 5.22 -6.02
C MET A 93 -2.88 4.15 -5.57
N VAL A 94 -2.18 4.42 -4.48
CA VAL A 94 -1.20 3.48 -3.93
C VAL A 94 -1.85 2.14 -3.62
N LYS A 95 -1.10 1.06 -3.80
CA LYS A 95 -1.60 -0.28 -3.53
C LYS A 95 -1.85 -0.48 -2.04
N ARG A 96 -2.52 -1.57 -1.69
CA ARG A 96 -2.81 -1.88 -0.30
C ARG A 96 -3.48 -3.24 -0.18
N PRO A 97 -3.42 -3.82 1.04
CA PRO A 97 -2.76 -3.20 2.17
C PRO A 97 -1.25 -3.15 2.02
N VAL A 98 -0.61 -2.16 2.64
CA VAL A 98 0.84 -2.01 2.57
C VAL A 98 1.48 -2.25 3.92
N LEU A 99 2.52 -3.09 3.94
CA LEU A 99 3.23 -3.41 5.17
C LEU A 99 4.61 -2.76 5.18
N GLU A 100 4.93 -2.07 6.28
CA GLU A 100 6.21 -1.40 6.41
C GLU A 100 7.01 -1.99 7.58
N ARG A 101 8.13 -2.62 7.27
CA ARG A 101 8.98 -3.22 8.28
C ARG A 101 10.45 -3.12 7.90
N ASP A 102 11.26 -2.56 8.78
CA ASP A 102 12.69 -2.40 8.54
C ASP A 102 12.93 -1.65 7.23
N GLY A 103 11.99 -0.80 6.85
CA GLY A 103 12.11 -0.04 5.63
C GLY A 103 11.50 -0.75 4.44
N LYS A 104 11.76 -2.05 4.32
CA LYS A 104 11.22 -2.84 3.22
C LYS A 104 9.70 -2.84 3.23
N LEU A 105 9.10 -2.59 2.08
CA LEU A 105 7.64 -2.56 1.96
C LEU A 105 7.12 -3.87 1.38
N MET A 106 5.91 -4.24 1.76
CA MET A 106 5.29 -5.46 1.27
C MET A 106 3.83 -5.22 0.86
N VAL A 107 3.43 -5.84 -0.24
CA VAL A 107 2.07 -5.68 -0.74
C VAL A 107 1.15 -6.77 -0.19
N GLY A 108 -0.08 -6.40 0.13
CA GLY A 108 -1.02 -7.35 0.67
C GLY A 108 -1.34 -8.46 -0.32
N PHE A 109 -2.01 -9.50 0.17
CA PHE A 109 -2.37 -10.64 -0.68
C PHE A 109 -3.76 -11.17 -0.31
N LYS A 110 -4.41 -11.83 -1.27
CA LYS A 110 -5.73 -12.38 -1.05
C LYS A 110 -5.76 -13.27 0.19
N PRO A 111 -6.96 -13.50 0.73
CA PRO A 111 -7.16 -14.34 1.91
C PRO A 111 -6.88 -15.81 1.65
N ALA A 112 -7.46 -16.33 0.57
CA ALA A 112 -7.27 -17.73 0.20
C ALA A 112 -5.80 -18.03 -0.05
N GLN A 113 -5.09 -17.09 -0.65
CA GLN A 113 -3.68 -17.26 -0.95
C GLN A 113 -2.85 -17.19 0.33
N TYR A 114 -3.08 -16.16 1.13
CA TYR A 114 -2.35 -15.98 2.38
C TYR A 114 -2.47 -17.23 3.27
N GLU A 115 -3.68 -17.78 3.34
CA GLU A 115 -3.92 -18.96 4.15
C GLU A 115 -3.27 -20.19 3.53
N ALA A 116 -3.52 -20.41 2.24
CA ALA A 116 -2.95 -21.54 1.53
C ALA A 116 -1.43 -21.51 1.57
N TYR A 117 -0.87 -20.31 1.68
CA TYR A 117 0.58 -20.14 1.72
C TYR A 117 1.11 -20.37 3.13
N PHE A 118 0.37 -19.85 4.12
CA PHE A 118 0.77 -19.99 5.52
C PHE A 118 0.94 -21.46 5.89
N LYS A 119 0.12 -22.31 5.30
CA LYS A 119 0.18 -23.75 5.57
C LYS A 119 1.17 -24.43 4.63
N LEU A 120 2.12 -25.14 5.21
CA LEU A 120 3.13 -25.86 4.43
C LEU A 120 3.82 -24.91 3.44
N GLY A 1 8.93 6.62 10.29
CA GLY A 1 8.67 5.90 11.53
C GLY A 1 8.94 4.42 11.40
N PRO A 2 10.23 4.05 11.29
CA PRO A 2 10.65 2.65 11.16
C PRO A 2 10.41 1.86 12.45
N GLY A 3 10.33 0.54 12.31
CA GLY A 3 10.12 -0.31 13.46
C GLY A 3 10.33 -1.78 13.16
N SER A 4 11.43 -2.34 13.67
CA SER A 4 11.75 -3.73 13.43
C SER A 4 11.07 -4.63 14.48
N MET A 5 10.91 -4.10 15.68
CA MET A 5 10.27 -4.85 16.75
C MET A 5 8.76 -4.93 16.56
N SER A 6 8.19 -3.86 16.01
CA SER A 6 6.75 -3.81 15.76
C SER A 6 6.46 -3.76 14.26
N VAL A 7 5.17 -3.77 13.93
CA VAL A 7 4.76 -3.72 12.53
C VAL A 7 3.80 -2.56 12.27
N THR A 8 3.97 -1.90 11.13
CA THR A 8 3.12 -0.77 10.77
C THR A 8 2.49 -0.97 9.40
N ILE A 9 1.20 -0.68 9.30
CA ILE A 9 0.47 -0.83 8.05
C ILE A 9 0.00 0.52 7.52
N TYR A 10 0.03 0.68 6.20
CA TYR A 10 -0.39 1.92 5.57
C TYR A 10 -1.67 1.72 4.76
N GLY A 11 -2.69 2.52 5.08
CA GLY A 11 -3.95 2.40 4.38
C GLY A 11 -4.74 3.70 4.39
N ILE A 12 -6.00 3.63 3.99
CA ILE A 12 -6.86 4.81 3.95
C ILE A 12 -8.26 4.49 4.47
N LYS A 13 -9.11 5.51 4.54
CA LYS A 13 -10.47 5.35 5.02
C LYS A 13 -11.42 5.04 3.87
N ASN A 14 -11.04 5.49 2.66
CA ASN A 14 -11.86 5.26 1.48
C ASN A 14 -11.44 3.98 0.77
N CYS A 15 -11.63 2.85 1.44
CA CYS A 15 -11.28 1.55 0.88
C CYS A 15 -12.08 0.43 1.54
N ASP A 16 -12.14 -0.72 0.88
CA ASP A 16 -12.86 -1.87 1.40
C ASP A 16 -11.90 -2.98 1.81
N THR A 17 -10.88 -3.20 1.00
CA THR A 17 -9.89 -4.24 1.26
C THR A 17 -9.34 -4.10 2.68
N MET A 18 -9.23 -2.86 3.15
CA MET A 18 -8.71 -2.60 4.49
C MET A 18 -9.51 -3.37 5.55
N LYS A 19 -10.80 -3.54 5.31
CA LYS A 19 -11.67 -4.26 6.22
C LYS A 19 -11.26 -5.73 6.32
N LYS A 20 -11.14 -6.38 5.17
CA LYS A 20 -10.74 -7.79 5.12
C LYS A 20 -9.37 -7.99 5.74
N ALA A 21 -8.40 -7.22 5.27
CA ALA A 21 -7.04 -7.31 5.79
C ALA A 21 -7.00 -7.16 7.31
N ARG A 22 -7.70 -6.14 7.80
CA ARG A 22 -7.75 -5.89 9.24
C ARG A 22 -8.31 -7.10 9.99
N ILE A 23 -9.45 -7.60 9.51
CA ILE A 23 -10.09 -8.75 10.13
C ILE A 23 -9.17 -9.96 10.13
N TRP A 24 -8.38 -10.09 9.07
CA TRP A 24 -7.45 -11.20 8.95
C TRP A 24 -6.32 -11.09 9.98
N LEU A 25 -5.69 -9.93 10.03
CA LEU A 25 -4.60 -9.69 10.97
C LEU A 25 -5.05 -9.94 12.41
N GLU A 26 -6.20 -9.37 12.76
CA GLU A 26 -6.74 -9.52 14.11
C GLU A 26 -7.18 -10.97 14.36
N ASP A 27 -7.70 -11.61 13.32
CA ASP A 27 -8.15 -12.99 13.42
C ASP A 27 -6.98 -13.92 13.76
N HIS A 28 -5.84 -13.68 13.12
CA HIS A 28 -4.65 -14.49 13.36
C HIS A 28 -3.93 -14.06 14.64
N GLY A 29 -4.26 -12.86 15.10
CA GLY A 29 -3.63 -12.34 16.31
C GLY A 29 -2.25 -11.79 16.06
N ILE A 30 -2.14 -10.90 15.08
CA ILE A 30 -0.85 -10.30 14.73
C ILE A 30 -0.78 -8.85 15.21
N ASP A 31 0.41 -8.45 15.66
CA ASP A 31 0.61 -7.09 16.15
C ASP A 31 0.94 -6.15 14.99
N TYR A 32 0.11 -5.14 14.79
CA TYR A 32 0.32 -4.17 13.73
C TYR A 32 -0.48 -2.89 13.99
N THR A 33 0.18 -1.75 13.79
CA THR A 33 -0.46 -0.45 14.01
C THR A 33 -1.09 0.07 12.72
N PHE A 34 -2.32 0.58 12.84
CA PHE A 34 -3.03 1.11 11.68
C PHE A 34 -2.60 2.55 11.40
N HIS A 35 -1.89 2.74 10.29
CA HIS A 35 -1.42 4.08 9.90
C HIS A 35 -2.12 4.55 8.63
N ASP A 36 -2.78 5.69 8.72
CA ASP A 36 -3.48 6.26 7.58
C ASP A 36 -2.59 7.23 6.81
N TYR A 37 -2.64 7.13 5.49
CA TYR A 37 -1.82 7.99 4.63
C TYR A 37 -2.18 9.46 4.84
N LYS A 38 -3.48 9.74 4.93
CA LYS A 38 -3.95 11.10 5.14
C LYS A 38 -3.67 11.57 6.56
N LYS A 39 -4.12 10.80 7.54
CA LYS A 39 -3.91 11.13 8.94
C LYS A 39 -2.43 11.34 9.23
N GLU A 40 -1.60 10.42 8.76
CA GLU A 40 -0.16 10.50 8.97
C GLU A 40 0.43 11.68 8.21
N GLY A 41 -0.22 12.05 7.11
CA GLY A 41 0.26 13.16 6.30
C GLY A 41 1.35 12.74 5.34
N LEU A 42 0.98 12.50 4.09
CA LEU A 42 1.94 12.09 3.08
C LEU A 42 2.68 13.30 2.51
N ASP A 43 4.00 13.29 2.63
CA ASP A 43 4.83 14.38 2.13
C ASP A 43 5.84 13.87 1.10
N ALA A 44 6.61 14.80 0.52
CA ALA A 44 7.60 14.44 -0.47
C ALA A 44 8.67 13.52 0.12
N GLU A 45 9.01 13.76 1.38
CA GLU A 45 10.02 12.96 2.07
C GLU A 45 9.58 11.49 2.14
N THR A 46 8.36 11.27 2.62
CA THR A 46 7.83 9.92 2.75
C THR A 46 7.69 9.25 1.38
N LEU A 47 7.12 9.98 0.42
CA LEU A 47 6.92 9.46 -0.92
C LEU A 47 8.26 9.06 -1.54
N ASP A 48 9.24 9.96 -1.47
CA ASP A 48 10.55 9.69 -2.02
C ASP A 48 11.19 8.47 -1.37
N ARG A 49 11.14 8.42 -0.04
CA ARG A 49 11.70 7.30 0.69
C ARG A 49 11.08 5.98 0.25
N PHE A 50 9.76 5.96 0.11
CA PHE A 50 9.05 4.77 -0.31
C PHE A 50 9.38 4.42 -1.76
N LEU A 51 9.61 5.44 -2.57
CA LEU A 51 9.94 5.25 -3.98
C LEU A 51 11.34 4.67 -4.14
N LYS A 52 12.26 5.11 -3.28
CA LYS A 52 13.64 4.63 -3.32
C LYS A 52 13.72 3.17 -2.90
N THR A 53 12.88 2.79 -1.93
CA THR A 53 12.86 1.42 -1.44
C THR A 53 12.03 0.51 -2.34
N VAL A 54 10.99 1.09 -2.93
CA VAL A 54 10.11 0.35 -3.82
C VAL A 54 9.79 1.15 -5.09
N PRO A 55 9.89 0.49 -6.25
CA PRO A 55 9.62 1.12 -7.55
C PRO A 55 8.14 1.43 -7.74
N TRP A 56 7.86 2.59 -8.29
CA TRP A 56 6.48 3.01 -8.54
C TRP A 56 5.73 1.96 -9.35
N GLU A 57 6.47 1.20 -10.16
CA GLU A 57 5.89 0.17 -11.00
C GLU A 57 5.04 -0.79 -10.16
N GLN A 58 5.47 -1.02 -8.94
CA GLN A 58 4.76 -1.92 -8.03
C GLN A 58 4.32 -1.19 -6.76
N LEU A 59 4.12 0.12 -6.88
CA LEU A 59 3.70 0.93 -5.74
C LEU A 59 2.31 1.50 -5.96
N LEU A 60 1.93 1.66 -7.23
CA LEU A 60 0.62 2.18 -7.57
C LEU A 60 -0.22 1.14 -8.29
N ASN A 61 -1.53 1.20 -8.09
CA ASN A 61 -2.45 0.25 -8.73
C ASN A 61 -2.21 0.19 -10.24
N ARG A 62 -2.34 -1.00 -10.81
CA ARG A 62 -2.14 -1.19 -12.24
C ARG A 62 -3.47 -1.44 -12.95
N ALA A 63 -4.16 -2.50 -12.53
CA ALA A 63 -5.44 -2.86 -13.13
C ALA A 63 -6.58 -2.09 -12.47
N GLY A 64 -6.32 -1.57 -11.27
CA GLY A 64 -7.34 -0.81 -10.55
C GLY A 64 -7.96 0.28 -11.41
N THR A 65 -9.25 0.52 -11.20
CA THR A 65 -9.96 1.54 -11.96
C THR A 65 -9.24 2.88 -11.89
N THR A 66 -8.57 3.14 -10.76
CA THR A 66 -7.84 4.37 -10.57
C THR A 66 -6.87 4.63 -11.72
N PHE A 67 -6.25 3.56 -12.20
CA PHE A 67 -5.29 3.67 -13.31
C PHE A 67 -6.02 3.81 -14.64
N ARG A 68 -7.16 3.13 -14.76
CA ARG A 68 -7.95 3.18 -15.99
C ARG A 68 -8.69 4.51 -16.10
N LYS A 69 -8.73 5.26 -15.01
CA LYS A 69 -9.41 6.54 -14.99
C LYS A 69 -8.79 7.50 -15.99
N LEU A 70 -7.47 7.66 -15.94
CA LEU A 70 -6.76 8.54 -16.85
C LEU A 70 -6.91 8.07 -18.29
N PRO A 71 -6.69 8.99 -19.24
CA PRO A 71 -6.79 8.70 -20.67
C PRO A 71 -5.67 7.79 -21.15
N GLU A 72 -5.69 7.47 -22.45
CA GLU A 72 -4.67 6.61 -23.04
C GLU A 72 -3.33 7.34 -23.13
N ASP A 73 -3.39 8.65 -23.34
CA ASP A 73 -2.18 9.46 -23.44
C ASP A 73 -1.47 9.56 -22.10
N VAL A 74 -2.24 9.87 -21.06
CA VAL A 74 -1.68 10.00 -19.71
C VAL A 74 -1.28 8.64 -19.16
N ARG A 75 -2.11 7.63 -19.41
CA ARG A 75 -1.84 6.28 -18.93
C ARG A 75 -0.57 5.72 -19.55
N SER A 76 -0.22 6.23 -20.73
CA SER A 76 0.97 5.79 -21.43
C SER A 76 2.13 6.76 -21.23
N ASN A 77 1.80 7.99 -20.85
CA ASN A 77 2.81 9.01 -20.61
C ASN A 77 3.22 9.05 -19.14
N VAL A 78 3.40 7.86 -18.55
CA VAL A 78 3.79 7.76 -17.15
C VAL A 78 5.30 7.68 -17.01
N ASP A 79 5.85 8.50 -16.12
CA ASP A 79 7.28 8.53 -15.88
C ASP A 79 7.59 8.54 -14.39
N ALA A 80 8.88 8.51 -14.05
CA ALA A 80 9.30 8.53 -12.66
C ALA A 80 8.82 9.78 -11.95
N ALA A 81 9.27 10.94 -12.43
CA ALA A 81 8.89 12.22 -11.85
C ALA A 81 7.37 12.33 -11.73
N SER A 82 6.68 12.18 -12.85
CA SER A 82 5.22 12.27 -12.87
C SER A 82 4.60 11.31 -11.86
N ALA A 83 5.02 10.05 -11.92
CA ALA A 83 4.50 9.04 -11.00
C ALA A 83 4.63 9.50 -9.55
N ARG A 84 5.80 10.00 -9.19
CA ARG A 84 6.04 10.48 -7.84
C ARG A 84 5.14 11.67 -7.50
N GLU A 85 4.90 12.52 -8.50
CA GLU A 85 4.06 13.69 -8.32
C GLU A 85 2.59 13.29 -8.12
N LEU A 86 2.15 12.30 -8.89
CA LEU A 86 0.78 11.82 -8.81
C LEU A 86 0.51 11.15 -7.47
N MET A 87 1.46 10.31 -7.04
CA MET A 87 1.32 9.61 -5.76
C MET A 87 1.51 10.57 -4.59
N LEU A 88 2.36 11.57 -4.78
CA LEU A 88 2.64 12.56 -3.75
C LEU A 88 1.40 13.42 -3.46
N ALA A 89 0.91 14.09 -4.51
CA ALA A 89 -0.26 14.94 -4.37
C ALA A 89 -1.53 14.10 -4.21
N GLN A 90 -1.52 12.90 -4.78
CA GLN A 90 -2.66 12.00 -4.70
C GLN A 90 -2.24 10.61 -4.27
N PRO A 91 -1.92 10.46 -2.98
CA PRO A 91 -1.49 9.19 -2.40
C PRO A 91 -2.62 8.16 -2.34
N SER A 92 -3.84 8.63 -2.61
CA SER A 92 -5.01 7.75 -2.58
C SER A 92 -4.88 6.64 -3.61
N MET A 93 -4.03 6.86 -4.61
CA MET A 93 -3.81 5.87 -5.66
C MET A 93 -2.81 4.82 -5.22
N VAL A 94 -2.02 5.15 -4.20
CA VAL A 94 -1.01 4.23 -3.68
C VAL A 94 -1.61 2.86 -3.38
N LYS A 95 -0.84 1.82 -3.61
CA LYS A 95 -1.29 0.46 -3.36
C LYS A 95 -1.57 0.25 -1.88
N ARG A 96 -2.37 -0.78 -1.58
CA ARG A 96 -2.72 -1.09 -0.20
C ARG A 96 -3.60 -2.33 -0.13
N PRO A 97 -3.63 -2.97 1.05
CA PRO A 97 -2.88 -2.51 2.23
C PRO A 97 -1.37 -2.70 2.05
N VAL A 98 -0.59 -1.89 2.77
CA VAL A 98 0.86 -1.97 2.70
C VAL A 98 1.46 -2.25 4.08
N LEU A 99 2.34 -3.24 4.15
CA LEU A 99 2.99 -3.59 5.41
C LEU A 99 4.48 -3.28 5.36
N GLU A 100 4.93 -2.45 6.30
CA GLU A 100 6.34 -2.06 6.36
C GLU A 100 7.06 -2.82 7.48
N ARG A 101 8.17 -3.46 7.14
CA ARG A 101 8.95 -4.21 8.10
C ARG A 101 10.44 -3.99 7.91
N ASP A 102 11.06 -3.26 8.84
CA ASP A 102 12.48 -2.96 8.76
C ASP A 102 12.82 -2.25 7.46
N GLY A 103 11.84 -1.54 6.89
CA GLY A 103 12.06 -0.82 5.66
C GLY A 103 11.41 -1.51 4.48
N LYS A 104 11.38 -2.84 4.50
CA LYS A 104 10.79 -3.62 3.42
C LYS A 104 9.31 -3.30 3.27
N LEU A 105 8.86 -3.14 2.02
CA LEU A 105 7.46 -2.84 1.75
C LEU A 105 6.77 -4.03 1.10
N MET A 106 5.72 -4.52 1.75
CA MET A 106 4.97 -5.65 1.23
C MET A 106 3.54 -5.25 0.86
N VAL A 107 3.06 -5.75 -0.26
CA VAL A 107 1.71 -5.43 -0.73
C VAL A 107 0.71 -6.46 -0.23
N GLY A 108 -0.50 -5.99 0.07
CA GLY A 108 -1.55 -6.87 0.57
C GLY A 108 -1.92 -7.94 -0.45
N PHE A 109 -2.28 -9.12 0.04
CA PHE A 109 -2.65 -10.23 -0.84
C PHE A 109 -4.03 -10.78 -0.45
N LYS A 110 -4.70 -11.40 -1.40
CA LYS A 110 -6.01 -11.98 -1.16
C LYS A 110 -6.01 -12.88 0.06
N PRO A 111 -7.20 -13.14 0.63
CA PRO A 111 -7.35 -14.00 1.80
C PRO A 111 -7.06 -15.46 1.50
N ALA A 112 -7.67 -15.97 0.43
CA ALA A 112 -7.47 -17.35 0.04
C ALA A 112 -6.00 -17.64 -0.25
N GLN A 113 -5.31 -16.68 -0.86
CA GLN A 113 -3.90 -16.83 -1.20
C GLN A 113 -3.04 -16.77 0.07
N TYR A 114 -3.27 -15.76 0.89
CA TYR A 114 -2.51 -15.59 2.12
C TYR A 114 -2.60 -16.85 2.99
N GLU A 115 -3.80 -17.41 3.09
CA GLU A 115 -4.02 -18.61 3.88
C GLU A 115 -3.36 -19.82 3.23
N ALA A 116 -3.65 -20.01 1.95
CA ALA A 116 -3.09 -21.14 1.20
C ALA A 116 -1.57 -21.08 1.18
N TYR A 117 -1.03 -19.88 1.35
CA TYR A 117 0.43 -19.69 1.35
C TYR A 117 1.01 -20.01 2.72
N PHE A 118 0.52 -19.33 3.74
CA PHE A 118 1.00 -19.53 5.11
C PHE A 118 0.73 -20.97 5.56
N LYS A 119 -0.32 -21.56 5.02
CA LYS A 119 -0.69 -22.93 5.38
C LYS A 119 0.42 -23.90 5.00
N LEU A 120 0.60 -24.93 5.82
CA LEU A 120 1.63 -25.94 5.59
C LEU A 120 1.45 -26.59 4.21
N GLY A 1 0.34 -16.31 21.96
CA GLY A 1 0.92 -15.19 22.70
C GLY A 1 0.58 -13.85 22.09
N PRO A 2 0.82 -12.77 22.85
CA PRO A 2 0.54 -11.41 22.40
C PRO A 2 1.48 -10.96 21.29
N GLY A 3 1.14 -9.84 20.65
CA GLY A 3 1.97 -9.31 19.58
C GLY A 3 3.24 -8.65 20.09
N SER A 4 4.34 -9.39 20.07
CA SER A 4 5.62 -8.87 20.54
C SER A 4 6.23 -7.92 19.51
N MET A 5 6.17 -8.33 18.24
CA MET A 5 6.72 -7.51 17.16
C MET A 5 5.69 -6.49 16.67
N SER A 6 6.06 -5.21 16.72
CA SER A 6 5.17 -4.14 16.30
C SER A 6 5.35 -3.85 14.81
N VAL A 7 4.36 -4.23 14.02
CA VAL A 7 4.40 -4.00 12.57
C VAL A 7 3.57 -2.79 12.18
N THR A 8 3.99 -2.10 11.13
CA THR A 8 3.28 -0.92 10.65
C THR A 8 2.68 -1.16 9.28
N ILE A 9 1.37 -0.94 9.16
CA ILE A 9 0.67 -1.13 7.90
C ILE A 9 0.14 0.18 7.35
N TYR A 10 0.23 0.36 6.04
CA TYR A 10 -0.23 1.57 5.39
C TYR A 10 -1.70 1.45 4.98
N GLY A 11 -2.41 2.57 4.99
CA GLY A 11 -3.81 2.56 4.61
C GLY A 11 -4.29 3.92 4.13
N ILE A 12 -5.54 3.97 3.68
CA ILE A 12 -6.12 5.22 3.19
C ILE A 12 -7.58 5.35 3.61
N LYS A 13 -8.08 6.58 3.58
CA LYS A 13 -9.47 6.85 3.95
C LYS A 13 -10.43 6.31 2.90
N ASN A 14 -11.56 5.77 3.35
CA ASN A 14 -12.56 5.24 2.44
C ASN A 14 -12.01 4.05 1.66
N CYS A 15 -11.53 3.04 2.38
CA CYS A 15 -10.97 1.85 1.76
C CYS A 15 -11.74 0.60 2.17
N ASP A 16 -11.61 -0.46 1.39
CA ASP A 16 -12.29 -1.71 1.67
C ASP A 16 -11.29 -2.82 2.00
N THR A 17 -10.29 -2.98 1.14
CA THR A 17 -9.27 -4.00 1.34
C THR A 17 -8.66 -3.91 2.74
N MET A 18 -8.58 -2.69 3.26
CA MET A 18 -8.02 -2.47 4.60
C MET A 18 -8.85 -3.19 5.66
N LYS A 19 -10.16 -3.05 5.57
CA LYS A 19 -11.06 -3.70 6.52
C LYS A 19 -10.78 -5.19 6.61
N LYS A 20 -10.76 -5.85 5.46
CA LYS A 20 -10.49 -7.29 5.41
C LYS A 20 -9.12 -7.61 5.98
N ALA A 21 -8.11 -6.86 5.56
CA ALA A 21 -6.75 -7.07 6.05
C ALA A 21 -6.70 -7.03 7.57
N ARG A 22 -7.24 -5.96 8.14
CA ARG A 22 -7.25 -5.80 9.59
C ARG A 22 -7.96 -6.97 10.27
N ILE A 23 -9.15 -7.28 9.77
CA ILE A 23 -9.94 -8.39 10.33
C ILE A 23 -9.17 -9.70 10.25
N TRP A 24 -8.39 -9.87 9.20
CA TRP A 24 -7.59 -11.08 9.01
C TRP A 24 -6.49 -11.18 10.06
N LEU A 25 -5.65 -10.15 10.14
CA LEU A 25 -4.57 -10.12 11.10
C LEU A 25 -5.09 -10.20 12.53
N GLU A 26 -6.11 -9.39 12.82
CA GLU A 26 -6.70 -9.37 14.16
C GLU A 26 -7.26 -10.74 14.52
N ASP A 27 -7.99 -11.34 13.57
CA ASP A 27 -8.59 -12.66 13.79
C ASP A 27 -7.52 -13.70 14.10
N HIS A 28 -6.44 -13.68 13.32
CA HIS A 28 -5.35 -14.63 13.51
C HIS A 28 -4.69 -14.43 14.88
N GLY A 29 -4.95 -13.28 15.50
CA GLY A 29 -4.38 -12.99 16.80
C GLY A 29 -3.18 -12.06 16.71
N ILE A 30 -3.07 -11.34 15.60
CA ILE A 30 -1.96 -10.41 15.40
C ILE A 30 -2.42 -8.96 15.53
N ASP A 31 -1.53 -8.10 16.01
CA ASP A 31 -1.85 -6.69 16.17
C ASP A 31 -0.96 -5.83 15.28
N TYR A 32 -1.60 -5.14 14.32
CA TYR A 32 -0.87 -4.28 13.40
C TYR A 32 -1.27 -2.82 13.59
N THR A 33 -0.29 -1.93 13.45
CA THR A 33 -0.53 -0.50 13.60
C THR A 33 -1.08 0.11 12.32
N PHE A 34 -2.31 0.64 12.41
CA PHE A 34 -2.96 1.25 11.25
C PHE A 34 -2.38 2.64 10.98
N HIS A 35 -1.75 2.79 9.83
CA HIS A 35 -1.16 4.07 9.44
C HIS A 35 -1.79 4.60 8.16
N ASP A 36 -2.65 5.60 8.30
CA ASP A 36 -3.33 6.20 7.15
C ASP A 36 -2.53 7.38 6.61
N TYR A 37 -2.42 7.45 5.28
CA TYR A 37 -1.68 8.54 4.64
C TYR A 37 -2.14 9.89 5.14
N LYS A 38 -3.43 9.99 5.46
CA LYS A 38 -4.00 11.24 5.97
C LYS A 38 -3.70 11.42 7.45
N LYS A 39 -3.78 10.32 8.21
CA LYS A 39 -3.51 10.37 9.64
C LYS A 39 -2.14 10.96 9.92
N GLU A 40 -1.13 10.50 9.19
CA GLU A 40 0.23 10.99 9.36
C GLU A 40 0.50 12.16 8.43
N GLY A 41 -0.25 12.24 7.34
CA GLY A 41 -0.07 13.33 6.39
C GLY A 41 1.00 13.03 5.37
N LEU A 42 0.60 12.62 4.17
CA LEU A 42 1.54 12.31 3.10
C LEU A 42 2.34 13.54 2.71
N ASP A 43 3.66 13.38 2.63
CA ASP A 43 4.54 14.48 2.26
C ASP A 43 5.63 14.01 1.30
N ALA A 44 6.27 14.95 0.62
CA ALA A 44 7.33 14.63 -0.32
C ALA A 44 8.38 13.74 0.32
N GLU A 45 8.58 13.91 1.63
CA GLU A 45 9.57 13.12 2.37
C GLU A 45 9.16 11.65 2.40
N THR A 46 7.91 11.39 2.81
CA THR A 46 7.40 10.03 2.89
C THR A 46 7.35 9.38 1.51
N LEU A 47 6.80 10.11 0.55
CA LEU A 47 6.68 9.61 -0.82
C LEU A 47 8.04 9.22 -1.37
N ASP A 48 9.01 10.11 -1.22
CA ASP A 48 10.37 9.87 -1.71
C ASP A 48 10.98 8.64 -1.03
N ARG A 49 10.85 8.58 0.30
CA ARG A 49 11.39 7.47 1.06
C ARG A 49 10.80 6.15 0.58
N PHE A 50 9.50 6.15 0.28
CA PHE A 50 8.82 4.95 -0.19
C PHE A 50 9.24 4.61 -1.62
N LEU A 51 9.51 5.65 -2.41
CA LEU A 51 9.91 5.46 -3.80
C LEU A 51 11.30 4.82 -3.89
N LYS A 52 12.19 5.24 -3.00
CA LYS A 52 13.55 4.70 -2.97
C LYS A 52 13.54 3.24 -2.55
N THR A 53 12.56 2.86 -1.74
CA THR A 53 12.44 1.48 -1.27
C THR A 53 11.63 0.64 -2.24
N VAL A 54 10.72 1.29 -2.96
CA VAL A 54 9.88 0.60 -3.93
C VAL A 54 9.61 1.47 -5.16
N PRO A 55 9.76 0.88 -6.35
CA PRO A 55 9.55 1.59 -7.61
C PRO A 55 8.07 1.91 -7.86
N TRP A 56 7.82 3.05 -8.48
CA TRP A 56 6.45 3.48 -8.77
C TRP A 56 5.69 2.39 -9.51
N GLU A 57 6.37 1.76 -10.48
CA GLU A 57 5.74 0.70 -11.26
C GLU A 57 5.13 -0.37 -10.36
N GLN A 58 5.74 -0.57 -9.19
CA GLN A 58 5.25 -1.55 -8.23
C GLN A 58 4.80 -0.89 -6.94
N LEU A 59 4.43 0.39 -7.04
CA LEU A 59 3.98 1.14 -5.87
C LEU A 59 2.52 1.55 -6.02
N LEU A 60 2.06 1.61 -7.27
CA LEU A 60 0.67 1.99 -7.55
C LEU A 60 -0.07 0.85 -8.23
N ASN A 61 -1.38 0.79 -7.99
CA ASN A 61 -2.22 -0.25 -8.58
C ASN A 61 -2.00 -0.33 -10.09
N ARG A 62 -2.04 -1.55 -10.62
CA ARG A 62 -1.85 -1.76 -12.05
C ARG A 62 -3.15 -2.20 -12.71
N ALA A 63 -3.73 -3.29 -12.21
CA ALA A 63 -4.98 -3.81 -12.75
C ALA A 63 -6.18 -3.28 -11.96
N GLY A 64 -6.04 -2.08 -11.41
CA GLY A 64 -7.12 -1.50 -10.63
C GLY A 64 -7.87 -0.43 -11.40
N THR A 65 -9.15 -0.25 -11.08
CA THR A 65 -9.97 0.74 -11.74
C THR A 65 -9.31 2.11 -11.73
N THR A 66 -8.57 2.40 -10.66
CA THR A 66 -7.89 3.68 -10.52
C THR A 66 -6.97 3.94 -11.71
N PHE A 67 -6.15 2.95 -12.04
CA PHE A 67 -5.22 3.09 -13.17
C PHE A 67 -5.98 3.17 -14.49
N ARG A 68 -7.10 2.45 -14.57
CA ARG A 68 -7.91 2.44 -15.79
C ARG A 68 -8.73 3.72 -15.89
N LYS A 69 -8.67 4.55 -14.86
CA LYS A 69 -9.40 5.81 -14.84
C LYS A 69 -8.96 6.71 -15.99
N LEU A 70 -7.66 6.74 -16.26
CA LEU A 70 -7.12 7.57 -17.34
C LEU A 70 -7.01 6.76 -18.63
N PRO A 71 -7.01 7.47 -19.77
CA PRO A 71 -6.90 6.85 -21.09
C PRO A 71 -5.52 6.25 -21.34
N GLU A 72 -5.33 5.69 -22.53
CA GLU A 72 -4.05 5.08 -22.89
C GLU A 72 -2.98 6.15 -23.11
N ASP A 73 -3.39 7.29 -23.67
CA ASP A 73 -2.47 8.39 -23.92
C ASP A 73 -1.90 8.94 -22.62
N VAL A 74 -2.79 9.26 -21.69
CA VAL A 74 -2.38 9.80 -20.40
C VAL A 74 -1.52 8.80 -19.64
N ARG A 75 -1.89 7.52 -19.73
CA ARG A 75 -1.15 6.46 -19.05
C ARG A 75 0.17 6.16 -19.76
N SER A 76 0.23 6.52 -21.04
CA SER A 76 1.43 6.29 -21.84
C SER A 76 2.45 7.41 -21.62
N ASN A 77 1.97 8.57 -21.19
CA ASN A 77 2.84 9.71 -20.95
C ASN A 77 3.25 9.79 -19.48
N VAL A 78 3.15 8.65 -18.79
CA VAL A 78 3.52 8.58 -17.38
C VAL A 78 5.01 8.31 -17.22
N ASP A 79 5.64 9.04 -16.29
CA ASP A 79 7.07 8.88 -16.04
C ASP A 79 7.34 8.81 -14.54
N ALA A 80 8.61 8.66 -14.18
CA ALA A 80 9.00 8.58 -12.78
C ALA A 80 8.60 9.84 -12.02
N ALA A 81 9.11 10.98 -12.47
CA ALA A 81 8.81 12.26 -11.85
C ALA A 81 7.29 12.45 -11.69
N SER A 82 6.58 12.40 -12.80
CA SER A 82 5.13 12.57 -12.79
C SER A 82 4.48 11.58 -11.83
N ALA A 83 4.81 10.31 -11.99
CA ALA A 83 4.26 9.26 -11.13
C ALA A 83 4.44 9.60 -9.66
N ARG A 84 5.64 10.02 -9.30
CA ARG A 84 5.95 10.39 -7.91
C ARG A 84 5.05 11.52 -7.44
N GLU A 85 4.94 12.57 -8.25
CA GLU A 85 4.12 13.72 -7.92
C GLU A 85 2.67 13.30 -7.68
N LEU A 86 2.10 12.59 -8.64
CA LEU A 86 0.71 12.12 -8.53
C LEU A 86 0.51 11.33 -7.24
N MET A 87 1.34 10.31 -7.04
CA MET A 87 1.26 9.48 -5.84
C MET A 87 1.40 10.33 -4.57
N LEU A 88 2.19 11.39 -4.67
CA LEU A 88 2.41 12.28 -3.53
C LEU A 88 1.12 12.99 -3.14
N ALA A 89 0.54 13.70 -4.10
CA ALA A 89 -0.70 14.43 -3.85
C ALA A 89 -1.85 13.48 -3.55
N GLN A 90 -2.00 12.45 -4.38
CA GLN A 90 -3.05 11.47 -4.20
C GLN A 90 -2.48 10.08 -4.00
N PRO A 91 -2.02 9.80 -2.76
CA PRO A 91 -1.43 8.50 -2.41
C PRO A 91 -2.47 7.38 -2.38
N SER A 92 -3.74 7.75 -2.52
CA SER A 92 -4.83 6.78 -2.51
C SER A 92 -4.64 5.75 -3.61
N MET A 93 -3.84 6.09 -4.62
CA MET A 93 -3.57 5.19 -5.74
C MET A 93 -2.51 4.16 -5.36
N VAL A 94 -1.74 4.46 -4.32
CA VAL A 94 -0.69 3.56 -3.85
C VAL A 94 -1.26 2.20 -3.48
N LYS A 95 -0.59 1.14 -3.90
CA LYS A 95 -1.02 -0.22 -3.60
C LYS A 95 -1.27 -0.39 -2.10
N ARG A 96 -2.07 -1.41 -1.75
CA ARG A 96 -2.39 -1.67 -0.36
C ARG A 96 -3.19 -2.97 -0.23
N PRO A 97 -3.19 -3.55 0.99
CA PRO A 97 -2.47 -2.98 2.12
C PRO A 97 -0.95 -3.10 1.97
N VAL A 98 -0.22 -2.20 2.61
CA VAL A 98 1.23 -2.19 2.54
C VAL A 98 1.86 -2.45 3.91
N LEU A 99 2.90 -3.26 3.94
CA LEU A 99 3.58 -3.59 5.20
C LEU A 99 5.00 -3.03 5.19
N GLU A 100 5.35 -2.28 6.23
CA GLU A 100 6.68 -1.70 6.34
C GLU A 100 7.45 -2.34 7.49
N ARG A 101 8.73 -2.59 7.26
CA ARG A 101 9.59 -3.21 8.28
C ARG A 101 11.06 -2.95 7.98
N ASP A 102 11.70 -2.16 8.83
CA ASP A 102 13.12 -1.84 8.68
C ASP A 102 13.38 -1.25 7.29
N GLY A 103 12.37 -0.56 6.74
CA GLY A 103 12.51 0.03 5.42
C GLY A 103 11.98 -0.86 4.32
N LYS A 104 11.96 -2.16 4.58
CA LYS A 104 11.47 -3.12 3.60
C LYS A 104 9.95 -3.04 3.46
N LEU A 105 9.49 -2.81 2.23
CA LEU A 105 8.05 -2.71 1.97
C LEU A 105 7.52 -4.01 1.38
N MET A 106 6.27 -4.33 1.71
CA MET A 106 5.63 -5.55 1.22
C MET A 106 4.24 -5.25 0.70
N VAL A 107 3.88 -5.88 -0.42
CA VAL A 107 2.57 -5.69 -1.01
C VAL A 107 1.57 -6.73 -0.50
N GLY A 108 0.43 -6.25 -0.02
CA GLY A 108 -0.58 -7.16 0.49
C GLY A 108 -1.13 -8.08 -0.57
N PHE A 109 -1.96 -9.03 -0.16
CA PHE A 109 -2.54 -10.00 -1.09
C PHE A 109 -3.97 -10.36 -0.68
N LYS A 110 -4.77 -10.80 -1.65
CA LYS A 110 -6.15 -11.18 -1.38
C LYS A 110 -6.22 -12.17 -0.22
N PRO A 111 -7.42 -12.29 0.38
CA PRO A 111 -7.65 -13.20 1.50
C PRO A 111 -7.61 -14.67 1.07
N ALA A 112 -8.33 -14.99 0.00
CA ALA A 112 -8.38 -16.36 -0.51
C ALA A 112 -6.98 -16.85 -0.87
N GLN A 113 -6.19 -15.97 -1.48
CA GLN A 113 -4.83 -16.32 -1.88
C GLN A 113 -3.93 -16.50 -0.66
N TYR A 114 -3.98 -15.53 0.25
CA TYR A 114 -3.17 -15.59 1.46
C TYR A 114 -3.42 -16.87 2.23
N GLU A 115 -4.68 -17.27 2.31
CA GLU A 115 -5.06 -18.49 3.02
C GLU A 115 -4.57 -19.73 2.27
N ALA A 116 -4.88 -19.79 0.98
CA ALA A 116 -4.46 -20.92 0.15
C ALA A 116 -2.94 -21.05 0.11
N TYR A 117 -2.25 -19.93 0.30
CA TYR A 117 -0.80 -19.90 0.28
C TYR A 117 -0.23 -20.33 1.63
N PHE A 118 -0.88 -19.88 2.70
CA PHE A 118 -0.45 -20.21 4.05
C PHE A 118 -0.36 -21.72 4.25
N LYS A 119 -1.19 -22.45 3.51
CA LYS A 119 -1.20 -23.91 3.61
C LYS A 119 -0.07 -24.52 2.78
N LEU A 120 0.71 -25.41 3.39
CA LEU A 120 1.81 -26.06 2.71
C LEU A 120 1.32 -26.82 1.48
N GLY A 1 -0.70 -6.93 24.43
CA GLY A 1 0.09 -7.76 23.54
C GLY A 1 1.46 -7.17 23.24
N PRO A 2 2.35 -7.22 24.24
CA PRO A 2 3.70 -6.68 24.10
C PRO A 2 4.57 -7.51 23.15
N GLY A 3 5.20 -6.84 22.18
CA GLY A 3 6.03 -7.53 21.23
C GLY A 3 7.41 -6.90 21.10
N SER A 4 8.35 -7.64 20.54
CA SER A 4 9.72 -7.15 20.36
C SER A 4 9.79 -6.16 19.21
N MET A 5 9.10 -6.47 18.12
CA MET A 5 9.09 -5.61 16.95
C MET A 5 7.68 -5.08 16.67
N SER A 6 7.60 -3.86 16.17
CA SER A 6 6.32 -3.24 15.87
C SER A 6 6.07 -3.21 14.36
N VAL A 7 4.80 -3.30 13.98
CA VAL A 7 4.41 -3.29 12.57
C VAL A 7 3.30 -2.29 12.31
N THR A 8 3.42 -1.54 11.22
CA THR A 8 2.42 -0.54 10.85
C THR A 8 1.91 -0.77 9.44
N ILE A 9 0.61 -0.59 9.25
CA ILE A 9 -0.01 -0.77 7.94
C ILE A 9 -0.57 0.55 7.41
N TYR A 10 -0.35 0.80 6.12
CA TYR A 10 -0.83 2.01 5.49
C TYR A 10 -2.15 1.77 4.75
N GLY A 11 -3.02 2.78 4.75
CA GLY A 11 -4.30 2.64 4.08
C GLY A 11 -5.01 3.98 3.93
N ILE A 12 -6.27 3.92 3.51
CA ILE A 12 -7.07 5.13 3.34
C ILE A 12 -8.43 5.00 4.02
N LYS A 13 -9.18 6.09 4.02
CA LYS A 13 -10.51 6.10 4.63
C LYS A 13 -11.58 5.69 3.62
N ASN A 14 -12.57 4.94 4.09
CA ASN A 14 -13.65 4.48 3.24
C ASN A 14 -13.13 3.56 2.14
N CYS A 15 -12.52 2.45 2.54
CA CYS A 15 -11.97 1.48 1.60
C CYS A 15 -12.43 0.07 1.94
N ASP A 16 -12.29 -0.83 0.98
CA ASP A 16 -12.69 -2.22 1.17
C ASP A 16 -11.46 -3.10 1.45
N THR A 17 -10.41 -2.91 0.66
CA THR A 17 -9.20 -3.68 0.82
C THR A 17 -8.70 -3.65 2.26
N MET A 18 -8.48 -2.44 2.78
CA MET A 18 -8.01 -2.27 4.15
C MET A 18 -8.92 -3.00 5.13
N LYS A 19 -10.22 -2.99 4.86
CA LYS A 19 -11.19 -3.65 5.71
C LYS A 19 -10.86 -5.13 5.86
N LYS A 20 -10.67 -5.81 4.74
CA LYS A 20 -10.34 -7.24 4.74
C LYS A 20 -8.99 -7.48 5.42
N ALA A 21 -7.99 -6.68 5.04
CA ALA A 21 -6.66 -6.82 5.62
C ALA A 21 -6.70 -6.66 7.13
N ARG A 22 -7.44 -5.67 7.60
CA ARG A 22 -7.56 -5.40 9.03
C ARG A 22 -8.24 -6.57 9.74
N ILE A 23 -9.37 -7.00 9.20
CA ILE A 23 -10.12 -8.12 9.78
C ILE A 23 -9.28 -9.37 9.84
N TRP A 24 -8.44 -9.57 8.83
CA TRP A 24 -7.57 -10.75 8.77
C TRP A 24 -6.49 -10.68 9.85
N LEU A 25 -5.82 -9.53 9.93
CA LEU A 25 -4.77 -9.34 10.92
C LEU A 25 -5.30 -9.52 12.34
N GLU A 26 -6.43 -8.88 12.62
CA GLU A 26 -7.05 -8.97 13.93
C GLU A 26 -7.58 -10.38 14.20
N ASP A 27 -8.07 -11.02 13.14
CA ASP A 27 -8.61 -12.37 13.25
C ASP A 27 -7.52 -13.36 13.68
N HIS A 28 -6.35 -13.26 13.05
CA HIS A 28 -5.24 -14.14 13.37
C HIS A 28 -4.67 -13.82 14.75
N GLY A 29 -5.01 -12.64 15.26
CA GLY A 29 -4.53 -12.25 16.58
C GLY A 29 -3.18 -11.54 16.51
N ILE A 30 -2.99 -10.75 15.46
CA ILE A 30 -1.73 -10.03 15.29
C ILE A 30 -1.93 -8.54 15.55
N ASP A 31 -0.91 -7.91 16.14
CA ASP A 31 -0.96 -6.48 16.44
C ASP A 31 -0.43 -5.67 15.28
N TYR A 32 -1.28 -4.78 14.74
CA TYR A 32 -0.91 -3.94 13.63
C TYR A 32 -1.39 -2.51 13.83
N THR A 33 -0.51 -1.55 13.56
CA THR A 33 -0.84 -0.13 13.72
C THR A 33 -1.50 0.41 12.46
N PHE A 34 -2.71 0.97 12.62
CA PHE A 34 -3.44 1.54 11.50
C PHE A 34 -2.90 2.91 11.13
N HIS A 35 -2.47 3.06 9.88
CA HIS A 35 -1.93 4.33 9.40
C HIS A 35 -2.66 4.79 8.14
N ASP A 36 -3.28 5.95 8.22
CA ASP A 36 -4.03 6.51 7.09
C ASP A 36 -3.22 7.62 6.40
N TYR A 37 -3.20 7.59 5.08
CA TYR A 37 -2.46 8.58 4.31
C TYR A 37 -2.86 10.00 4.73
N LYS A 38 -4.13 10.17 5.09
CA LYS A 38 -4.63 11.47 5.51
C LYS A 38 -4.38 11.69 7.01
N LYS A 39 -4.46 10.61 7.78
CA LYS A 39 -4.24 10.68 9.22
C LYS A 39 -2.90 11.33 9.53
N GLU A 40 -1.92 11.13 8.66
CA GLU A 40 -0.59 11.69 8.84
C GLU A 40 -0.24 12.64 7.70
N GLY A 41 -0.26 12.12 6.48
CA GLY A 41 0.06 12.94 5.32
C GLY A 41 1.28 12.44 4.58
N LEU A 42 1.06 11.80 3.43
CA LEU A 42 2.15 11.27 2.62
C LEU A 42 3.12 12.38 2.22
N ASP A 43 4.35 12.28 2.70
CA ASP A 43 5.37 13.27 2.38
C ASP A 43 6.37 12.72 1.37
N ALA A 44 7.29 13.57 0.92
CA ALA A 44 8.29 13.18 -0.05
C ALA A 44 9.17 12.05 0.50
N GLU A 45 9.49 12.14 1.79
CA GLU A 45 10.33 11.13 2.44
C GLU A 45 9.71 9.74 2.29
N THR A 46 8.44 9.63 2.66
CA THR A 46 7.73 8.35 2.57
C THR A 46 7.58 7.91 1.11
N LEU A 47 7.04 8.78 0.28
CA LEU A 47 6.85 8.47 -1.13
C LEU A 47 8.14 7.99 -1.77
N ASP A 48 9.23 8.71 -1.52
CA ASP A 48 10.53 8.34 -2.05
C ASP A 48 11.00 6.99 -1.51
N ARG A 49 10.79 6.79 -0.22
CA ARG A 49 11.18 5.54 0.43
C ARG A 49 10.50 4.34 -0.23
N PHE A 50 9.22 4.51 -0.54
CA PHE A 50 8.45 3.44 -1.18
C PHE A 50 8.89 3.25 -2.63
N LEU A 51 9.15 4.35 -3.31
CA LEU A 51 9.57 4.30 -4.71
C LEU A 51 10.94 3.65 -4.84
N LYS A 52 11.77 3.81 -3.82
CA LYS A 52 13.10 3.23 -3.80
C LYS A 52 13.05 1.73 -3.55
N THR A 53 12.33 1.34 -2.50
CA THR A 53 12.20 -0.07 -2.15
C THR A 53 11.38 -0.82 -3.20
N VAL A 54 10.43 -0.13 -3.80
CA VAL A 54 9.57 -0.73 -4.82
C VAL A 54 9.23 0.27 -5.92
N PRO A 55 9.37 -0.16 -7.18
CA PRO A 55 9.08 0.68 -8.34
C PRO A 55 7.59 0.96 -8.50
N TRP A 56 7.27 2.14 -9.02
CA TRP A 56 5.88 2.53 -9.23
C TRP A 56 5.12 1.47 -10.00
N GLU A 57 5.76 0.92 -11.03
CA GLU A 57 5.13 -0.12 -11.85
C GLU A 57 4.61 -1.25 -10.98
N GLN A 58 5.26 -1.48 -9.85
CA GLN A 58 4.87 -2.54 -8.93
C GLN A 58 4.47 -1.96 -7.58
N LEU A 59 4.05 -0.70 -7.56
CA LEU A 59 3.65 -0.03 -6.34
C LEU A 59 2.27 0.61 -6.50
N LEU A 60 1.63 0.35 -7.64
CA LEU A 60 0.31 0.91 -7.91
C LEU A 60 -0.49 -0.02 -8.81
N ASN A 61 -1.81 -0.02 -8.63
CA ASN A 61 -2.69 -0.87 -9.44
C ASN A 61 -2.42 -0.67 -10.92
N ARG A 62 -2.53 -1.75 -11.69
CA ARG A 62 -2.30 -1.70 -13.13
C ARG A 62 -3.58 -2.02 -13.89
N ALA A 63 -4.23 -3.11 -13.52
CA ALA A 63 -5.46 -3.53 -14.16
C ALA A 63 -6.68 -3.18 -13.30
N GLY A 64 -6.56 -2.12 -12.51
CA GLY A 64 -7.65 -1.71 -11.65
C GLY A 64 -8.38 -0.49 -12.19
N THR A 65 -9.62 -0.30 -11.74
CA THR A 65 -10.42 0.84 -12.17
C THR A 65 -9.66 2.15 -11.99
N THR A 66 -8.92 2.25 -10.89
CA THR A 66 -8.16 3.46 -10.60
C THR A 66 -7.25 3.84 -11.76
N PHE A 67 -6.55 2.84 -12.30
CA PHE A 67 -5.65 3.07 -13.44
C PHE A 67 -6.43 3.36 -14.71
N ARG A 68 -7.58 2.71 -14.85
CA ARG A 68 -8.42 2.90 -16.02
C ARG A 68 -9.17 4.22 -15.95
N LYS A 69 -9.03 4.92 -14.82
CA LYS A 69 -9.69 6.19 -14.63
C LYS A 69 -9.21 7.22 -15.66
N LEU A 70 -7.93 7.18 -15.97
CA LEU A 70 -7.35 8.09 -16.94
C LEU A 70 -7.34 7.47 -18.34
N PRO A 71 -7.25 8.33 -19.37
CA PRO A 71 -7.23 7.89 -20.76
C PRO A 71 -5.93 7.17 -21.12
N GLU A 72 -5.80 6.79 -22.39
CA GLU A 72 -4.60 6.10 -22.86
C GLU A 72 -3.41 7.04 -22.92
N ASP A 73 -3.68 8.29 -23.29
CA ASP A 73 -2.63 9.31 -23.39
C ASP A 73 -2.02 9.58 -22.03
N VAL A 74 -2.87 9.89 -21.05
CA VAL A 74 -2.42 10.17 -19.69
C VAL A 74 -1.69 8.98 -19.08
N ARG A 75 -2.17 7.78 -19.41
CA ARG A 75 -1.57 6.55 -18.90
C ARG A 75 -0.28 6.21 -19.67
N SER A 76 -0.17 6.73 -20.88
CA SER A 76 1.00 6.48 -21.71
C SER A 76 2.07 7.53 -21.46
N ASN A 77 1.66 8.69 -20.96
CA ASN A 77 2.58 9.78 -20.68
C ASN A 77 3.01 9.76 -19.21
N VAL A 78 2.94 8.59 -18.60
CA VAL A 78 3.32 8.44 -17.19
C VAL A 78 4.80 8.13 -17.05
N ASP A 79 5.46 8.83 -16.12
CA ASP A 79 6.88 8.64 -15.89
C ASP A 79 7.18 8.57 -14.39
N ALA A 80 8.46 8.47 -14.06
CA ALA A 80 8.89 8.40 -12.66
C ALA A 80 8.46 9.66 -11.90
N ALA A 81 8.94 10.80 -12.35
CA ALA A 81 8.61 12.07 -11.72
C ALA A 81 7.10 12.23 -11.55
N SER A 82 6.37 12.17 -12.65
CA SER A 82 4.92 12.30 -12.63
C SER A 82 4.30 11.31 -11.65
N ALA A 83 4.66 10.04 -11.80
CA ALA A 83 4.14 9.00 -10.93
C ALA A 83 4.32 9.36 -9.46
N ARG A 84 5.57 9.67 -9.08
CA ARG A 84 5.88 10.03 -7.70
C ARG A 84 4.98 11.15 -7.23
N GLU A 85 4.83 12.18 -8.06
CA GLU A 85 3.99 13.33 -7.72
C GLU A 85 2.54 12.90 -7.49
N LEU A 86 2.01 12.14 -8.44
CA LEU A 86 0.63 11.66 -8.34
C LEU A 86 0.39 10.94 -7.02
N MET A 87 1.25 9.96 -6.72
CA MET A 87 1.13 9.20 -5.49
C MET A 87 1.32 10.09 -4.27
N LEU A 88 2.17 11.11 -4.41
CA LEU A 88 2.44 12.04 -3.32
C LEU A 88 1.16 12.77 -2.91
N ALA A 89 0.49 13.38 -3.87
CA ALA A 89 -0.74 14.11 -3.60
C ALA A 89 -1.89 13.15 -3.31
N GLN A 90 -2.03 12.12 -4.15
CA GLN A 90 -3.09 11.13 -3.97
C GLN A 90 -2.51 9.73 -3.89
N PRO A 91 -2.00 9.37 -2.71
CA PRO A 91 -1.41 8.06 -2.46
C PRO A 91 -2.45 6.94 -2.45
N SER A 92 -3.72 7.33 -2.49
CA SER A 92 -4.82 6.36 -2.48
C SER A 92 -4.72 5.42 -3.67
N MET A 93 -4.00 5.86 -4.71
CA MET A 93 -3.83 5.05 -5.91
C MET A 93 -2.75 4.00 -5.71
N VAL A 94 -1.90 4.21 -4.71
CA VAL A 94 -0.81 3.28 -4.40
C VAL A 94 -1.36 1.91 -4.02
N LYS A 95 -0.66 0.86 -4.45
CA LYS A 95 -1.07 -0.50 -4.16
C LYS A 95 -1.35 -0.68 -2.66
N ARG A 96 -2.30 -1.55 -2.34
CA ARG A 96 -2.64 -1.81 -0.95
C ARG A 96 -3.22 -3.21 -0.79
N PRO A 97 -3.21 -3.72 0.46
CA PRO A 97 -2.68 -2.98 1.60
C PRO A 97 -1.16 -2.83 1.55
N VAL A 98 -0.62 -2.01 2.43
CA VAL A 98 0.82 -1.78 2.48
C VAL A 98 1.38 -2.08 3.87
N LEU A 99 2.42 -2.92 3.90
CA LEU A 99 3.05 -3.30 5.17
C LEU A 99 4.42 -2.63 5.32
N GLU A 100 4.58 -1.86 6.39
CA GLU A 100 5.84 -1.17 6.66
C GLU A 100 6.59 -1.82 7.82
N ARG A 101 7.90 -1.91 7.70
CA ARG A 101 8.73 -2.50 8.74
C ARG A 101 10.21 -2.32 8.43
N ASP A 102 10.95 -1.77 9.39
CA ASP A 102 12.38 -1.54 9.21
C ASP A 102 12.65 -0.74 7.94
N GLY A 103 11.68 0.08 7.55
CA GLY A 103 11.83 0.89 6.35
C GLY A 103 11.35 0.18 5.11
N LYS A 104 11.71 -1.08 4.96
CA LYS A 104 11.32 -1.87 3.80
C LYS A 104 9.80 -2.01 3.74
N LEU A 105 9.23 -1.68 2.58
CA LEU A 105 7.79 -1.77 2.39
C LEU A 105 7.41 -3.07 1.70
N MET A 106 6.19 -3.54 1.96
CA MET A 106 5.71 -4.78 1.37
C MET A 106 4.32 -4.59 0.76
N VAL A 107 4.05 -5.30 -0.33
CA VAL A 107 2.76 -5.21 -1.00
C VAL A 107 1.79 -6.26 -0.47
N GLY A 108 0.55 -5.84 -0.23
CA GLY A 108 -0.45 -6.74 0.28
C GLY A 108 -0.75 -7.88 -0.70
N PHE A 109 -1.43 -8.91 -0.21
CA PHE A 109 -1.78 -10.05 -1.04
C PHE A 109 -3.16 -10.61 -0.67
N LYS A 110 -3.79 -11.28 -1.61
CA LYS A 110 -5.10 -11.87 -1.38
C LYS A 110 -5.11 -12.71 -0.10
N PRO A 111 -6.32 -12.97 0.43
CA PRO A 111 -6.48 -13.77 1.64
C PRO A 111 -6.16 -15.25 1.42
N ALA A 112 -6.72 -15.81 0.37
CA ALA A 112 -6.49 -17.21 0.04
C ALA A 112 -5.00 -17.49 -0.18
N GLN A 113 -4.32 -16.55 -0.82
CA GLN A 113 -2.89 -16.69 -1.10
C GLN A 113 -2.08 -16.56 0.19
N TYR A 114 -2.36 -15.51 0.95
CA TYR A 114 -1.65 -15.26 2.20
C TYR A 114 -1.74 -16.47 3.12
N GLU A 115 -2.93 -17.06 3.19
CA GLU A 115 -3.16 -18.23 4.04
C GLU A 115 -2.43 -19.45 3.49
N ALA A 116 -2.64 -19.72 2.21
CA ALA A 116 -2.01 -20.87 1.55
C ALA A 116 -0.49 -20.76 1.62
N TYR A 117 0.01 -19.54 1.68
CA TYR A 117 1.45 -19.30 1.74
C TYR A 117 1.97 -19.45 3.16
N PHE A 118 1.21 -18.93 4.13
CA PHE A 118 1.59 -19.02 5.53
C PHE A 118 1.82 -20.46 5.95
N LYS A 119 1.07 -21.37 5.34
CA LYS A 119 1.19 -22.80 5.65
C LYS A 119 2.54 -23.34 5.16
N LEU A 120 3.04 -24.36 5.85
CA LEU A 120 4.31 -24.98 5.48
C LEU A 120 4.10 -26.07 4.44
N GLY A 1 2.31 -7.20 27.56
CA GLY A 1 2.96 -8.32 26.92
C GLY A 1 4.13 -7.91 26.05
N PRO A 2 4.93 -8.88 25.62
CA PRO A 2 6.10 -8.64 24.77
C PRO A 2 5.72 -8.21 23.36
N GLY A 3 6.24 -7.07 22.92
CA GLY A 3 5.94 -6.58 21.60
C GLY A 3 7.17 -6.06 20.87
N SER A 4 8.23 -6.87 20.87
CA SER A 4 9.48 -6.49 20.21
C SER A 4 9.27 -6.33 18.70
N MET A 5 8.71 -7.36 18.07
CA MET A 5 8.46 -7.32 16.64
C MET A 5 7.09 -6.71 16.35
N SER A 6 7.09 -5.42 16.00
CA SER A 6 5.85 -4.71 15.70
C SER A 6 5.82 -4.29 14.24
N VAL A 7 4.70 -4.58 13.57
CA VAL A 7 4.55 -4.24 12.17
C VAL A 7 3.62 -3.04 12.00
N THR A 8 3.86 -2.25 10.97
CA THR A 8 3.05 -1.06 10.69
C THR A 8 2.38 -1.16 9.33
N ILE A 9 1.08 -0.93 9.29
CA ILE A 9 0.32 -0.98 8.04
C ILE A 9 -0.24 0.39 7.68
N TYR A 10 -0.14 0.74 6.40
CA TYR A 10 -0.64 2.02 5.92
C TYR A 10 -1.81 1.84 4.95
N GLY A 11 -2.72 2.80 4.93
CA GLY A 11 -3.87 2.72 4.06
C GLY A 11 -4.75 3.95 4.13
N ILE A 12 -6.00 3.81 3.74
CA ILE A 12 -6.95 4.92 3.76
C ILE A 12 -8.36 4.44 4.11
N LYS A 13 -9.27 5.39 4.27
CA LYS A 13 -10.65 5.07 4.60
C LYS A 13 -11.55 5.18 3.37
N ASN A 14 -10.95 5.00 2.19
CA ASN A 14 -11.71 5.09 0.94
C ASN A 14 -11.57 3.80 0.15
N CYS A 15 -11.29 2.71 0.84
CA CYS A 15 -11.14 1.40 0.20
C CYS A 15 -11.81 0.30 1.02
N ASP A 16 -11.77 -0.92 0.51
CA ASP A 16 -12.38 -2.06 1.20
C ASP A 16 -11.32 -3.10 1.55
N THR A 17 -10.28 -3.19 0.73
CA THR A 17 -9.19 -4.14 0.96
C THR A 17 -8.65 -4.02 2.38
N MET A 18 -8.63 -2.80 2.90
CA MET A 18 -8.13 -2.55 4.25
C MET A 18 -8.99 -3.28 5.29
N LYS A 19 -10.30 -3.26 5.08
CA LYS A 19 -11.23 -3.92 5.99
C LYS A 19 -10.91 -5.41 6.12
N LYS A 20 -10.79 -6.08 4.98
CA LYS A 20 -10.49 -7.50 4.96
C LYS A 20 -9.13 -7.78 5.58
N ALA A 21 -8.14 -6.97 5.22
CA ALA A 21 -6.78 -7.13 5.74
C ALA A 21 -6.77 -6.98 7.26
N ARG A 22 -7.35 -5.88 7.75
CA ARG A 22 -7.40 -5.63 9.18
C ARG A 22 -8.07 -6.77 9.93
N ILE A 23 -9.23 -7.19 9.42
CA ILE A 23 -9.98 -8.28 10.04
C ILE A 23 -9.17 -9.58 10.01
N TRP A 24 -8.44 -9.79 8.93
CA TRP A 24 -7.62 -10.99 8.78
C TRP A 24 -6.47 -10.99 9.78
N LEU A 25 -5.92 -9.80 10.04
CA LEU A 25 -4.81 -9.66 10.98
C LEU A 25 -5.29 -9.79 12.42
N GLU A 26 -6.31 -9.03 12.76
CA GLU A 26 -6.87 -9.06 14.12
C GLU A 26 -7.43 -10.44 14.43
N ASP A 27 -7.93 -11.13 13.42
CA ASP A 27 -8.49 -12.47 13.60
C ASP A 27 -7.38 -13.51 13.71
N HIS A 28 -6.37 -13.39 12.84
CA HIS A 28 -5.26 -14.32 12.85
C HIS A 28 -4.50 -14.27 14.17
N GLY A 29 -4.72 -13.21 14.93
CA GLY A 29 -4.06 -13.05 16.21
C GLY A 29 -2.81 -12.20 16.11
N ILE A 30 -2.74 -11.36 15.09
CA ILE A 30 -1.59 -10.49 14.88
C ILE A 30 -1.93 -9.04 15.20
N ASP A 31 -0.96 -8.31 15.72
CA ASP A 31 -1.15 -6.90 16.07
C ASP A 31 -0.42 -5.99 15.09
N TYR A 32 -1.19 -5.29 14.26
CA TYR A 32 -0.62 -4.39 13.27
C TYR A 32 -1.02 -2.94 13.56
N THR A 33 -0.09 -2.02 13.32
CA THR A 33 -0.35 -0.60 13.55
C THR A 33 -1.08 0.03 12.37
N PHE A 34 -2.33 0.43 12.58
CA PHE A 34 -3.13 1.05 11.54
C PHE A 34 -2.70 2.50 11.32
N HIS A 35 -2.27 2.80 10.09
CA HIS A 35 -1.84 4.16 9.74
C HIS A 35 -2.62 4.68 8.53
N ASP A 36 -3.29 5.81 8.71
CA ASP A 36 -4.06 6.42 7.64
C ASP A 36 -3.26 7.51 6.93
N TYR A 37 -3.26 7.47 5.60
CA TYR A 37 -2.53 8.44 4.81
C TYR A 37 -3.17 9.83 4.92
N LYS A 38 -4.48 9.87 4.81
CA LYS A 38 -5.22 11.12 4.91
C LYS A 38 -5.28 11.62 6.35
N LYS A 39 -5.64 10.73 7.26
CA LYS A 39 -5.74 11.05 8.67
C LYS A 39 -4.41 11.63 9.19
N GLU A 40 -3.31 10.97 8.85
CA GLU A 40 -1.99 11.41 9.27
C GLU A 40 -1.44 12.45 8.30
N GLY A 41 -1.01 12.00 7.13
CA GLY A 41 -0.47 12.90 6.14
C GLY A 41 0.60 12.24 5.28
N LEU A 42 0.92 12.86 4.15
CA LEU A 42 1.93 12.34 3.24
C LEU A 42 2.83 13.46 2.71
N ASP A 43 4.10 13.42 3.10
CA ASP A 43 5.05 14.42 2.65
C ASP A 43 6.07 13.82 1.68
N ALA A 44 6.95 14.67 1.16
CA ALA A 44 7.97 14.22 0.22
C ALA A 44 8.91 13.21 0.87
N GLU A 45 9.15 13.39 2.17
CA GLU A 45 10.03 12.49 2.91
C GLU A 45 9.50 11.07 2.89
N THR A 46 8.22 10.91 3.20
CA THR A 46 7.58 9.60 3.22
C THR A 46 7.46 9.02 1.82
N LEU A 47 6.97 9.85 0.89
CA LEU A 47 6.79 9.42 -0.50
C LEU A 47 8.12 8.98 -1.10
N ASP A 48 9.14 9.83 -0.96
CA ASP A 48 10.47 9.53 -1.48
C ASP A 48 11.05 8.30 -0.81
N ARG A 49 10.96 8.25 0.51
CA ARG A 49 11.48 7.13 1.27
C ARG A 49 10.90 5.81 0.78
N PHE A 50 9.60 5.81 0.54
CA PHE A 50 8.90 4.61 0.07
C PHE A 50 9.24 4.34 -1.40
N LEU A 51 9.46 5.40 -2.16
CA LEU A 51 9.79 5.28 -3.58
C LEU A 51 11.16 4.62 -3.76
N LYS A 52 12.09 4.94 -2.87
CA LYS A 52 13.44 4.37 -2.94
C LYS A 52 13.41 2.88 -2.60
N THR A 53 12.58 2.51 -1.64
CA THR A 53 12.46 1.11 -1.22
C THR A 53 11.60 0.32 -2.19
N VAL A 54 10.68 1.02 -2.86
CA VAL A 54 9.79 0.38 -3.83
C VAL A 54 9.46 1.32 -4.98
N PRO A 55 9.55 0.81 -6.22
CA PRO A 55 9.25 1.59 -7.42
C PRO A 55 7.77 1.91 -7.56
N TRP A 56 7.47 3.07 -8.13
CA TRP A 56 6.08 3.49 -8.32
C TRP A 56 5.28 2.42 -9.05
N GLU A 57 5.92 1.77 -10.02
CA GLU A 57 5.27 0.72 -10.80
C GLU A 57 4.71 -0.36 -9.88
N GLN A 58 5.32 -0.51 -8.71
CA GLN A 58 4.88 -1.52 -7.74
C GLN A 58 4.43 -0.86 -6.44
N LEU A 59 3.98 0.39 -6.53
CA LEU A 59 3.51 1.13 -5.37
C LEU A 59 2.17 1.80 -5.65
N LEU A 60 1.52 1.39 -6.74
CA LEU A 60 0.23 1.95 -7.10
C LEU A 60 -0.61 0.93 -7.86
N ASN A 61 -1.92 1.02 -7.71
CA ASN A 61 -2.84 0.10 -8.39
C ASN A 61 -2.55 0.04 -9.88
N ARG A 62 -2.63 -1.17 -10.44
CA ARG A 62 -2.38 -1.37 -11.86
C ARG A 62 -3.65 -1.76 -12.59
N ALA A 63 -4.29 -2.82 -12.12
CA ALA A 63 -5.54 -3.30 -12.73
C ALA A 63 -6.75 -2.75 -12.00
N GLY A 64 -6.61 -1.56 -11.42
CA GLY A 64 -7.71 -0.95 -10.70
C GLY A 64 -8.38 0.16 -11.50
N THR A 65 -9.59 0.52 -11.10
CA THR A 65 -10.35 1.55 -11.78
C THR A 65 -9.57 2.87 -11.80
N THR A 66 -8.78 3.10 -10.77
CA THR A 66 -7.99 4.32 -10.66
C THR A 66 -7.00 4.43 -11.82
N PHE A 67 -6.34 3.31 -12.13
CA PHE A 67 -5.38 3.28 -13.22
C PHE A 67 -6.08 3.30 -14.58
N ARG A 68 -7.23 2.65 -14.65
CA ARG A 68 -8.00 2.58 -15.90
C ARG A 68 -8.82 3.85 -16.08
N LYS A 69 -8.77 4.73 -15.09
CA LYS A 69 -9.52 5.99 -15.16
C LYS A 69 -9.06 6.83 -16.36
N LEU A 70 -7.88 6.53 -16.86
CA LEU A 70 -7.33 7.25 -18.00
C LEU A 70 -7.13 6.33 -19.19
N PRO A 71 -7.11 6.91 -20.40
CA PRO A 71 -6.93 6.16 -21.64
C PRO A 71 -5.51 5.60 -21.78
N GLU A 72 -5.28 4.85 -22.85
CA GLU A 72 -3.97 4.27 -23.10
C GLU A 72 -2.93 5.34 -23.39
N ASP A 73 -3.36 6.39 -24.09
CA ASP A 73 -2.47 7.50 -24.43
C ASP A 73 -1.96 8.21 -23.17
N VAL A 74 -2.90 8.59 -22.31
CA VAL A 74 -2.54 9.28 -21.07
C VAL A 74 -1.65 8.41 -20.19
N ARG A 75 -2.12 7.20 -19.89
CA ARG A 75 -1.37 6.27 -19.06
C ARG A 75 0.00 5.98 -19.67
N SER A 76 0.10 6.17 -20.98
CA SER A 76 1.35 5.92 -21.69
C SER A 76 2.33 7.08 -21.49
N ASN A 77 1.80 8.21 -21.04
CA ASN A 77 2.63 9.38 -20.81
C ASN A 77 3.10 9.44 -19.36
N VAL A 78 3.02 8.30 -18.67
CA VAL A 78 3.45 8.23 -17.28
C VAL A 78 4.96 8.06 -17.17
N ASP A 79 5.57 8.79 -16.24
CA ASP A 79 7.01 8.72 -16.04
C ASP A 79 7.34 8.70 -14.56
N ALA A 80 8.64 8.66 -14.24
CA ALA A 80 9.09 8.63 -12.86
C ALA A 80 8.61 9.86 -12.10
N ALA A 81 9.06 11.04 -12.56
CA ALA A 81 8.67 12.29 -11.92
C ALA A 81 7.15 12.39 -11.77
N SER A 82 6.45 12.27 -12.88
CA SER A 82 4.99 12.34 -12.87
C SER A 82 4.39 11.35 -11.87
N ALA A 83 4.82 10.10 -11.98
CA ALA A 83 4.33 9.06 -11.09
C ALA A 83 4.46 9.47 -9.62
N ARG A 84 5.65 9.94 -9.25
CA ARG A 84 5.91 10.38 -7.89
C ARG A 84 5.01 11.56 -7.52
N GLU A 85 4.75 12.42 -8.49
CA GLU A 85 3.91 13.59 -8.26
C GLU A 85 2.45 13.19 -8.05
N LEU A 86 2.00 12.21 -8.83
CA LEU A 86 0.62 11.73 -8.74
C LEU A 86 0.39 11.02 -7.40
N MET A 87 1.35 10.21 -7.01
CA MET A 87 1.26 9.46 -5.75
C MET A 87 1.43 10.39 -4.55
N LEU A 88 2.27 11.41 -4.72
CA LEU A 88 2.53 12.37 -3.66
C LEU A 88 1.29 13.21 -3.37
N ALA A 89 0.80 13.90 -4.39
CA ALA A 89 -0.39 14.74 -4.25
C ALA A 89 -1.65 13.89 -4.08
N GLN A 90 -1.63 12.69 -4.67
CA GLN A 90 -2.76 11.78 -4.59
C GLN A 90 -2.31 10.39 -4.19
N PRO A 91 -1.97 10.21 -2.90
CA PRO A 91 -1.53 8.92 -2.37
C PRO A 91 -2.64 7.90 -2.31
N SER A 92 -3.87 8.35 -2.55
CA SER A 92 -5.03 7.47 -2.53
C SER A 92 -4.89 6.34 -3.55
N MET A 93 -4.11 6.61 -4.59
CA MET A 93 -3.88 5.61 -5.64
C MET A 93 -2.83 4.60 -5.22
N VAL A 94 -2.03 4.96 -4.22
CA VAL A 94 -0.99 4.08 -3.73
C VAL A 94 -1.54 2.70 -3.38
N LYS A 95 -0.81 1.66 -3.78
CA LYS A 95 -1.23 0.29 -3.51
C LYS A 95 -1.55 0.09 -2.04
N ARG A 96 -2.25 -0.99 -1.72
CA ARG A 96 -2.62 -1.30 -0.35
C ARG A 96 -3.34 -2.64 -0.27
N PRO A 97 -3.37 -3.23 0.94
CA PRO A 97 -2.72 -2.63 2.12
C PRO A 97 -1.20 -2.65 2.02
N VAL A 98 -0.57 -1.63 2.61
CA VAL A 98 0.88 -1.53 2.58
C VAL A 98 1.49 -1.96 3.92
N LEU A 99 2.55 -2.76 3.85
CA LEU A 99 3.21 -3.23 5.06
C LEU A 99 4.66 -2.73 5.13
N GLU A 100 4.99 -2.07 6.23
CA GLU A 100 6.34 -1.54 6.41
C GLU A 100 7.08 -2.31 7.51
N ARG A 101 8.24 -2.83 7.16
CA ARG A 101 9.05 -3.60 8.11
C ARG A 101 10.54 -3.29 7.93
N ASP A 102 11.12 -2.63 8.92
CA ASP A 102 12.54 -2.28 8.87
C ASP A 102 12.85 -1.49 7.61
N GLY A 103 11.85 -0.76 7.10
CA GLY A 103 12.05 0.03 5.90
C GLY A 103 11.46 -0.63 4.67
N LYS A 104 11.66 -1.94 4.55
CA LYS A 104 11.14 -2.69 3.41
C LYS A 104 9.62 -2.60 3.34
N LEU A 105 9.10 -2.24 2.17
CA LEU A 105 7.67 -2.12 1.98
C LEU A 105 7.12 -3.31 1.20
N MET A 106 5.95 -3.78 1.60
CA MET A 106 5.31 -4.91 0.95
C MET A 106 3.84 -4.62 0.64
N VAL A 107 3.29 -5.32 -0.34
CA VAL A 107 1.89 -5.13 -0.73
C VAL A 107 1.03 -6.28 -0.22
N GLY A 108 -0.21 -5.96 0.15
CA GLY A 108 -1.13 -6.97 0.65
C GLY A 108 -1.43 -8.03 -0.38
N PHE A 109 -2.18 -9.05 0.03
CA PHE A 109 -2.55 -10.14 -0.86
C PHE A 109 -3.95 -10.66 -0.56
N LYS A 110 -4.58 -11.27 -1.56
CA LYS A 110 -5.92 -11.81 -1.40
C LYS A 110 -6.00 -12.71 -0.17
N PRO A 111 -7.23 -12.94 0.32
CA PRO A 111 -7.47 -13.79 1.49
C PRO A 111 -7.20 -15.27 1.21
N ALA A 112 -7.75 -15.77 0.10
CA ALA A 112 -7.57 -17.15 -0.29
C ALA A 112 -6.10 -17.47 -0.54
N GLN A 113 -5.40 -16.52 -1.14
CA GLN A 113 -3.98 -16.70 -1.44
C GLN A 113 -3.16 -16.70 -0.15
N TYR A 114 -3.39 -15.70 0.70
CA TYR A 114 -2.67 -15.60 1.96
C TYR A 114 -2.81 -16.86 2.79
N GLU A 115 -4.05 -17.34 2.93
CA GLU A 115 -4.32 -18.54 3.71
C GLU A 115 -3.68 -19.75 3.05
N ALA A 116 -3.85 -19.88 1.73
CA ALA A 116 -3.29 -21.00 1.00
C ALA A 116 -1.78 -21.05 1.14
N TYR A 117 -1.13 -19.90 0.96
CA TYR A 117 0.32 -19.81 1.07
C TYR A 117 0.78 -20.12 2.50
N PHE A 118 0.01 -19.63 3.47
CA PHE A 118 0.33 -19.85 4.88
C PHE A 118 -0.42 -21.07 5.43
N LYS A 119 -0.77 -21.99 4.54
CA LYS A 119 -1.48 -23.20 4.94
C LYS A 119 -0.51 -24.31 5.30
N LEU A 120 -0.78 -24.98 6.42
CA LEU A 120 0.08 -26.07 6.87
C LEU A 120 0.16 -27.18 5.82
N GLY A 1 8.32 -11.07 26.96
CA GLY A 1 6.96 -11.59 26.86
C GLY A 1 6.56 -11.90 25.43
N PRO A 2 5.26 -12.15 25.23
CA PRO A 2 4.70 -12.46 23.90
C PRO A 2 4.72 -11.26 22.97
N GLY A 3 5.01 -11.50 21.69
CA GLY A 3 5.06 -10.43 20.72
C GLY A 3 6.29 -9.57 20.87
N SER A 4 7.44 -10.11 20.47
CA SER A 4 8.70 -9.38 20.57
C SER A 4 8.63 -8.07 19.79
N MET A 5 8.21 -8.16 18.53
CA MET A 5 8.09 -6.98 17.68
C MET A 5 6.68 -6.84 17.12
N SER A 6 6.43 -5.75 16.41
CA SER A 6 5.11 -5.51 15.82
C SER A 6 5.25 -5.02 14.38
N VAL A 7 4.31 -5.43 13.53
CA VAL A 7 4.32 -5.05 12.13
C VAL A 7 3.52 -3.77 11.91
N THR A 8 3.97 -2.94 10.97
CA THR A 8 3.30 -1.69 10.65
C THR A 8 2.60 -1.76 9.31
N ILE A 9 1.29 -1.49 9.30
CA ILE A 9 0.51 -1.53 8.08
C ILE A 9 -0.01 -0.14 7.72
N TYR A 10 0.07 0.21 6.44
CA TYR A 10 -0.39 1.51 5.97
C TYR A 10 -1.66 1.37 5.14
N GLY A 11 -2.43 2.45 5.04
CA GLY A 11 -3.66 2.43 4.27
C GLY A 11 -4.32 3.80 4.20
N ILE A 12 -5.61 3.80 3.89
CA ILE A 12 -6.37 5.05 3.79
C ILE A 12 -7.79 4.87 4.33
N LYS A 13 -8.54 5.96 4.35
CA LYS A 13 -9.92 5.93 4.83
C LYS A 13 -10.86 5.41 3.75
N ASN A 14 -10.84 6.06 2.59
CA ASN A 14 -11.69 5.67 1.47
C ASN A 14 -11.16 4.40 0.81
N CYS A 15 -11.33 3.27 1.48
CA CYS A 15 -10.86 1.99 0.95
C CYS A 15 -11.64 0.83 1.58
N ASP A 16 -11.80 -0.24 0.82
CA ASP A 16 -12.52 -1.42 1.30
C ASP A 16 -11.55 -2.55 1.63
N THR A 17 -10.45 -2.62 0.88
CA THR A 17 -9.45 -3.66 1.09
C THR A 17 -8.98 -3.68 2.54
N MET A 18 -8.71 -2.49 3.08
CA MET A 18 -8.24 -2.38 4.46
C MET A 18 -9.17 -3.13 5.41
N LYS A 19 -10.47 -3.05 5.14
CA LYS A 19 -11.47 -3.73 5.97
C LYS A 19 -11.16 -5.22 6.09
N LYS A 20 -10.95 -5.87 4.95
CA LYS A 20 -10.65 -7.30 4.93
C LYS A 20 -9.30 -7.57 5.59
N ALA A 21 -8.31 -6.72 5.31
CA ALA A 21 -6.98 -6.87 5.88
C ALA A 21 -7.02 -6.81 7.40
N ARG A 22 -7.76 -5.83 7.92
CA ARG A 22 -7.89 -5.65 9.36
C ARG A 22 -8.61 -6.84 9.99
N ILE A 23 -9.76 -7.20 9.41
CA ILE A 23 -10.55 -8.32 9.93
C ILE A 23 -9.72 -9.60 9.95
N TRP A 24 -8.87 -9.78 8.94
CA TRP A 24 -8.03 -10.96 8.85
C TRP A 24 -6.97 -10.96 9.95
N LEU A 25 -6.19 -9.89 10.01
CA LEU A 25 -5.15 -9.77 11.02
C LEU A 25 -5.72 -9.85 12.42
N GLU A 26 -6.87 -9.20 12.62
CA GLU A 26 -7.53 -9.20 13.92
C GLU A 26 -8.09 -10.58 14.25
N ASP A 27 -8.75 -11.20 13.28
CA ASP A 27 -9.33 -12.53 13.46
C ASP A 27 -8.26 -13.53 13.89
N HIS A 28 -7.12 -13.48 13.22
CA HIS A 28 -6.02 -14.39 13.53
C HIS A 28 -5.51 -14.17 14.95
N GLY A 29 -5.85 -13.01 15.52
CA GLY A 29 -5.42 -12.69 16.87
C GLY A 29 -4.15 -11.86 16.89
N ILE A 30 -3.85 -11.23 15.76
CA ILE A 30 -2.66 -10.40 15.65
C ILE A 30 -3.01 -8.92 15.61
N ASP A 31 -2.13 -8.08 16.14
CA ASP A 31 -2.36 -6.65 16.16
C ASP A 31 -1.33 -5.92 15.30
N TYR A 32 -1.82 -5.18 14.31
CA TYR A 32 -0.95 -4.44 13.40
C TYR A 32 -1.10 -2.94 13.59
N THR A 33 -0.06 -2.20 13.28
CA THR A 33 -0.08 -0.75 13.42
C THR A 33 -0.74 -0.08 12.21
N PHE A 34 -1.95 0.44 12.42
CA PHE A 34 -2.69 1.10 11.34
C PHE A 34 -2.15 2.51 11.11
N HIS A 35 -1.66 2.75 9.90
CA HIS A 35 -1.13 4.06 9.54
C HIS A 35 -1.83 4.62 8.31
N ASP A 36 -2.70 5.59 8.52
CA ASP A 36 -3.44 6.21 7.42
C ASP A 36 -2.62 7.32 6.77
N TYR A 37 -2.55 7.30 5.44
CA TYR A 37 -1.79 8.31 4.71
C TYR A 37 -2.50 9.66 4.76
N LYS A 38 -3.82 9.63 4.84
CA LYS A 38 -4.61 10.85 4.89
C LYS A 38 -4.50 11.51 6.27
N LYS A 39 -4.90 10.78 7.30
CA LYS A 39 -4.84 11.28 8.67
C LYS A 39 -3.45 11.78 9.01
N GLU A 40 -2.44 10.97 8.68
CA GLU A 40 -1.05 11.34 8.96
C GLU A 40 -0.56 12.39 7.98
N GLY A 41 -1.14 12.39 6.78
CA GLY A 41 -0.75 13.35 5.76
C GLY A 41 0.54 12.97 5.06
N LEU A 42 0.41 12.38 3.88
CA LEU A 42 1.58 11.96 3.11
C LEU A 42 2.39 13.16 2.65
N ASP A 43 3.70 13.11 2.88
CA ASP A 43 4.59 14.20 2.49
C ASP A 43 5.61 13.72 1.47
N ALA A 44 6.31 14.67 0.84
CA ALA A 44 7.32 14.34 -0.16
C ALA A 44 8.36 13.39 0.41
N GLU A 45 8.82 13.67 1.63
CA GLU A 45 9.81 12.84 2.28
C GLU A 45 9.38 11.37 2.29
N THR A 46 8.16 11.13 2.74
CA THR A 46 7.62 9.78 2.80
C THR A 46 7.54 9.15 1.42
N LEU A 47 6.94 9.89 0.48
CA LEU A 47 6.80 9.41 -0.89
C LEU A 47 8.15 9.00 -1.47
N ASP A 48 9.14 9.87 -1.34
CA ASP A 48 10.48 9.61 -1.84
C ASP A 48 11.06 8.36 -1.19
N ARG A 49 10.94 8.27 0.13
CA ARG A 49 11.46 7.13 0.87
C ARG A 49 10.88 5.82 0.33
N PHE A 50 9.57 5.82 0.08
CA PHE A 50 8.90 4.64 -0.44
C PHE A 50 9.25 4.41 -1.91
N LEU A 51 9.56 5.49 -2.60
CA LEU A 51 9.91 5.42 -4.02
C LEU A 51 11.27 4.74 -4.20
N LYS A 52 12.20 5.03 -3.30
CA LYS A 52 13.54 4.46 -3.37
C LYS A 52 13.51 2.98 -3.00
N THR A 53 12.79 2.65 -1.93
CA THR A 53 12.67 1.27 -1.47
C THR A 53 11.80 0.45 -2.41
N VAL A 54 10.80 1.09 -3.00
CA VAL A 54 9.89 0.42 -3.92
C VAL A 54 9.58 1.31 -5.13
N PRO A 55 9.66 0.71 -6.32
CA PRO A 55 9.40 1.42 -7.58
C PRO A 55 7.92 1.78 -7.74
N TRP A 56 7.67 2.99 -8.22
CA TRP A 56 6.29 3.46 -8.43
C TRP A 56 5.52 2.51 -9.34
N GLU A 57 6.26 1.78 -10.18
CA GLU A 57 5.65 0.85 -11.11
C GLU A 57 4.94 -0.28 -10.35
N GLN A 58 5.49 -0.64 -9.20
CA GLN A 58 4.91 -1.72 -8.39
C GLN A 58 4.49 -1.18 -7.02
N LEU A 59 4.13 0.10 -6.97
CA LEU A 59 3.71 0.73 -5.73
C LEU A 59 2.25 1.15 -5.80
N LEU A 60 1.72 1.21 -7.02
CA LEU A 60 0.32 1.61 -7.22
C LEU A 60 -0.40 0.58 -8.10
N ASN A 61 -1.70 0.42 -7.84
CA ASN A 61 -2.51 -0.52 -8.61
C ASN A 61 -2.33 -0.30 -10.11
N ARG A 62 -2.35 -1.39 -10.87
CA ARG A 62 -2.20 -1.32 -12.32
C ARG A 62 -3.50 -1.66 -13.02
N ALA A 63 -4.21 -2.65 -12.49
CA ALA A 63 -5.49 -3.08 -13.06
C ALA A 63 -6.66 -2.35 -12.41
N GLY A 64 -6.44 -1.86 -11.19
CA GLY A 64 -7.49 -1.15 -10.49
C GLY A 64 -8.09 -0.02 -11.31
N THR A 65 -9.38 0.22 -11.14
CA THR A 65 -10.08 1.26 -11.87
C THR A 65 -9.34 2.59 -11.77
N THR A 66 -8.71 2.83 -10.62
CA THR A 66 -7.97 4.05 -10.40
C THR A 66 -6.96 4.31 -11.51
N PHE A 67 -6.35 3.23 -12.00
CA PHE A 67 -5.37 3.33 -13.07
C PHE A 67 -6.05 3.51 -14.43
N ARG A 68 -7.20 2.88 -14.59
CA ARG A 68 -7.96 2.97 -15.84
C ARG A 68 -8.76 4.27 -15.89
N LYS A 69 -8.71 5.04 -14.81
CA LYS A 69 -9.43 6.30 -14.73
C LYS A 69 -8.97 7.26 -15.83
N LEU A 70 -7.77 7.01 -16.36
CA LEU A 70 -7.22 7.85 -17.41
C LEU A 70 -7.13 7.08 -18.73
N PRO A 71 -7.09 7.83 -19.85
CA PRO A 71 -7.00 7.24 -21.18
C PRO A 71 -5.65 6.58 -21.45
N GLU A 72 -5.50 6.00 -22.64
CA GLU A 72 -4.26 5.34 -23.02
C GLU A 72 -3.15 6.36 -23.25
N ASP A 73 -3.54 7.58 -23.61
CA ASP A 73 -2.58 8.65 -23.86
C ASP A 73 -1.98 9.16 -22.56
N VAL A 74 -2.85 9.52 -21.62
CA VAL A 74 -2.41 10.02 -20.32
C VAL A 74 -1.51 9.02 -19.61
N ARG A 75 -2.02 7.81 -19.44
CA ARG A 75 -1.26 6.75 -18.77
C ARG A 75 0.06 6.49 -19.50
N SER A 76 0.09 6.80 -20.78
CA SER A 76 1.28 6.59 -21.59
C SER A 76 2.31 7.68 -21.34
N ASN A 77 1.85 8.80 -20.79
CA ASN A 77 2.73 9.93 -20.49
C ASN A 77 3.20 9.89 -19.04
N VAL A 78 3.19 8.69 -18.46
CA VAL A 78 3.61 8.51 -17.08
C VAL A 78 5.11 8.25 -17.00
N ASP A 79 5.77 8.92 -16.06
CA ASP A 79 7.21 8.76 -15.86
C ASP A 79 7.57 8.81 -14.39
N ALA A 80 8.87 8.84 -14.11
CA ALA A 80 9.35 8.90 -12.73
C ALA A 80 8.83 10.14 -12.01
N ALA A 81 9.20 11.31 -12.51
CA ALA A 81 8.76 12.56 -11.91
C ALA A 81 7.24 12.59 -11.73
N SER A 82 6.52 12.40 -12.83
CA SER A 82 5.06 12.40 -12.79
C SER A 82 4.54 11.41 -11.75
N ALA A 83 5.07 10.19 -11.79
CA ALA A 83 4.66 9.15 -10.86
C ALA A 83 4.75 9.64 -9.42
N ARG A 84 5.89 10.23 -9.07
CA ARG A 84 6.10 10.75 -7.72
C ARG A 84 5.12 11.88 -7.41
N GLU A 85 4.83 12.70 -8.42
CA GLU A 85 3.92 13.82 -8.25
C GLU A 85 2.49 13.33 -8.00
N LEU A 86 2.08 12.33 -8.78
CA LEU A 86 0.74 11.77 -8.65
C LEU A 86 0.56 11.10 -7.28
N MET A 87 1.52 10.27 -6.90
CA MET A 87 1.46 9.58 -5.62
C MET A 87 1.59 10.57 -4.46
N LEU A 88 2.35 11.63 -4.68
CA LEU A 88 2.56 12.65 -3.66
C LEU A 88 1.25 13.40 -3.36
N ALA A 89 0.57 13.83 -4.42
CA ALA A 89 -0.69 14.54 -4.27
C ALA A 89 -1.82 13.60 -3.88
N GLN A 90 -1.93 12.48 -4.59
CA GLN A 90 -2.96 11.49 -4.31
C GLN A 90 -2.36 10.11 -4.10
N PRO A 91 -1.78 9.90 -2.90
CA PRO A 91 -1.15 8.63 -2.54
C PRO A 91 -2.17 7.52 -2.35
N SER A 92 -3.45 7.88 -2.38
CA SER A 92 -4.53 6.91 -2.20
C SER A 92 -4.57 5.93 -3.37
N MET A 93 -3.83 6.25 -4.43
CA MET A 93 -3.77 5.40 -5.61
C MET A 93 -2.84 4.21 -5.39
N VAL A 94 -1.96 4.33 -4.40
CA VAL A 94 -1.01 3.27 -4.09
C VAL A 94 -1.74 1.96 -3.79
N LYS A 95 -1.01 0.85 -3.92
CA LYS A 95 -1.58 -0.47 -3.67
C LYS A 95 -1.86 -0.66 -2.18
N ARG A 96 -2.63 -1.70 -1.86
CA ARG A 96 -2.98 -1.99 -0.47
C ARG A 96 -3.54 -3.41 -0.34
N PRO A 97 -3.45 -3.97 0.87
CA PRO A 97 -2.84 -3.30 2.01
C PRO A 97 -1.33 -3.15 1.85
N VAL A 98 -0.75 -2.23 2.62
CA VAL A 98 0.69 -1.99 2.57
C VAL A 98 1.36 -2.37 3.88
N LEU A 99 2.42 -3.17 3.78
CA LEU A 99 3.15 -3.61 4.97
C LEU A 99 4.58 -3.10 4.94
N GLU A 100 5.08 -2.66 6.09
CA GLU A 100 6.43 -2.15 6.20
C GLU A 100 7.26 -2.99 7.18
N ARG A 101 8.53 -3.18 6.86
CA ARG A 101 9.42 -3.96 7.70
C ARG A 101 10.87 -3.87 7.21
N ASP A 102 11.76 -3.44 8.10
CA ASP A 102 13.17 -3.31 7.75
C ASP A 102 13.37 -2.26 6.66
N GLY A 103 12.57 -1.20 6.72
CA GLY A 103 12.67 -0.15 5.72
C GLY A 103 12.25 -0.61 4.34
N LYS A 104 11.54 -1.74 4.29
CA LYS A 104 11.09 -2.29 3.02
C LYS A 104 9.57 -2.37 2.97
N LEU A 105 8.98 -1.94 1.87
CA LEU A 105 7.54 -1.96 1.71
C LEU A 105 7.09 -3.19 0.92
N MET A 106 5.98 -3.79 1.33
CA MET A 106 5.45 -4.97 0.68
C MET A 106 3.97 -4.81 0.36
N VAL A 107 3.52 -5.44 -0.73
CA VAL A 107 2.13 -5.36 -1.13
C VAL A 107 1.31 -6.50 -0.54
N GLY A 108 0.08 -6.20 -0.15
CA GLY A 108 -0.78 -7.21 0.43
C GLY A 108 -1.08 -8.35 -0.53
N PHE A 109 -1.72 -9.40 -0.03
CA PHE A 109 -2.07 -10.55 -0.85
C PHE A 109 -3.52 -10.95 -0.65
N LYS A 110 -4.09 -11.62 -1.65
CA LYS A 110 -5.48 -12.05 -1.58
C LYS A 110 -5.72 -12.89 -0.33
N PRO A 111 -7.00 -12.99 0.07
CA PRO A 111 -7.40 -13.76 1.25
C PRO A 111 -7.25 -15.27 1.05
N ALA A 112 -7.76 -15.76 -0.08
CA ALA A 112 -7.68 -17.18 -0.40
C ALA A 112 -6.22 -17.64 -0.49
N GLN A 113 -5.37 -16.79 -1.03
CA GLN A 113 -3.95 -17.10 -1.17
C GLN A 113 -3.25 -17.08 0.19
N TYR A 114 -3.47 -16.01 0.94
CA TYR A 114 -2.86 -15.87 2.26
C TYR A 114 -3.20 -17.05 3.15
N GLU A 115 -4.46 -17.48 3.11
CA GLU A 115 -4.92 -18.61 3.92
C GLU A 115 -4.34 -19.92 3.39
N ALA A 116 -4.47 -20.14 2.08
CA ALA A 116 -3.95 -21.36 1.46
C ALA A 116 -2.45 -21.46 1.64
N TYR A 117 -1.80 -20.33 1.83
CA TYR A 117 -0.35 -20.29 2.01
C TYR A 117 0.03 -20.63 3.45
N PHE A 118 -0.51 -19.86 4.39
CA PHE A 118 -0.24 -20.07 5.79
C PHE A 118 -0.71 -21.45 6.25
N LYS A 119 -1.81 -21.91 5.65
CA LYS A 119 -2.37 -23.22 6.00
C LYS A 119 -1.68 -24.32 5.20
N LEU A 120 -1.26 -25.37 5.90
CA LEU A 120 -0.60 -26.50 5.26
C LEU A 120 -1.54 -27.21 4.29
N GLY A 1 14.30 -12.83 22.80
CA GLY A 1 13.99 -11.92 21.71
C GLY A 1 12.57 -11.43 21.75
N PRO A 2 12.28 -10.52 22.69
CA PRO A 2 10.94 -9.94 22.85
C PRO A 2 10.56 -9.02 21.70
N GLY A 3 9.43 -8.33 21.86
CA GLY A 3 8.98 -7.41 20.81
C GLY A 3 9.61 -6.04 20.93
N SER A 4 10.73 -5.85 20.26
CA SER A 4 11.43 -4.57 20.29
C SER A 4 10.88 -3.62 19.23
N MET A 5 10.49 -4.18 18.09
CA MET A 5 9.95 -3.38 17.00
C MET A 5 8.53 -3.83 16.65
N SER A 6 7.85 -3.04 15.84
CA SER A 6 6.48 -3.36 15.43
C SER A 6 6.26 -3.01 13.96
N VAL A 7 5.37 -3.75 13.31
CA VAL A 7 5.07 -3.54 11.90
C VAL A 7 3.92 -2.55 11.74
N THR A 8 3.92 -1.82 10.63
CA THR A 8 2.87 -0.84 10.34
C THR A 8 2.29 -1.05 8.96
N ILE A 9 0.99 -0.79 8.82
CA ILE A 9 0.31 -0.94 7.54
C ILE A 9 -0.20 0.40 7.02
N TYR A 10 -0.03 0.62 5.72
CA TYR A 10 -0.46 1.87 5.10
C TYR A 10 -1.65 1.63 4.18
N GLY A 11 -2.67 2.48 4.31
CA GLY A 11 -3.86 2.36 3.48
C GLY A 11 -4.71 3.60 3.48
N ILE A 12 -5.96 3.47 3.08
CA ILE A 12 -6.88 4.60 3.04
C ILE A 12 -8.21 4.26 3.71
N LYS A 13 -9.03 5.28 3.93
CA LYS A 13 -10.33 5.09 4.56
C LYS A 13 -11.45 5.32 3.56
N ASN A 14 -11.24 4.88 2.32
CA ASN A 14 -12.24 5.02 1.27
C ASN A 14 -12.29 3.77 0.40
N CYS A 15 -12.33 2.61 1.04
CA CYS A 15 -12.38 1.34 0.31
C CYS A 15 -12.97 0.25 1.19
N ASP A 16 -13.04 -0.97 0.64
CA ASP A 16 -13.58 -2.10 1.37
C ASP A 16 -12.51 -3.15 1.64
N THR A 17 -11.54 -3.24 0.73
CA THR A 17 -10.45 -4.20 0.88
C THR A 17 -9.78 -4.07 2.24
N MET A 18 -9.56 -2.83 2.68
CA MET A 18 -8.93 -2.57 3.96
C MET A 18 -9.63 -3.34 5.07
N LYS A 19 -10.96 -3.42 5.00
CA LYS A 19 -11.74 -4.13 6.00
C LYS A 19 -11.29 -5.58 6.12
N LYS A 20 -11.22 -6.27 4.98
CA LYS A 20 -10.80 -7.67 4.97
C LYS A 20 -9.37 -7.81 5.48
N ALA A 21 -8.47 -6.96 4.97
CA ALA A 21 -7.07 -6.99 5.38
C ALA A 21 -6.94 -6.80 6.89
N ARG A 22 -7.66 -5.82 7.42
CA ARG A 22 -7.61 -5.54 8.85
C ARG A 22 -8.13 -6.72 9.65
N ILE A 23 -9.30 -7.22 9.27
CA ILE A 23 -9.90 -8.36 9.95
C ILE A 23 -8.98 -9.58 9.92
N TRP A 24 -8.24 -9.72 8.84
CA TRP A 24 -7.31 -10.84 8.68
C TRP A 24 -6.14 -10.72 9.65
N LEU A 25 -5.47 -9.56 9.61
CA LEU A 25 -4.33 -9.32 10.48
C LEU A 25 -4.74 -9.35 11.95
N GLU A 26 -5.94 -8.86 12.22
CA GLU A 26 -6.46 -8.83 13.59
C GLU A 26 -6.87 -10.23 14.05
N ASP A 27 -7.67 -10.90 13.24
CA ASP A 27 -8.12 -12.26 13.56
C ASP A 27 -6.93 -13.18 13.83
N HIS A 28 -5.93 -13.11 12.97
CA HIS A 28 -4.74 -13.94 13.11
C HIS A 28 -3.97 -13.57 14.38
N GLY A 29 -4.29 -12.40 14.94
CA GLY A 29 -3.61 -11.96 16.15
C GLY A 29 -2.21 -11.46 15.89
N ILE A 30 -2.07 -10.59 14.90
CA ILE A 30 -0.77 -10.03 14.55
C ILE A 30 -0.66 -8.58 15.00
N ASP A 31 0.50 -8.22 15.54
CA ASP A 31 0.74 -6.86 16.00
C ASP A 31 1.10 -5.94 14.85
N TYR A 32 0.16 -5.10 14.45
CA TYR A 32 0.38 -4.16 13.35
C TYR A 32 -0.40 -2.87 13.56
N THR A 33 0.26 -1.74 13.33
CA THR A 33 -0.37 -0.43 13.50
C THR A 33 -1.04 0.02 12.21
N PHE A 34 -2.22 0.64 12.35
CA PHE A 34 -2.97 1.12 11.19
C PHE A 34 -2.58 2.55 10.86
N HIS A 35 -2.16 2.77 9.61
CA HIS A 35 -1.76 4.10 9.16
C HIS A 35 -2.49 4.48 7.88
N ASP A 36 -3.18 5.61 7.91
CA ASP A 36 -3.92 6.09 6.74
C ASP A 36 -3.13 7.17 6.00
N TYR A 37 -3.36 7.26 4.69
CA TYR A 37 -2.67 8.25 3.87
C TYR A 37 -2.93 9.66 4.38
N LYS A 38 -4.12 9.88 4.94
CA LYS A 38 -4.49 11.19 5.47
C LYS A 38 -4.06 11.33 6.91
N LYS A 39 -4.44 10.36 7.75
CA LYS A 39 -4.08 10.38 9.16
C LYS A 39 -2.57 10.51 9.34
N GLU A 40 -1.82 9.70 8.59
CA GLU A 40 -0.37 9.73 8.67
C GLU A 40 0.19 10.89 7.86
N GLY A 41 -0.57 11.33 6.86
CA GLY A 41 -0.12 12.44 6.02
C GLY A 41 1.04 12.06 5.13
N LEU A 42 0.74 11.72 3.88
CA LEU A 42 1.77 11.33 2.92
C LEU A 42 2.49 12.56 2.37
N ASP A 43 3.74 12.74 2.75
CA ASP A 43 4.54 13.86 2.28
C ASP A 43 5.59 13.41 1.28
N ALA A 44 6.33 14.36 0.73
CA ALA A 44 7.37 14.07 -0.24
C ALA A 44 8.44 13.16 0.36
N GLU A 45 8.84 13.44 1.60
CA GLU A 45 9.85 12.65 2.28
C GLU A 45 9.47 11.17 2.27
N THR A 46 8.24 10.88 2.70
CA THR A 46 7.76 9.51 2.75
C THR A 46 7.68 8.90 1.36
N LEU A 47 7.04 9.61 0.44
CA LEU A 47 6.89 9.14 -0.94
C LEU A 47 8.25 8.81 -1.54
N ASP A 48 9.22 9.69 -1.32
CA ASP A 48 10.57 9.48 -1.85
C ASP A 48 11.21 8.24 -1.23
N ARG A 49 11.16 8.15 0.09
CA ARG A 49 11.74 7.03 0.81
C ARG A 49 11.16 5.71 0.29
N PHE A 50 9.86 5.71 0.00
CA PHE A 50 9.19 4.51 -0.49
C PHE A 50 9.59 4.23 -1.95
N LEU A 51 9.76 5.29 -2.72
CA LEU A 51 10.14 5.15 -4.12
C LEU A 51 11.53 4.55 -4.26
N LYS A 52 12.43 4.92 -3.34
CA LYS A 52 13.79 4.42 -3.36
C LYS A 52 13.83 2.94 -3.02
N THR A 53 13.00 2.53 -2.06
CA THR A 53 12.93 1.14 -1.63
C THR A 53 12.15 0.30 -2.63
N VAL A 54 11.18 0.93 -3.28
CA VAL A 54 10.35 0.24 -4.27
C VAL A 54 10.03 1.16 -5.45
N PRO A 55 10.19 0.63 -6.67
CA PRO A 55 9.92 1.38 -7.90
C PRO A 55 8.44 1.63 -8.11
N TRP A 56 8.11 2.77 -8.71
CA TRP A 56 6.73 3.14 -8.97
C TRP A 56 6.01 2.05 -9.75
N GLU A 57 6.77 1.30 -10.55
CA GLU A 57 6.20 0.23 -11.35
C GLU A 57 5.45 -0.77 -10.47
N GLN A 58 5.93 -0.95 -9.25
CA GLN A 58 5.30 -1.87 -8.30
C GLN A 58 4.88 -1.14 -7.03
N LEU A 59 4.58 0.15 -7.16
CA LEU A 59 4.15 0.95 -6.01
C LEU A 59 2.77 1.54 -6.25
N LEU A 60 2.51 2.00 -7.47
CA LEU A 60 1.22 2.58 -7.82
C LEU A 60 0.35 1.57 -8.53
N ASN A 61 -0.96 1.66 -8.31
CA ASN A 61 -1.91 0.75 -8.94
C ASN A 61 -1.97 0.96 -10.44
N ARG A 62 -2.15 -0.11 -11.18
CA ARG A 62 -2.21 -0.04 -12.64
C ARG A 62 -3.53 -0.60 -13.15
N ALA A 63 -3.94 -1.74 -12.60
CA ALA A 63 -5.19 -2.38 -13.00
C ALA A 63 -6.39 -1.73 -12.31
N GLY A 64 -6.12 -1.06 -11.19
CA GLY A 64 -7.19 -0.41 -10.46
C GLY A 64 -8.00 0.55 -11.32
N THR A 65 -9.03 1.13 -10.74
CA THR A 65 -9.88 2.07 -11.46
C THR A 65 -9.26 3.45 -11.53
N THR A 66 -8.57 3.83 -10.45
CA THR A 66 -7.91 5.13 -10.39
C THR A 66 -7.01 5.36 -11.59
N PHE A 67 -6.20 4.36 -11.91
CA PHE A 67 -5.28 4.44 -13.04
C PHE A 67 -6.03 4.33 -14.37
N ARG A 68 -7.08 3.52 -14.37
CA ARG A 68 -7.89 3.32 -15.57
C ARG A 68 -8.57 4.63 -15.98
N LYS A 69 -8.67 5.56 -15.05
CA LYS A 69 -9.29 6.85 -15.31
C LYS A 69 -8.56 7.60 -16.43
N LEU A 70 -7.25 7.74 -16.27
CA LEU A 70 -6.44 8.43 -17.26
C LEU A 70 -6.49 7.72 -18.61
N PRO A 71 -6.22 8.47 -19.69
CA PRO A 71 -6.23 7.92 -21.05
C PRO A 71 -5.07 6.96 -21.30
N GLU A 72 -5.02 6.42 -22.51
CA GLU A 72 -3.96 5.48 -22.88
C GLU A 72 -2.63 6.21 -23.03
N ASP A 73 -2.69 7.46 -23.46
CA ASP A 73 -1.49 8.26 -23.65
C ASP A 73 -0.86 8.63 -22.31
N VAL A 74 -1.66 9.17 -21.41
CA VAL A 74 -1.19 9.57 -20.10
C VAL A 74 -0.78 8.35 -19.27
N ARG A 75 -1.58 7.28 -19.37
CA ARG A 75 -1.30 6.05 -18.63
C ARG A 75 0.05 5.47 -19.04
N SER A 76 0.46 5.73 -20.28
CA SER A 76 1.74 5.23 -20.79
C SER A 76 2.82 6.29 -20.68
N ASN A 77 2.40 7.54 -20.51
CA ASN A 77 3.33 8.66 -20.39
C ASN A 77 3.66 8.94 -18.93
N VAL A 78 3.87 7.88 -18.16
CA VAL A 78 4.19 8.02 -16.74
C VAL A 78 5.68 7.97 -16.51
N ASP A 79 6.19 8.93 -15.74
CA ASP A 79 7.62 9.00 -15.44
C ASP A 79 7.86 8.91 -13.94
N ALA A 80 9.13 8.92 -13.54
CA ALA A 80 9.50 8.85 -12.14
C ALA A 80 9.00 10.07 -11.37
N ALA A 81 9.46 11.24 -11.78
CA ALA A 81 9.07 12.49 -11.13
C ALA A 81 7.55 12.60 -11.03
N SER A 82 6.88 12.53 -12.17
CA SER A 82 5.42 12.61 -12.21
C SER A 82 4.79 11.60 -11.27
N ALA A 83 5.22 10.35 -11.38
CA ALA A 83 4.70 9.28 -10.54
C ALA A 83 4.76 9.66 -9.07
N ARG A 84 5.93 10.12 -8.63
CA ARG A 84 6.13 10.51 -7.23
C ARG A 84 5.16 11.63 -6.85
N GLU A 85 5.02 12.61 -7.75
CA GLU A 85 4.13 13.73 -7.50
C GLU A 85 2.67 13.28 -7.38
N LEU A 86 2.24 12.44 -8.32
CA LEU A 86 0.88 11.93 -8.31
C LEU A 86 0.57 11.21 -7.01
N MET A 87 1.41 10.25 -6.65
CA MET A 87 1.23 9.49 -5.41
C MET A 87 1.34 10.41 -4.20
N LEU A 88 2.18 11.43 -4.31
CA LEU A 88 2.38 12.38 -3.22
C LEU A 88 1.08 13.09 -2.87
N ALA A 89 0.46 13.70 -3.87
CA ALA A 89 -0.80 14.41 -3.68
C ALA A 89 -1.95 13.45 -3.46
N GLN A 90 -2.05 12.44 -4.32
CA GLN A 90 -3.10 11.44 -4.23
C GLN A 90 -2.53 10.04 -4.09
N PRO A 91 -2.10 9.69 -2.87
CA PRO A 91 -1.51 8.38 -2.59
C PRO A 91 -2.54 7.26 -2.63
N SER A 92 -3.81 7.64 -2.76
CA SER A 92 -4.89 6.67 -2.82
C SER A 92 -4.70 5.70 -3.99
N MET A 93 -3.89 6.11 -4.97
CA MET A 93 -3.61 5.28 -6.12
C MET A 93 -2.55 4.23 -5.81
N VAL A 94 -1.79 4.47 -4.74
CA VAL A 94 -0.75 3.54 -4.32
C VAL A 94 -1.33 2.18 -3.97
N LYS A 95 -0.59 1.13 -4.31
CA LYS A 95 -1.03 -0.24 -4.02
C LYS A 95 -1.44 -0.39 -2.55
N ARG A 96 -2.18 -1.44 -2.25
CA ARG A 96 -2.64 -1.69 -0.89
C ARG A 96 -3.36 -3.02 -0.79
N PRO A 97 -3.37 -3.61 0.41
CA PRO A 97 -2.74 -3.01 1.59
C PRO A 97 -1.22 -3.02 1.50
N VAL A 98 -0.58 -2.09 2.20
CA VAL A 98 0.88 -2.00 2.19
C VAL A 98 1.45 -2.28 3.57
N LEU A 99 2.38 -3.23 3.64
CA LEU A 99 3.01 -3.59 4.91
C LEU A 99 4.48 -3.19 4.92
N GLU A 100 4.84 -2.33 5.87
CA GLU A 100 6.22 -1.86 5.99
C GLU A 100 6.94 -2.58 7.13
N ARG A 101 7.94 -3.37 6.78
CA ARG A 101 8.71 -4.11 7.77
C ARG A 101 10.19 -3.76 7.70
N ASP A 102 10.68 -3.07 8.73
CA ASP A 102 12.08 -2.67 8.77
C ASP A 102 12.47 -1.87 7.53
N GLY A 103 11.51 -1.11 7.01
CA GLY A 103 11.76 -0.32 5.82
C GLY A 103 11.24 -0.96 4.56
N LYS A 104 11.44 -2.28 4.45
CA LYS A 104 10.99 -3.03 3.29
C LYS A 104 9.47 -2.93 3.13
N LEU A 105 9.04 -2.65 1.90
CA LEU A 105 7.61 -2.55 1.61
C LEU A 105 7.06 -3.83 1.00
N MET A 106 5.92 -4.28 1.51
CA MET A 106 5.30 -5.50 1.01
C MET A 106 3.91 -5.22 0.45
N VAL A 107 3.55 -5.88 -0.64
CA VAL A 107 2.26 -5.70 -1.27
C VAL A 107 1.24 -6.71 -0.73
N GLY A 108 0.04 -6.22 -0.43
CA GLY A 108 -1.00 -7.09 0.09
C GLY A 108 -1.41 -8.16 -0.91
N PHE A 109 -2.11 -9.17 -0.42
CA PHE A 109 -2.56 -10.27 -1.27
C PHE A 109 -3.94 -10.75 -0.86
N LYS A 110 -4.66 -11.36 -1.81
CA LYS A 110 -6.00 -11.86 -1.53
C LYS A 110 -6.01 -12.76 -0.30
N PRO A 111 -7.21 -12.97 0.28
CA PRO A 111 -7.38 -13.81 1.46
C PRO A 111 -7.17 -15.29 1.15
N ALA A 112 -7.82 -15.77 0.09
CA ALA A 112 -7.70 -17.16 -0.32
C ALA A 112 -6.24 -17.54 -0.58
N GLN A 113 -5.52 -16.64 -1.24
CA GLN A 113 -4.11 -16.87 -1.56
C GLN A 113 -3.26 -16.85 -0.29
N TYR A 114 -3.43 -15.81 0.50
CA TYR A 114 -2.66 -15.67 1.74
C TYR A 114 -2.81 -16.91 2.62
N GLU A 115 -4.04 -17.45 2.67
CA GLU A 115 -4.31 -18.63 3.48
C GLU A 115 -3.66 -19.87 2.87
N ALA A 116 -3.89 -20.07 1.57
CA ALA A 116 -3.33 -21.21 0.86
C ALA A 116 -1.80 -21.19 0.89
N TYR A 117 -1.24 -19.98 1.00
CA TYR A 117 0.20 -19.81 1.04
C TYR A 117 0.74 -20.04 2.44
N PHE A 118 0.01 -19.55 3.44
CA PHE A 118 0.41 -19.69 4.83
C PHE A 118 0.61 -21.16 5.19
N LYS A 119 -0.16 -22.03 4.54
CA LYS A 119 -0.06 -23.47 4.79
C LYS A 119 1.16 -24.06 4.09
N LEU A 120 1.96 -24.80 4.85
CA LEU A 120 3.16 -25.42 4.31
C LEU A 120 3.00 -26.93 4.24
N GLY A 1 3.98 -18.89 10.36
CA GLY A 1 4.71 -17.65 10.20
C GLY A 1 4.59 -16.74 11.41
N PRO A 2 5.30 -17.09 12.49
CA PRO A 2 5.29 -16.31 13.73
C PRO A 2 6.00 -14.98 13.58
N GLY A 3 5.51 -13.97 14.31
CA GLY A 3 6.12 -12.65 14.24
C GLY A 3 6.02 -11.90 15.56
N SER A 4 7.00 -12.10 16.43
CA SER A 4 7.01 -11.45 17.73
C SER A 4 7.26 -9.96 17.59
N MET A 5 8.16 -9.59 16.67
CA MET A 5 8.49 -8.19 16.43
C MET A 5 7.26 -7.43 15.96
N SER A 6 7.32 -6.10 16.09
CA SER A 6 6.21 -5.24 15.69
C SER A 6 6.27 -4.94 14.19
N VAL A 7 5.11 -4.91 13.55
CA VAL A 7 5.03 -4.62 12.12
C VAL A 7 4.11 -3.44 11.85
N THR A 8 4.46 -2.65 10.84
CA THR A 8 3.66 -1.48 10.47
C THR A 8 2.93 -1.71 9.15
N ILE A 9 1.61 -1.52 9.17
CA ILE A 9 0.80 -1.70 7.97
C ILE A 9 0.19 -0.39 7.52
N TYR A 10 0.20 -0.15 6.21
CA TYR A 10 -0.36 1.08 5.66
C TYR A 10 -1.60 0.78 4.81
N GLY A 11 -2.52 1.73 4.77
CA GLY A 11 -3.74 1.55 3.99
C GLY A 11 -4.60 2.80 3.96
N ILE A 12 -5.87 2.63 3.60
CA ILE A 12 -6.79 3.76 3.54
C ILE A 12 -8.19 3.33 3.96
N LYS A 13 -8.90 4.24 4.63
CA LYS A 13 -10.25 3.97 5.10
C LYS A 13 -11.25 4.02 3.95
N ASN A 14 -10.79 4.50 2.80
CA ASN A 14 -11.63 4.60 1.61
C ASN A 14 -11.46 3.37 0.72
N CYS A 15 -11.35 2.20 1.35
CA CYS A 15 -11.18 0.95 0.61
C CYS A 15 -11.62 -0.24 1.46
N ASP A 16 -12.59 -0.99 0.95
CA ASP A 16 -13.10 -2.16 1.66
C ASP A 16 -11.97 -3.14 1.98
N THR A 17 -11.04 -3.28 1.05
CA THR A 17 -9.91 -4.19 1.24
C THR A 17 -9.21 -3.92 2.56
N MET A 18 -9.02 -2.65 2.88
CA MET A 18 -8.35 -2.27 4.13
C MET A 18 -9.00 -2.96 5.32
N LYS A 19 -10.32 -2.82 5.44
CA LYS A 19 -11.06 -3.43 6.54
C LYS A 19 -10.74 -4.92 6.63
N LYS A 20 -10.86 -5.63 5.52
CA LYS A 20 -10.60 -7.06 5.48
C LYS A 20 -9.20 -7.37 6.03
N ALA A 21 -8.20 -6.65 5.53
CA ALA A 21 -6.84 -6.84 5.98
C ALA A 21 -6.72 -6.71 7.49
N ARG A 22 -7.25 -5.60 8.02
CA ARG A 22 -7.20 -5.34 9.46
C ARG A 22 -7.92 -6.44 10.23
N ILE A 23 -9.14 -6.77 9.79
CA ILE A 23 -9.93 -7.81 10.43
C ILE A 23 -9.19 -9.14 10.44
N TRP A 24 -8.43 -9.39 9.37
CA TRP A 24 -7.67 -10.63 9.25
C TRP A 24 -6.53 -10.68 10.26
N LEU A 25 -5.74 -9.61 10.29
CA LEU A 25 -4.61 -9.53 11.22
C LEU A 25 -5.08 -9.69 12.67
N GLU A 26 -6.15 -8.97 13.02
CA GLU A 26 -6.69 -9.05 14.37
C GLU A 26 -7.32 -10.41 14.64
N ASP A 27 -7.95 -10.98 13.61
CA ASP A 27 -8.60 -12.27 13.73
C ASP A 27 -7.58 -13.36 14.09
N HIS A 28 -6.44 -13.34 13.40
CA HIS A 28 -5.39 -14.32 13.64
C HIS A 28 -4.78 -14.13 15.03
N GLY A 29 -5.02 -12.96 15.63
CA GLY A 29 -4.50 -12.69 16.94
C GLY A 29 -3.18 -11.93 16.89
N ILE A 30 -2.96 -11.20 15.80
CA ILE A 30 -1.73 -10.43 15.63
C ILE A 30 -2.00 -8.93 15.80
N ASP A 31 -1.00 -8.20 16.28
CA ASP A 31 -1.13 -6.77 16.48
C ASP A 31 -0.25 -6.00 15.50
N TYR A 32 -0.88 -5.33 14.55
CA TYR A 32 -0.16 -4.56 13.54
C TYR A 32 -0.45 -3.06 13.68
N THR A 33 0.51 -2.24 13.26
CA THR A 33 0.36 -0.80 13.34
C THR A 33 -0.43 -0.25 12.15
N PHE A 34 -1.66 0.17 12.41
CA PHE A 34 -2.52 0.70 11.36
C PHE A 34 -2.13 2.13 11.01
N HIS A 35 -1.72 2.34 9.77
CA HIS A 35 -1.31 3.65 9.30
C HIS A 35 -2.12 4.08 8.08
N ASP A 36 -2.90 5.15 8.24
CA ASP A 36 -3.73 5.66 7.16
C ASP A 36 -2.97 6.67 6.32
N TYR A 37 -3.05 6.52 5.00
CA TYR A 37 -2.36 7.42 4.08
C TYR A 37 -3.02 8.80 4.07
N LYS A 38 -4.35 8.80 4.21
CA LYS A 38 -5.11 10.05 4.21
C LYS A 38 -5.17 10.64 5.62
N LYS A 39 -5.55 9.82 6.59
CA LYS A 39 -5.65 10.27 7.97
C LYS A 39 -4.34 10.90 8.44
N GLU A 40 -3.23 10.22 8.16
CA GLU A 40 -1.92 10.72 8.54
C GLU A 40 -1.43 11.79 7.58
N GLY A 41 -1.93 11.74 6.35
CA GLY A 41 -1.54 12.71 5.35
C GLY A 41 -0.24 12.35 4.66
N LEU A 42 -0.33 12.00 3.38
CA LEU A 42 0.85 11.63 2.60
C LEU A 42 1.59 12.86 2.11
N ASP A 43 2.80 13.06 2.65
CA ASP A 43 3.62 14.22 2.26
C ASP A 43 4.75 13.79 1.33
N ALA A 44 5.51 14.76 0.87
CA ALA A 44 6.63 14.47 -0.03
C ALA A 44 7.67 13.58 0.64
N GLU A 45 7.86 13.76 1.94
CA GLU A 45 8.82 12.97 2.70
C GLU A 45 8.47 11.49 2.63
N THR A 46 7.20 11.17 2.88
CA THR A 46 6.74 9.79 2.84
C THR A 46 6.78 9.23 1.42
N LEU A 47 6.24 9.99 0.48
CA LEU A 47 6.21 9.57 -0.92
C LEU A 47 7.62 9.31 -1.44
N ASP A 48 8.53 10.25 -1.22
CA ASP A 48 9.91 10.11 -1.66
C ASP A 48 10.57 8.91 -0.99
N ARG A 49 10.44 8.84 0.34
CA ARG A 49 11.04 7.75 1.10
C ARG A 49 10.56 6.39 0.57
N PHE A 50 9.26 6.29 0.29
CA PHE A 50 8.69 5.06 -0.22
C PHE A 50 9.12 4.80 -1.66
N LEU A 51 9.36 5.88 -2.39
CA LEU A 51 9.79 5.78 -3.79
C LEU A 51 11.20 5.19 -3.88
N LYS A 52 12.07 5.62 -2.98
CA LYS A 52 13.44 5.14 -2.96
C LYS A 52 13.50 3.67 -2.55
N THR A 53 12.82 3.33 -1.47
CA THR A 53 12.79 1.96 -0.98
C THR A 53 12.03 1.05 -1.94
N VAL A 54 11.01 1.61 -2.59
CA VAL A 54 10.20 0.85 -3.54
C VAL A 54 9.79 1.71 -4.72
N PRO A 55 9.95 1.16 -5.95
CA PRO A 55 9.60 1.87 -7.18
C PRO A 55 8.09 2.03 -7.34
N TRP A 56 7.69 3.19 -7.84
CA TRP A 56 6.27 3.47 -8.06
C TRP A 56 5.63 2.41 -8.93
N GLU A 57 6.43 1.78 -9.79
CA GLU A 57 5.94 0.74 -10.68
C GLU A 57 5.39 -0.44 -9.89
N GLN A 58 5.90 -0.62 -8.67
CA GLN A 58 5.46 -1.71 -7.82
C GLN A 58 4.93 -1.18 -6.49
N LEU A 59 4.38 0.02 -6.53
CA LEU A 59 3.83 0.65 -5.32
C LEU A 59 2.43 1.20 -5.59
N LEU A 60 1.93 0.96 -6.79
CA LEU A 60 0.61 1.44 -7.17
C LEU A 60 -0.06 0.48 -8.16
N ASN A 61 -1.30 0.11 -7.87
CA ASN A 61 -2.05 -0.81 -8.73
C ASN A 61 -2.02 -0.34 -10.18
N ARG A 62 -1.95 -1.29 -11.11
CA ARG A 62 -1.91 -0.97 -12.53
C ARG A 62 -3.11 -1.58 -13.25
N ALA A 63 -3.59 -2.71 -12.74
CA ALA A 63 -4.73 -3.39 -13.33
C ALA A 63 -6.03 -2.98 -12.66
N GLY A 64 -6.07 -1.75 -12.15
CA GLY A 64 -7.26 -1.26 -11.49
C GLY A 64 -7.89 -0.09 -12.22
N THR A 65 -9.11 0.27 -11.81
CA THR A 65 -9.81 1.38 -12.44
C THR A 65 -8.96 2.64 -12.46
N THR A 66 -8.11 2.80 -11.45
CA THR A 66 -7.24 3.95 -11.35
C THR A 66 -6.44 4.16 -12.63
N PHE A 67 -5.78 3.10 -13.09
CA PHE A 67 -4.99 3.16 -14.31
C PHE A 67 -5.87 3.38 -15.52
N ARG A 68 -7.07 2.81 -15.49
CA ARG A 68 -8.02 2.95 -16.60
C ARG A 68 -8.67 4.32 -16.59
N LYS A 69 -8.39 5.10 -15.54
CA LYS A 69 -8.96 6.43 -15.41
C LYS A 69 -8.46 7.34 -16.52
N LEU A 70 -7.14 7.41 -16.69
CA LEU A 70 -6.54 8.25 -17.72
C LEU A 70 -6.50 7.51 -19.06
N PRO A 71 -6.39 8.28 -20.16
CA PRO A 71 -6.34 7.72 -21.51
C PRO A 71 -5.03 6.99 -21.78
N GLU A 72 -4.91 6.43 -22.99
CA GLU A 72 -3.70 5.70 -23.37
C GLU A 72 -2.53 6.64 -23.56
N ASP A 73 -2.83 7.89 -23.91
CA ASP A 73 -1.78 8.90 -24.12
C ASP A 73 -1.17 9.33 -22.79
N VAL A 74 -2.04 9.72 -21.86
CA VAL A 74 -1.58 10.16 -20.54
C VAL A 74 -0.80 9.06 -19.82
N ARG A 75 -1.36 7.86 -19.82
CA ARG A 75 -0.72 6.72 -19.18
C ARG A 75 0.57 6.34 -19.89
N SER A 76 0.67 6.72 -21.16
CA SER A 76 1.85 6.42 -21.97
C SER A 76 2.99 7.36 -21.64
N ASN A 77 2.65 8.52 -21.10
CA ASN A 77 3.64 9.52 -20.73
C ASN A 77 4.02 9.40 -19.26
N VAL A 78 3.79 8.22 -18.69
CA VAL A 78 4.11 7.98 -17.30
C VAL A 78 5.62 7.86 -17.09
N ASP A 79 6.14 8.57 -16.10
CA ASP A 79 7.57 8.54 -15.80
C ASP A 79 7.81 8.61 -14.30
N ALA A 80 9.08 8.70 -13.91
CA ALA A 80 9.43 8.77 -12.49
C ALA A 80 8.86 10.03 -11.84
N ALA A 81 9.26 11.19 -12.36
CA ALA A 81 8.80 12.46 -11.83
C ALA A 81 7.27 12.48 -11.73
N SER A 82 6.60 12.29 -12.86
CA SER A 82 5.14 12.28 -12.90
C SER A 82 4.57 11.30 -11.88
N ALA A 83 5.15 10.11 -11.83
CA ALA A 83 4.70 9.08 -10.91
C ALA A 83 4.68 9.61 -9.47
N ARG A 84 5.79 10.22 -9.06
CA ARG A 84 5.90 10.76 -7.72
C ARG A 84 4.86 11.85 -7.48
N GLU A 85 4.70 12.74 -8.44
CA GLU A 85 3.72 13.83 -8.34
C GLU A 85 2.31 13.28 -8.23
N LEU A 86 2.01 12.28 -9.05
CA LEU A 86 0.68 11.66 -9.04
C LEU A 86 0.37 11.05 -7.69
N MET A 87 1.26 10.19 -7.20
CA MET A 87 1.08 9.55 -5.91
C MET A 87 1.03 10.57 -4.78
N LEU A 88 1.77 11.66 -4.95
CA LEU A 88 1.80 12.72 -3.95
C LEU A 88 0.44 13.40 -3.82
N ALA A 89 -0.15 13.76 -4.96
CA ALA A 89 -1.44 14.42 -4.98
C ALA A 89 -2.56 13.43 -4.63
N GLN A 90 -2.54 12.27 -5.28
CA GLN A 90 -3.55 11.24 -5.04
C GLN A 90 -2.89 9.93 -4.62
N PRO A 91 -2.50 9.85 -3.35
CA PRO A 91 -1.85 8.65 -2.79
C PRO A 91 -2.81 7.48 -2.67
N SER A 92 -4.09 7.75 -2.91
CA SER A 92 -5.13 6.72 -2.81
C SER A 92 -4.89 5.63 -3.86
N MET A 93 -4.05 5.93 -4.84
CA MET A 93 -3.74 4.98 -5.90
C MET A 93 -2.71 3.95 -5.43
N VAL A 94 -1.99 4.30 -4.37
CA VAL A 94 -0.98 3.40 -3.82
C VAL A 94 -1.56 2.04 -3.48
N LYS A 95 -0.86 0.98 -3.88
CA LYS A 95 -1.31 -0.39 -3.62
C LYS A 95 -1.53 -0.61 -2.13
N ARG A 96 -2.33 -1.61 -1.80
CA ARG A 96 -2.62 -1.94 -0.40
C ARG A 96 -3.35 -3.26 -0.29
N PRO A 97 -3.30 -3.88 0.90
CA PRO A 97 -2.57 -3.31 2.04
C PRO A 97 -1.06 -3.35 1.84
N VAL A 98 -0.35 -2.54 2.62
CA VAL A 98 1.11 -2.48 2.52
C VAL A 98 1.76 -2.77 3.87
N LEU A 99 2.90 -3.47 3.84
CA LEU A 99 3.62 -3.81 5.06
C LEU A 99 5.04 -3.25 5.02
N GLU A 100 5.52 -2.82 6.18
CA GLU A 100 6.86 -2.26 6.28
C GLU A 100 7.71 -3.05 7.28
N ARG A 101 9.00 -3.19 6.98
CA ARG A 101 9.91 -3.93 7.84
C ARG A 101 11.36 -3.75 7.39
N ASP A 102 12.18 -3.20 8.28
CA ASP A 102 13.59 -2.97 7.97
C ASP A 102 13.74 -2.20 6.66
N GLY A 103 12.79 -1.32 6.38
CA GLY A 103 12.83 -0.55 5.16
C GLY A 103 12.13 -1.23 4.01
N LYS A 104 12.38 -2.52 3.85
CA LYS A 104 11.76 -3.29 2.77
C LYS A 104 10.24 -3.30 2.90
N LEU A 105 9.56 -2.99 1.81
CA LEU A 105 8.10 -2.96 1.81
C LEU A 105 7.53 -4.25 1.25
N MET A 106 6.34 -4.62 1.71
CA MET A 106 5.68 -5.84 1.24
C MET A 106 4.28 -5.53 0.70
N VAL A 107 3.89 -6.24 -0.35
CA VAL A 107 2.58 -6.04 -0.96
C VAL A 107 1.55 -7.00 -0.36
N GLY A 108 0.38 -6.46 -0.06
CA GLY A 108 -0.69 -7.27 0.51
C GLY A 108 -1.13 -8.39 -0.41
N PHE A 109 -1.95 -9.29 0.11
CA PHE A 109 -2.45 -10.41 -0.67
C PHE A 109 -3.88 -10.77 -0.28
N LYS A 110 -4.63 -11.35 -1.21
CA LYS A 110 -6.00 -11.75 -0.96
C LYS A 110 -6.11 -12.60 0.30
N PRO A 111 -7.32 -12.70 0.86
CA PRO A 111 -7.58 -13.49 2.06
C PRO A 111 -7.47 -14.99 1.82
N ALA A 112 -8.12 -15.45 0.76
CA ALA A 112 -8.10 -16.87 0.41
C ALA A 112 -6.68 -17.34 0.13
N GLN A 113 -5.90 -16.51 -0.56
CA GLN A 113 -4.52 -16.84 -0.90
C GLN A 113 -3.66 -16.87 0.37
N TYR A 114 -3.76 -15.82 1.18
CA TYR A 114 -2.99 -15.74 2.41
C TYR A 114 -3.21 -16.96 3.29
N GLU A 115 -4.49 -17.32 3.47
CA GLU A 115 -4.84 -18.47 4.29
C GLU A 115 -4.30 -19.76 3.68
N ALA A 116 -4.52 -19.93 2.38
CA ALA A 116 -4.06 -21.12 1.68
C ALA A 116 -2.54 -21.28 1.80
N TYR A 117 -1.82 -20.19 1.52
CA TYR A 117 -0.36 -20.20 1.59
C TYR A 117 0.11 -20.36 3.03
N PHE A 118 -0.70 -19.86 3.96
CA PHE A 118 -0.35 -19.93 5.38
C PHE A 118 -0.11 -21.38 5.80
N LYS A 119 -0.73 -22.31 5.08
CA LYS A 119 -0.57 -23.73 5.38
C LYS A 119 0.83 -24.21 5.04
N LEU A 120 1.45 -24.92 5.98
CA LEU A 120 2.79 -25.44 5.77
C LEU A 120 2.79 -26.58 4.76
N GLY A 1 6.15 -4.95 29.30
CA GLY A 1 5.58 -5.03 27.96
C GLY A 1 6.64 -5.19 26.89
N PRO A 2 7.27 -6.37 26.84
CA PRO A 2 8.32 -6.66 25.85
C PRO A 2 7.77 -6.77 24.43
N GLY A 3 8.15 -5.82 23.59
CA GLY A 3 7.69 -5.82 22.21
C GLY A 3 8.57 -4.99 21.30
N SER A 4 9.84 -5.36 21.22
CA SER A 4 10.80 -4.64 20.38
C SER A 4 10.44 -4.78 18.91
N MET A 5 9.79 -5.89 18.57
CA MET A 5 9.39 -6.16 17.18
C MET A 5 7.95 -5.73 16.94
N SER A 6 7.78 -4.60 16.26
CA SER A 6 6.45 -4.08 15.98
C SER A 6 6.22 -4.00 14.47
N VAL A 7 4.95 -4.04 14.06
CA VAL A 7 4.59 -3.97 12.65
C VAL A 7 3.57 -2.86 12.40
N THR A 8 3.82 -2.06 11.38
CA THR A 8 2.93 -0.96 11.03
C THR A 8 2.32 -1.17 9.65
N ILE A 9 1.01 -0.95 9.55
CA ILE A 9 0.28 -1.12 8.30
C ILE A 9 -0.25 0.22 7.79
N TYR A 10 -0.12 0.44 6.49
CA TYR A 10 -0.60 1.68 5.88
C TYR A 10 -1.79 1.41 4.96
N GLY A 11 -2.82 2.23 5.10
CA GLY A 11 -4.01 2.07 4.28
C GLY A 11 -4.94 3.27 4.35
N ILE A 12 -6.17 3.10 3.92
CA ILE A 12 -7.15 4.17 3.93
C ILE A 12 -8.51 3.67 4.43
N LYS A 13 -9.46 4.59 4.56
CA LYS A 13 -10.79 4.25 5.02
C LYS A 13 -11.72 3.97 3.85
N ASN A 14 -11.42 4.55 2.70
CA ASN A 14 -12.22 4.35 1.50
C ASN A 14 -11.79 3.09 0.76
N CYS A 15 -11.78 1.96 1.46
CA CYS A 15 -11.40 0.70 0.85
C CYS A 15 -11.99 -0.47 1.64
N ASP A 16 -12.48 -1.48 0.91
CA ASP A 16 -13.07 -2.66 1.54
C ASP A 16 -12.00 -3.67 1.92
N THR A 17 -10.96 -3.77 1.09
CA THR A 17 -9.86 -4.70 1.35
C THR A 17 -9.32 -4.53 2.76
N MET A 18 -9.16 -3.29 3.19
CA MET A 18 -8.65 -2.99 4.52
C MET A 18 -9.44 -3.75 5.59
N LYS A 19 -10.77 -3.70 5.48
CA LYS A 19 -11.65 -4.37 6.43
C LYS A 19 -11.23 -5.83 6.59
N LYS A 20 -11.10 -6.53 5.47
CA LYS A 20 -10.71 -7.94 5.49
C LYS A 20 -9.33 -8.12 6.12
N ALA A 21 -8.42 -7.20 5.81
CA ALA A 21 -7.07 -7.25 6.35
C ALA A 21 -7.09 -7.26 7.88
N ARG A 22 -7.78 -6.29 8.45
CA ARG A 22 -7.88 -6.18 9.90
C ARG A 22 -8.55 -7.42 10.50
N ILE A 23 -9.68 -7.81 9.91
CA ILE A 23 -10.41 -8.98 10.38
C ILE A 23 -9.53 -10.22 10.40
N TRP A 24 -8.67 -10.34 9.40
CA TRP A 24 -7.76 -11.49 9.31
C TRP A 24 -6.71 -11.43 10.41
N LEU A 25 -5.98 -10.33 10.47
CA LEU A 25 -4.93 -10.14 11.47
C LEU A 25 -5.50 -10.29 12.88
N GLU A 26 -6.67 -9.70 13.09
CA GLU A 26 -7.33 -9.77 14.40
C GLU A 26 -7.72 -11.20 14.74
N ASP A 27 -8.34 -11.88 13.79
CA ASP A 27 -8.77 -13.26 13.99
C ASP A 27 -7.59 -14.16 14.32
N HIS A 28 -6.45 -13.91 13.67
CA HIS A 28 -5.24 -14.69 13.91
C HIS A 28 -4.65 -14.37 15.28
N GLY A 29 -5.06 -13.24 15.85
CA GLY A 29 -4.56 -12.85 17.15
C GLY A 29 -3.26 -12.08 17.06
N ILE A 30 -3.08 -11.35 15.96
CA ILE A 30 -1.85 -10.57 15.75
C ILE A 30 -2.12 -9.08 15.92
N ASP A 31 -1.10 -8.35 16.38
CA ASP A 31 -1.23 -6.91 16.59
C ASP A 31 -0.60 -6.15 15.43
N TYR A 32 -1.32 -5.15 14.92
CA TYR A 32 -0.83 -4.35 13.81
C TYR A 32 -1.18 -2.88 14.01
N THR A 33 -0.24 -1.99 13.70
CA THR A 33 -0.45 -0.56 13.85
C THR A 33 -1.17 0.02 12.63
N PHE A 34 -2.42 0.41 12.83
CA PHE A 34 -3.21 0.99 11.74
C PHE A 34 -2.80 2.43 11.48
N HIS A 35 -2.29 2.68 10.26
CA HIS A 35 -1.87 4.02 9.88
C HIS A 35 -2.56 4.45 8.59
N ASP A 36 -3.25 5.59 8.65
CA ASP A 36 -3.94 6.12 7.48
C ASP A 36 -3.03 7.02 6.67
N TYR A 37 -3.02 6.81 5.36
CA TYR A 37 -2.18 7.61 4.46
C TYR A 37 -2.51 9.10 4.60
N LYS A 38 -3.80 9.40 4.71
CA LYS A 38 -4.25 10.79 4.85
C LYS A 38 -3.99 11.31 6.26
N LYS A 39 -4.43 10.53 7.26
CA LYS A 39 -4.24 10.92 8.65
C LYS A 39 -2.78 11.19 8.95
N GLU A 40 -1.91 10.29 8.52
CA GLU A 40 -0.47 10.44 8.74
C GLU A 40 0.06 11.66 8.01
N GLY A 41 -0.23 11.76 6.71
CA GLY A 41 0.23 12.88 5.92
C GLY A 41 1.35 12.50 4.98
N LEU A 42 1.10 12.63 3.68
CA LEU A 42 2.10 12.30 2.67
C LEU A 42 2.69 13.56 2.05
N ASP A 43 4.02 13.67 2.09
CA ASP A 43 4.71 14.82 1.53
C ASP A 43 5.75 14.39 0.51
N ALA A 44 6.40 15.37 -0.11
CA ALA A 44 7.44 15.08 -1.10
C ALA A 44 8.52 14.17 -0.54
N GLU A 45 9.03 14.54 0.63
CA GLU A 45 10.07 13.75 1.28
C GLU A 45 9.65 12.29 1.42
N THR A 46 8.46 12.07 1.97
CA THR A 46 7.95 10.72 2.16
C THR A 46 7.85 9.98 0.82
N LEU A 47 7.23 10.62 -0.16
CA LEU A 47 7.08 10.03 -1.49
C LEU A 47 8.42 9.58 -2.05
N ASP A 48 9.36 10.52 -2.11
CA ASP A 48 10.69 10.23 -2.62
C ASP A 48 11.32 9.03 -1.90
N ARG A 49 11.23 9.04 -0.58
CA ARG A 49 11.78 7.96 0.23
C ARG A 49 11.18 6.62 -0.17
N PHE A 50 9.86 6.61 -0.39
CA PHE A 50 9.16 5.40 -0.78
C PHE A 50 9.51 5.00 -2.21
N LEU A 51 9.86 5.99 -3.02
CA LEU A 51 10.22 5.75 -4.41
C LEU A 51 11.57 5.05 -4.52
N LYS A 52 12.61 5.71 -3.98
CA LYS A 52 13.95 5.15 -4.01
C LYS A 52 13.98 3.76 -3.39
N THR A 53 13.09 3.52 -2.43
CA THR A 53 13.01 2.23 -1.76
C THR A 53 12.16 1.25 -2.55
N VAL A 54 11.16 1.76 -3.25
CA VAL A 54 10.27 0.93 -4.05
C VAL A 54 9.77 1.68 -5.28
N PRO A 55 9.83 1.03 -6.45
CA PRO A 55 9.38 1.61 -7.71
C PRO A 55 7.88 1.78 -7.78
N TRP A 56 7.43 2.90 -8.32
CA TRP A 56 6.00 3.18 -8.44
C TRP A 56 5.29 2.06 -9.18
N GLU A 57 6.02 1.35 -10.04
CA GLU A 57 5.45 0.25 -10.80
C GLU A 57 4.84 -0.80 -9.88
N GLN A 58 5.43 -0.95 -8.69
CA GLN A 58 4.94 -1.92 -7.72
C GLN A 58 4.60 -1.24 -6.40
N LEU A 59 4.24 0.03 -6.47
CA LEU A 59 3.88 0.80 -5.29
C LEU A 59 2.42 1.23 -5.34
N LEU A 60 1.90 1.43 -6.54
CA LEU A 60 0.51 1.83 -6.72
C LEU A 60 -0.28 0.77 -7.48
N ASN A 61 -1.56 0.66 -7.17
CA ASN A 61 -2.43 -0.32 -7.83
C ASN A 61 -2.32 -0.21 -9.35
N ARG A 62 -2.35 -1.36 -10.02
CA ARG A 62 -2.25 -1.39 -11.47
C ARG A 62 -3.61 -1.72 -12.10
N ALA A 63 -4.43 -2.46 -11.37
CA ALA A 63 -5.74 -2.84 -11.85
C ALA A 63 -6.84 -2.01 -11.18
N GLY A 64 -6.49 -0.78 -10.82
CA GLY A 64 -7.45 0.09 -10.18
C GLY A 64 -8.02 1.14 -11.12
N THR A 65 -9.18 1.68 -10.79
CA THR A 65 -9.83 2.68 -11.62
C THR A 65 -8.95 3.92 -11.77
N THR A 66 -8.16 4.21 -10.75
CA THR A 66 -7.26 5.36 -10.77
C THR A 66 -6.37 5.33 -12.00
N PHE A 67 -5.75 4.19 -12.26
CA PHE A 67 -4.87 4.02 -13.40
C PHE A 67 -5.65 4.07 -14.71
N ARG A 68 -6.86 3.50 -14.69
CA ARG A 68 -7.71 3.47 -15.87
C ARG A 68 -8.38 4.83 -16.10
N LYS A 69 -8.16 5.75 -15.16
CA LYS A 69 -8.74 7.09 -15.24
C LYS A 69 -8.25 7.80 -16.50
N LEU A 70 -6.99 7.58 -16.86
CA LEU A 70 -6.40 8.21 -18.04
C LEU A 70 -6.39 7.24 -19.22
N PRO A 71 -6.35 7.79 -20.44
CA PRO A 71 -6.34 7.00 -21.67
C PRO A 71 -5.02 6.25 -21.86
N GLU A 72 -4.91 5.54 -22.97
CA GLU A 72 -3.70 4.77 -23.27
C GLU A 72 -2.54 5.70 -23.62
N ASP A 73 -2.84 6.78 -24.35
CA ASP A 73 -1.83 7.74 -24.75
C ASP A 73 -1.19 8.40 -23.52
N VAL A 74 -2.04 8.92 -22.63
CA VAL A 74 -1.56 9.58 -21.42
C VAL A 74 -0.84 8.58 -20.51
N ARG A 75 -1.39 7.38 -20.40
CA ARG A 75 -0.81 6.34 -19.56
C ARG A 75 0.51 5.84 -20.15
N SER A 76 0.64 5.97 -21.47
CA SER A 76 1.86 5.53 -22.16
C SER A 76 2.99 6.53 -21.97
N ASN A 77 2.62 7.78 -21.70
CA ASN A 77 3.62 8.83 -21.50
C ASN A 77 3.90 9.03 -20.01
N VAL A 78 3.69 7.97 -19.23
CA VAL A 78 3.94 8.03 -17.79
C VAL A 78 5.42 7.91 -17.48
N ASP A 79 5.91 8.80 -16.62
CA ASP A 79 7.32 8.79 -16.23
C ASP A 79 7.47 8.83 -14.71
N ALA A 80 8.71 8.83 -14.25
CA ALA A 80 8.98 8.87 -12.81
C ALA A 80 8.44 10.16 -12.19
N ALA A 81 8.81 11.29 -12.78
CA ALA A 81 8.36 12.59 -12.28
C ALA A 81 6.84 12.62 -12.11
N SER A 82 6.12 12.37 -13.20
CA SER A 82 4.67 12.37 -13.17
C SER A 82 4.14 11.42 -12.09
N ALA A 83 4.65 10.20 -12.09
CA ALA A 83 4.22 9.20 -11.11
C ALA A 83 4.42 9.72 -9.69
N ARG A 84 5.61 10.25 -9.41
CA ARG A 84 5.92 10.78 -8.09
C ARG A 84 4.92 11.86 -7.69
N GLU A 85 4.62 12.76 -8.62
CA GLU A 85 3.68 13.84 -8.36
C GLU A 85 2.27 13.30 -8.13
N LEU A 86 1.85 12.37 -9.00
CA LEU A 86 0.53 11.77 -8.88
C LEU A 86 0.32 11.14 -7.51
N MET A 87 1.34 10.43 -7.04
CA MET A 87 1.27 9.78 -5.73
C MET A 87 1.35 10.81 -4.61
N LEU A 88 2.16 11.84 -4.82
CA LEU A 88 2.32 12.90 -3.83
C LEU A 88 0.98 13.56 -3.51
N ALA A 89 0.34 14.11 -4.52
CA ALA A 89 -0.95 14.76 -4.35
C ALA A 89 -2.06 13.75 -4.13
N GLN A 90 -2.04 12.68 -4.91
CA GLN A 90 -3.05 11.62 -4.80
C GLN A 90 -2.42 10.32 -4.31
N PRO A 91 -2.08 10.27 -3.03
CA PRO A 91 -1.46 9.09 -2.41
C PRO A 91 -2.45 7.92 -2.30
N SER A 92 -3.73 8.22 -2.46
CA SER A 92 -4.78 7.21 -2.37
C SER A 92 -4.66 6.20 -3.52
N MET A 93 -3.82 6.53 -4.50
CA MET A 93 -3.62 5.67 -5.66
C MET A 93 -2.65 4.54 -5.32
N VAL A 94 -1.93 4.69 -4.21
CA VAL A 94 -0.97 3.68 -3.78
C VAL A 94 -1.66 2.34 -3.51
N LYS A 95 -0.86 1.29 -3.41
CA LYS A 95 -1.39 -0.05 -3.15
C LYS A 95 -1.74 -0.22 -1.67
N ARG A 96 -2.50 -1.26 -1.36
CA ARG A 96 -2.89 -1.55 0.01
C ARG A 96 -3.65 -2.86 0.10
N PRO A 97 -3.62 -3.48 1.29
CA PRO A 97 -2.89 -2.94 2.44
C PRO A 97 -1.38 -3.00 2.26
N VAL A 98 -0.67 -2.15 2.99
CA VAL A 98 0.78 -2.10 2.90
C VAL A 98 1.42 -2.37 4.26
N LEU A 99 2.46 -3.19 4.27
CA LEU A 99 3.16 -3.54 5.50
C LEU A 99 4.58 -2.98 5.49
N GLU A 100 4.91 -2.20 6.50
CA GLU A 100 6.25 -1.61 6.62
C GLU A 100 7.04 -2.28 7.74
N ARG A 101 8.27 -2.68 7.42
CA ARG A 101 9.13 -3.33 8.40
C ARG A 101 10.59 -3.26 7.96
N ASP A 102 11.41 -2.57 8.75
CA ASP A 102 12.83 -2.43 8.45
C ASP A 102 13.03 -1.83 7.06
N GLY A 103 12.34 -0.72 6.79
CA GLY A 103 12.45 -0.07 5.51
C GLY A 103 12.02 -0.96 4.36
N LYS A 104 11.21 -1.97 4.68
CA LYS A 104 10.73 -2.90 3.66
C LYS A 104 9.22 -2.76 3.47
N LEU A 105 8.81 -2.52 2.23
CA LEU A 105 7.40 -2.36 1.91
C LEU A 105 6.83 -3.64 1.30
N MET A 106 5.74 -4.13 1.88
CA MET A 106 5.10 -5.35 1.39
C MET A 106 3.65 -5.08 1.00
N VAL A 107 3.22 -5.69 -0.10
CA VAL A 107 1.85 -5.52 -0.59
C VAL A 107 0.93 -6.59 -0.04
N GLY A 108 -0.30 -6.21 0.28
CA GLY A 108 -1.26 -7.16 0.81
C GLY A 108 -1.58 -8.26 -0.17
N PHE A 109 -2.28 -9.29 0.31
CA PHE A 109 -2.66 -10.43 -0.53
C PHE A 109 -4.06 -10.91 -0.20
N LYS A 110 -4.71 -11.55 -1.16
CA LYS A 110 -6.05 -12.07 -0.97
C LYS A 110 -6.12 -12.98 0.25
N PRO A 111 -7.34 -13.19 0.77
CA PRO A 111 -7.57 -14.04 1.94
C PRO A 111 -7.32 -15.52 1.64
N ALA A 112 -7.91 -15.99 0.55
CA ALA A 112 -7.75 -17.39 0.15
C ALA A 112 -6.29 -17.74 -0.08
N GLN A 113 -5.55 -16.81 -0.68
CA GLN A 113 -4.14 -17.02 -0.96
C GLN A 113 -3.32 -17.00 0.33
N TYR A 114 -3.56 -16.00 1.17
CA TYR A 114 -2.85 -15.87 2.43
C TYR A 114 -3.01 -17.13 3.28
N GLU A 115 -4.23 -17.65 3.32
CA GLU A 115 -4.51 -18.86 4.10
C GLU A 115 -3.86 -20.09 3.45
N ALA A 116 -4.03 -20.22 2.14
CA ALA A 116 -3.47 -21.35 1.41
C ALA A 116 -1.96 -21.40 1.56
N TYR A 117 -1.30 -20.26 1.37
CA TYR A 117 0.14 -20.17 1.48
C TYR A 117 0.59 -20.39 2.92
N PHE A 118 -0.07 -19.69 3.84
CA PHE A 118 0.25 -19.80 5.26
C PHE A 118 0.11 -21.24 5.74
N LYS A 119 -0.76 -22.00 5.07
CA LYS A 119 -0.99 -23.39 5.43
C LYS A 119 0.04 -24.30 4.76
N LEU A 120 0.74 -25.08 5.58
CA LEU A 120 1.76 -26.01 5.07
C LEU A 120 1.12 -27.33 4.66
N GLY A 1 12.12 -7.19 29.42
CA GLY A 1 12.76 -6.12 28.68
C GLY A 1 11.81 -5.42 27.73
N PRO A 2 12.25 -4.29 27.16
CA PRO A 2 11.44 -3.51 26.22
C PRO A 2 11.26 -4.22 24.89
N GLY A 3 10.68 -3.50 23.92
CA GLY A 3 10.46 -4.08 22.61
C GLY A 3 9.02 -4.54 22.42
N SER A 4 8.34 -3.94 21.44
CA SER A 4 6.95 -4.29 21.17
C SER A 4 6.86 -5.43 20.15
N MET A 5 7.81 -5.45 19.22
CA MET A 5 7.85 -6.49 18.20
C MET A 5 6.51 -6.58 17.46
N SER A 6 6.06 -5.45 16.92
CA SER A 6 4.80 -5.40 16.19
C SER A 6 5.01 -4.93 14.76
N VAL A 7 4.02 -5.17 13.90
CA VAL A 7 4.10 -4.78 12.51
C VAL A 7 3.23 -3.56 12.24
N THR A 8 3.70 -2.69 11.34
CA THR A 8 2.96 -1.48 11.00
C THR A 8 2.34 -1.60 9.61
N ILE A 9 1.04 -1.34 9.51
CA ILE A 9 0.34 -1.42 8.24
C ILE A 9 -0.18 -0.05 7.82
N TYR A 10 -0.03 0.26 6.54
CA TYR A 10 -0.48 1.55 6.00
C TYR A 10 -1.72 1.37 5.14
N GLY A 11 -2.48 2.45 4.97
CA GLY A 11 -3.68 2.39 4.17
C GLY A 11 -4.37 3.74 4.05
N ILE A 12 -5.64 3.72 3.67
CA ILE A 12 -6.41 4.95 3.51
C ILE A 12 -7.84 4.78 4.02
N LYS A 13 -8.60 5.85 3.99
CA LYS A 13 -9.99 5.82 4.44
C LYS A 13 -10.90 5.25 3.36
N ASN A 14 -10.85 5.86 2.17
CA ASN A 14 -11.68 5.41 1.05
C ASN A 14 -11.13 4.11 0.47
N CYS A 15 -11.33 3.01 1.18
CA CYS A 15 -10.86 1.71 0.72
C CYS A 15 -11.68 0.59 1.37
N ASP A 16 -11.69 -0.58 0.72
CA ASP A 16 -12.41 -1.73 1.24
C ASP A 16 -11.46 -2.88 1.58
N THR A 17 -10.34 -2.93 0.87
CA THR A 17 -9.35 -3.97 1.10
C THR A 17 -8.81 -3.92 2.53
N MET A 18 -8.54 -2.71 3.00
CA MET A 18 -8.01 -2.51 4.35
C MET A 18 -8.89 -3.22 5.38
N LYS A 19 -10.20 -3.21 5.13
CA LYS A 19 -11.16 -3.86 6.04
C LYS A 19 -10.87 -5.35 6.13
N LYS A 20 -10.78 -6.01 4.98
CA LYS A 20 -10.52 -7.45 4.94
C LYS A 20 -9.19 -7.78 5.61
N ALA A 21 -8.16 -7.02 5.27
CA ALA A 21 -6.82 -7.23 5.83
C ALA A 21 -6.88 -7.18 7.35
N ARG A 22 -7.47 -6.12 7.89
CA ARG A 22 -7.58 -5.95 9.33
C ARG A 22 -8.32 -7.13 9.97
N ILE A 23 -9.48 -7.47 9.40
CA ILE A 23 -10.28 -8.57 9.92
C ILE A 23 -9.48 -9.86 9.93
N TRP A 24 -8.64 -10.05 8.92
CA TRP A 24 -7.82 -11.25 8.81
C TRP A 24 -6.78 -11.30 9.94
N LEU A 25 -5.97 -10.25 10.03
CA LEU A 25 -4.94 -10.17 11.06
C LEU A 25 -5.56 -10.23 12.46
N GLU A 26 -6.68 -9.54 12.65
CA GLU A 26 -7.37 -9.52 13.92
C GLU A 26 -7.96 -10.89 14.24
N ASP A 27 -8.53 -11.52 13.23
CA ASP A 27 -9.15 -12.84 13.40
C ASP A 27 -8.11 -13.86 13.85
N HIS A 28 -6.96 -13.85 13.20
CA HIS A 28 -5.88 -14.79 13.52
C HIS A 28 -5.39 -14.56 14.95
N GLY A 29 -5.72 -13.39 15.51
CA GLY A 29 -5.30 -13.08 16.86
C GLY A 29 -4.09 -12.16 16.90
N ILE A 30 -3.81 -11.52 15.76
CA ILE A 30 -2.67 -10.61 15.66
C ILE A 30 -3.12 -9.16 15.60
N ASP A 31 -2.32 -8.27 16.14
CA ASP A 31 -2.63 -6.84 16.14
C ASP A 31 -1.61 -6.05 15.32
N TYR A 32 -2.11 -5.31 14.34
CA TYR A 32 -1.24 -4.51 13.48
C TYR A 32 -1.49 -3.01 13.69
N THR A 33 -0.49 -2.20 13.38
CA THR A 33 -0.59 -0.76 13.52
C THR A 33 -1.26 -0.13 12.31
N PHE A 34 -2.50 0.30 12.47
CA PHE A 34 -3.24 0.94 11.38
C PHE A 34 -2.78 2.38 11.18
N HIS A 35 -2.22 2.65 10.00
CA HIS A 35 -1.74 3.99 9.67
C HIS A 35 -2.35 4.49 8.37
N ASP A 36 -3.01 5.65 8.44
CA ASP A 36 -3.64 6.23 7.27
C ASP A 36 -2.78 7.34 6.67
N TYR A 37 -2.50 7.22 5.38
CA TYR A 37 -1.68 8.21 4.69
C TYR A 37 -2.31 9.60 4.76
N LYS A 38 -3.64 9.64 4.67
CA LYS A 38 -4.38 10.90 4.73
C LYS A 38 -4.40 11.44 6.16
N LYS A 39 -4.94 10.65 7.08
CA LYS A 39 -5.03 11.05 8.48
C LYS A 39 -3.66 11.46 9.02
N GLU A 40 -2.67 10.62 8.75
CA GLU A 40 -1.30 10.89 9.21
C GLU A 40 -0.71 12.08 8.47
N GLY A 41 -1.13 12.27 7.23
CA GLY A 41 -0.62 13.38 6.44
C GLY A 41 0.59 13.00 5.61
N LEU A 42 0.37 12.70 4.35
CA LEU A 42 1.46 12.32 3.46
C LEU A 42 2.20 13.54 2.94
N ASP A 43 3.52 13.55 3.12
CA ASP A 43 4.35 14.67 2.66
C ASP A 43 5.35 14.21 1.61
N ALA A 44 6.10 15.17 1.07
CA ALA A 44 7.10 14.86 0.05
C ALA A 44 8.17 13.91 0.60
N GLU A 45 8.67 14.21 1.79
CA GLU A 45 9.69 13.38 2.43
C GLU A 45 9.25 11.92 2.45
N THR A 46 8.04 11.68 2.90
CA THR A 46 7.50 10.32 3.00
C THR A 46 7.37 9.69 1.60
N LEU A 47 6.73 10.41 0.69
CA LEU A 47 6.54 9.92 -0.67
C LEU A 47 7.87 9.52 -1.29
N ASP A 48 8.85 10.41 -1.22
CA ASP A 48 10.17 10.14 -1.78
C ASP A 48 10.79 8.91 -1.13
N ARG A 49 10.78 8.87 0.20
CA ARG A 49 11.33 7.76 0.94
C ARG A 49 10.64 6.45 0.56
N PHE A 50 9.37 6.55 0.20
CA PHE A 50 8.59 5.37 -0.19
C PHE A 50 9.01 4.86 -1.56
N LEU A 51 9.09 5.79 -2.52
CA LEU A 51 9.47 5.44 -3.88
C LEU A 51 10.91 4.92 -3.92
N LYS A 52 11.75 5.46 -3.05
CA LYS A 52 13.15 5.04 -2.98
C LYS A 52 13.28 3.60 -2.51
N THR A 53 12.26 3.13 -1.79
CA THR A 53 12.25 1.77 -1.28
C THR A 53 11.47 0.83 -2.21
N VAL A 54 10.44 1.38 -2.84
CA VAL A 54 9.62 0.60 -3.77
C VAL A 54 9.38 1.35 -5.08
N PRO A 55 9.55 0.66 -6.19
CA PRO A 55 9.36 1.24 -7.53
C PRO A 55 7.90 1.54 -7.83
N TRP A 56 7.64 2.70 -8.42
CA TRP A 56 6.29 3.11 -8.75
C TRP A 56 5.58 2.03 -9.57
N GLU A 57 6.36 1.27 -10.33
CA GLU A 57 5.80 0.19 -11.15
C GLU A 57 5.00 -0.79 -10.30
N GLN A 58 5.46 -1.00 -9.07
CA GLN A 58 4.79 -1.92 -8.16
C GLN A 58 4.39 -1.21 -6.87
N LEU A 59 4.13 0.10 -6.97
CA LEU A 59 3.75 0.89 -5.80
C LEU A 59 2.32 1.41 -5.96
N LEU A 60 1.86 1.52 -7.20
CA LEU A 60 0.52 2.00 -7.48
C LEU A 60 -0.31 0.91 -8.17
N ASN A 61 -1.63 0.94 -7.93
CA ASN A 61 -2.52 -0.04 -8.53
C ASN A 61 -2.32 -0.11 -10.04
N ARG A 62 -2.45 -1.32 -10.59
CA ARG A 62 -2.28 -1.52 -12.02
C ARG A 62 -3.56 -2.05 -12.65
N ALA A 63 -4.18 -3.03 -12.00
CA ALA A 63 -5.42 -3.62 -12.50
C ALA A 63 -6.63 -3.02 -11.79
N GLY A 64 -6.50 -1.76 -11.37
CA GLY A 64 -7.59 -1.09 -10.69
C GLY A 64 -8.12 0.11 -11.47
N THR A 65 -9.41 0.37 -11.33
CA THR A 65 -10.03 1.50 -12.03
C THR A 65 -9.26 2.79 -11.78
N THR A 66 -8.66 2.90 -10.60
CA THR A 66 -7.89 4.08 -10.24
C THR A 66 -6.84 4.41 -11.30
N PHE A 67 -6.23 3.36 -11.86
CA PHE A 67 -5.21 3.52 -12.89
C PHE A 67 -5.84 3.83 -14.24
N ARG A 68 -7.00 3.23 -14.48
CA ARG A 68 -7.71 3.43 -15.74
C ARG A 68 -8.41 4.79 -15.76
N LYS A 69 -8.34 5.50 -14.64
CA LYS A 69 -8.98 6.81 -14.53
C LYS A 69 -8.36 7.79 -15.54
N LEU A 70 -7.11 7.55 -15.90
CA LEU A 70 -6.42 8.42 -16.85
C LEU A 70 -6.59 7.89 -18.27
N PRO A 71 -6.39 8.78 -19.26
CA PRO A 71 -6.51 8.43 -20.68
C PRO A 71 -5.39 7.52 -21.15
N GLU A 72 -5.43 7.12 -22.42
CA GLU A 72 -4.41 6.25 -22.99
C GLU A 72 -3.09 6.99 -23.14
N ASP A 73 -3.17 8.30 -23.38
CA ASP A 73 -1.98 9.12 -23.55
C ASP A 73 -1.24 9.29 -22.23
N VAL A 74 -1.98 9.60 -21.17
CA VAL A 74 -1.40 9.78 -19.85
C VAL A 74 -0.96 8.45 -19.25
N ARG A 75 -1.75 7.42 -19.50
CA ARG A 75 -1.44 6.08 -18.99
C ARG A 75 -0.22 5.50 -19.67
N SER A 76 0.04 5.95 -20.90
CA SER A 76 1.18 5.48 -21.67
C SER A 76 2.37 6.41 -21.52
N ASN A 77 2.09 7.67 -21.21
CA ASN A 77 3.15 8.67 -21.03
C ASN A 77 3.51 8.83 -19.56
N VAL A 78 3.60 7.71 -18.85
CA VAL A 78 3.94 7.73 -17.43
C VAL A 78 5.40 7.35 -17.21
N ASP A 79 6.10 8.15 -16.42
CA ASP A 79 7.50 7.90 -16.13
C ASP A 79 7.77 8.04 -14.63
N ALA A 80 9.04 7.86 -14.24
CA ALA A 80 9.43 7.96 -12.85
C ALA A 80 8.96 9.28 -12.24
N ALA A 81 9.36 10.39 -12.85
CA ALA A 81 8.98 11.70 -12.38
C ALA A 81 7.47 11.81 -12.19
N SER A 82 6.73 11.54 -13.25
CA SER A 82 5.27 11.60 -13.20
C SER A 82 4.73 10.74 -12.07
N ALA A 83 5.22 9.50 -11.98
CA ALA A 83 4.78 8.59 -10.94
C ALA A 83 4.89 9.22 -9.56
N ARG A 84 6.07 9.73 -9.23
CA ARG A 84 6.29 10.37 -7.94
C ARG A 84 5.32 11.53 -7.73
N GLU A 85 5.19 12.37 -8.75
CA GLU A 85 4.29 13.52 -8.68
C GLU A 85 2.86 13.08 -8.41
N LEU A 86 2.42 12.05 -9.13
CA LEU A 86 1.07 11.52 -8.97
C LEU A 86 0.82 11.07 -7.54
N MET A 87 1.70 10.19 -7.04
CA MET A 87 1.58 9.67 -5.68
C MET A 87 1.62 10.81 -4.67
N LEU A 88 2.38 11.85 -4.98
CA LEU A 88 2.52 13.00 -4.10
C LEU A 88 1.19 13.74 -3.97
N ALA A 89 0.55 14.00 -5.10
CA ALA A 89 -0.72 14.71 -5.11
C ALA A 89 -1.84 13.82 -4.58
N GLN A 90 -1.91 12.59 -5.09
CA GLN A 90 -2.93 11.64 -4.67
C GLN A 90 -2.32 10.28 -4.37
N PRO A 91 -1.77 10.13 -3.16
CA PRO A 91 -1.13 8.88 -2.73
C PRO A 91 -2.15 7.76 -2.51
N SER A 92 -3.43 8.11 -2.62
CA SER A 92 -4.50 7.13 -2.43
C SER A 92 -4.44 6.03 -3.49
N MET A 93 -3.66 6.28 -4.54
CA MET A 93 -3.51 5.32 -5.62
C MET A 93 -2.53 4.21 -5.24
N VAL A 94 -1.73 4.46 -4.21
CA VAL A 94 -0.76 3.49 -3.75
C VAL A 94 -1.42 2.17 -3.39
N LYS A 95 -0.78 1.07 -3.77
CA LYS A 95 -1.31 -0.26 -3.50
C LYS A 95 -1.66 -0.41 -2.02
N ARG A 96 -2.38 -1.49 -1.70
CA ARG A 96 -2.79 -1.75 -0.33
C ARG A 96 -3.44 -3.12 -0.21
N PRO A 97 -3.39 -3.70 0.99
CA PRO A 97 -2.75 -3.06 2.15
C PRO A 97 -1.23 -2.99 2.01
N VAL A 98 -0.60 -2.17 2.84
CA VAL A 98 0.85 -2.01 2.81
C VAL A 98 1.47 -2.36 4.15
N LEU A 99 2.51 -3.17 4.12
CA LEU A 99 3.21 -3.59 5.35
C LEU A 99 4.64 -3.07 5.36
N GLU A 100 5.03 -2.44 6.47
CA GLU A 100 6.37 -1.90 6.62
C GLU A 100 7.21 -2.78 7.55
N ARG A 101 8.44 -3.05 7.14
CA ARG A 101 9.35 -3.88 7.92
C ARG A 101 10.80 -3.66 7.50
N ASP A 102 11.65 -3.32 8.47
CA ASP A 102 13.06 -3.08 8.20
C ASP A 102 13.24 -2.01 7.12
N GLY A 103 12.26 -1.11 7.04
CA GLY A 103 12.32 -0.04 6.05
C GLY A 103 11.90 -0.51 4.67
N LYS A 104 11.20 -1.64 4.61
CA LYS A 104 10.73 -2.19 3.35
C LYS A 104 9.22 -2.28 3.32
N LEU A 105 8.62 -1.95 2.18
CA LEU A 105 7.18 -2.00 2.02
C LEU A 105 6.75 -3.28 1.30
N MET A 106 5.61 -3.82 1.70
CA MET A 106 5.08 -5.04 1.10
C MET A 106 3.61 -4.88 0.72
N VAL A 107 3.22 -5.48 -0.40
CA VAL A 107 1.83 -5.41 -0.86
C VAL A 107 1.02 -6.58 -0.33
N GLY A 108 -0.21 -6.28 0.10
CA GLY A 108 -1.07 -7.32 0.63
C GLY A 108 -1.41 -8.37 -0.42
N PHE A 109 -2.05 -9.46 0.02
CA PHE A 109 -2.42 -10.54 -0.87
C PHE A 109 -3.86 -11.00 -0.61
N LYS A 110 -4.48 -11.59 -1.61
CA LYS A 110 -5.85 -12.08 -1.49
C LYS A 110 -5.99 -13.00 -0.28
N PRO A 111 -7.24 -13.18 0.18
CA PRO A 111 -7.53 -14.04 1.33
C PRO A 111 -7.33 -15.51 1.03
N ALA A 112 -7.88 -15.96 -0.09
CA ALA A 112 -7.75 -17.36 -0.51
C ALA A 112 -6.28 -17.74 -0.68
N GLN A 113 -5.50 -16.82 -1.23
CA GLN A 113 -4.08 -17.06 -1.46
C GLN A 113 -3.31 -17.09 -0.14
N TYR A 114 -3.56 -16.10 0.71
CA TYR A 114 -2.89 -16.01 1.99
C TYR A 114 -3.12 -17.27 2.82
N GLU A 115 -4.36 -17.76 2.81
CA GLU A 115 -4.71 -18.96 3.55
C GLU A 115 -4.07 -20.20 2.92
N ALA A 116 -4.26 -20.35 1.62
CA ALA A 116 -3.70 -21.49 0.89
C ALA A 116 -2.18 -21.52 1.02
N TYR A 117 -1.57 -20.35 1.17
CA TYR A 117 -0.13 -20.25 1.29
C TYR A 117 0.32 -20.55 2.73
N PHE A 118 -0.44 -20.06 3.69
CA PHE A 118 -0.13 -20.27 5.10
C PHE A 118 0.00 -21.77 5.40
N LYS A 119 -0.83 -22.57 4.74
CA LYS A 119 -0.81 -24.01 4.93
C LYS A 119 0.51 -24.61 4.45
N LEU A 120 1.15 -25.40 5.32
CA LEU A 120 2.41 -26.03 4.99
C LEU A 120 2.20 -27.29 4.16
N GLY A 1 15.33 -7.56 28.62
CA GLY A 1 15.18 -8.33 27.41
C GLY A 1 13.90 -8.01 26.67
N PRO A 2 13.87 -6.85 26.01
CA PRO A 2 12.70 -6.40 25.24
C PRO A 2 12.47 -7.24 23.98
N GLY A 3 11.53 -6.79 23.15
CA GLY A 3 11.23 -7.52 21.93
C GLY A 3 9.76 -7.45 21.56
N SER A 4 9.28 -6.24 21.29
CA SER A 4 7.88 -6.03 20.93
C SER A 4 7.66 -6.30 19.45
N MET A 5 8.49 -5.67 18.61
CA MET A 5 8.39 -5.83 17.16
C MET A 5 7.00 -5.47 16.68
N SER A 6 6.63 -4.19 16.80
CA SER A 6 5.33 -3.72 16.38
C SER A 6 5.30 -3.48 14.87
N VAL A 7 4.20 -3.86 14.23
CA VAL A 7 4.04 -3.69 12.79
C VAL A 7 3.08 -2.55 12.47
N THR A 8 3.47 -1.69 11.53
CA THR A 8 2.65 -0.56 11.13
C THR A 8 2.04 -0.79 9.75
N ILE A 9 0.71 -0.64 9.66
CA ILE A 9 0.01 -0.82 8.40
C ILE A 9 -0.61 0.49 7.92
N TYR A 10 -0.49 0.76 6.63
CA TYR A 10 -1.04 1.98 6.05
C TYR A 10 -2.19 1.67 5.10
N GLY A 11 -3.24 2.49 5.17
CA GLY A 11 -4.40 2.27 4.32
C GLY A 11 -5.19 3.55 4.10
N ILE A 12 -6.40 3.40 3.57
CA ILE A 12 -7.27 4.55 3.30
C ILE A 12 -8.66 4.33 3.87
N LYS A 13 -9.51 5.36 3.75
CA LYS A 13 -10.87 5.28 4.25
C LYS A 13 -11.83 4.88 3.15
N ASN A 14 -11.46 5.17 1.91
CA ASN A 14 -12.29 4.84 0.75
C ASN A 14 -11.90 3.48 0.17
N CYS A 15 -11.99 2.45 1.00
CA CYS A 15 -11.65 1.09 0.57
C CYS A 15 -12.37 0.05 1.42
N ASP A 16 -12.53 -1.14 0.86
CA ASP A 16 -13.21 -2.23 1.57
C ASP A 16 -12.22 -3.32 1.94
N THR A 17 -11.21 -3.53 1.10
CA THR A 17 -10.20 -4.54 1.35
C THR A 17 -9.61 -4.41 2.74
N MET A 18 -9.58 -3.19 3.26
CA MET A 18 -9.04 -2.93 4.59
C MET A 18 -9.75 -3.78 5.63
N LYS A 19 -11.08 -3.84 5.55
CA LYS A 19 -11.87 -4.63 6.49
C LYS A 19 -11.34 -6.05 6.58
N LYS A 20 -11.17 -6.69 5.43
CA LYS A 20 -10.68 -8.07 5.38
C LYS A 20 -9.26 -8.15 5.95
N ALA A 21 -8.40 -7.22 5.55
CA ALA A 21 -7.03 -7.19 6.03
C ALA A 21 -6.98 -7.09 7.56
N ARG A 22 -7.76 -6.18 8.11
CA ARG A 22 -7.80 -5.99 9.56
C ARG A 22 -8.30 -7.25 10.26
N ILE A 23 -9.40 -7.80 9.77
CA ILE A 23 -9.97 -9.01 10.35
C ILE A 23 -8.98 -10.16 10.33
N TRP A 24 -8.18 -10.22 9.26
CA TRP A 24 -7.18 -11.26 9.11
C TRP A 24 -6.07 -11.11 10.15
N LEU A 25 -5.45 -9.94 10.16
CA LEU A 25 -4.36 -9.65 11.11
C LEU A 25 -4.85 -9.78 12.55
N GLU A 26 -6.04 -9.24 12.81
CA GLU A 26 -6.61 -9.30 14.15
C GLU A 26 -6.93 -10.73 14.55
N ASP A 27 -7.50 -11.49 13.62
CA ASP A 27 -7.85 -12.89 13.87
C ASP A 27 -6.62 -13.71 14.22
N HIS A 28 -5.54 -13.49 13.46
CA HIS A 28 -4.29 -14.20 13.68
C HIS A 28 -3.69 -13.83 15.04
N GLY A 29 -4.15 -12.73 15.61
CA GLY A 29 -3.65 -12.28 16.89
C GLY A 29 -2.41 -11.42 16.76
N ILE A 30 -2.35 -10.64 15.69
CA ILE A 30 -1.20 -9.77 15.46
C ILE A 30 -1.57 -8.30 15.69
N ASP A 31 -0.63 -7.55 16.26
CA ASP A 31 -0.86 -6.14 16.54
C ASP A 31 -0.40 -5.27 15.38
N TYR A 32 -1.37 -4.71 14.65
CA TYR A 32 -1.07 -3.86 13.50
C TYR A 32 -1.59 -2.45 13.72
N THR A 33 -0.71 -1.46 13.49
CA THR A 33 -1.08 -0.06 13.66
C THR A 33 -1.75 0.49 12.41
N PHE A 34 -3.03 0.85 12.52
CA PHE A 34 -3.77 1.39 11.39
C PHE A 34 -3.40 2.85 11.15
N HIS A 35 -2.85 3.13 9.98
CA HIS A 35 -2.45 4.49 9.62
C HIS A 35 -3.09 4.92 8.31
N ASP A 36 -3.83 6.02 8.35
CA ASP A 36 -4.50 6.54 7.16
C ASP A 36 -3.53 7.36 6.31
N TYR A 37 -3.64 7.22 5.00
CA TYR A 37 -2.77 7.94 4.07
C TYR A 37 -2.79 9.44 4.38
N LYS A 38 -3.92 9.93 4.85
CA LYS A 38 -4.07 11.34 5.19
C LYS A 38 -3.60 11.62 6.61
N LYS A 39 -4.02 10.77 7.54
CA LYS A 39 -3.64 10.92 8.94
C LYS A 39 -2.12 10.97 9.09
N GLU A 40 -1.43 10.04 8.42
CA GLU A 40 0.02 10.00 8.48
C GLU A 40 0.65 11.11 7.65
N GLY A 41 -0.11 11.58 6.65
CA GLY A 41 0.39 12.63 5.78
C GLY A 41 1.50 12.17 4.88
N LEU A 42 1.15 11.82 3.64
CA LEU A 42 2.13 11.35 2.67
C LEU A 42 2.84 12.53 1.99
N ASP A 43 4.12 12.71 2.31
CA ASP A 43 4.89 13.81 1.73
C ASP A 43 5.95 13.26 0.77
N ALA A 44 6.68 14.16 0.13
CA ALA A 44 7.71 13.79 -0.82
C ALA A 44 8.73 12.85 -0.16
N GLU A 45 9.12 13.17 1.07
CA GLU A 45 10.10 12.37 1.80
C GLU A 45 9.65 10.91 1.86
N THR A 46 8.41 10.69 2.29
CA THR A 46 7.86 9.35 2.39
C THR A 46 7.81 8.66 1.03
N LEU A 47 7.22 9.35 0.06
CA LEU A 47 7.11 8.80 -1.29
C LEU A 47 8.48 8.40 -1.83
N ASP A 48 9.46 9.28 -1.66
CA ASP A 48 10.82 9.02 -2.14
C ASP A 48 11.38 7.76 -1.48
N ARG A 49 11.32 7.72 -0.15
CA ARG A 49 11.83 6.58 0.60
C ARG A 49 11.16 5.29 0.15
N PHE A 50 9.87 5.38 -0.16
CA PHE A 50 9.11 4.21 -0.61
C PHE A 50 9.50 3.82 -2.03
N LEU A 51 9.86 4.82 -2.84
CA LEU A 51 10.25 4.58 -4.22
C LEU A 51 11.58 3.83 -4.29
N LYS A 52 12.59 4.36 -3.60
CA LYS A 52 13.91 3.74 -3.58
C LYS A 52 13.83 2.31 -3.06
N THR A 53 12.83 2.04 -2.23
CA THR A 53 12.64 0.71 -1.66
C THR A 53 11.79 -0.17 -2.58
N VAL A 54 10.88 0.47 -3.31
CA VAL A 54 10.01 -0.25 -4.23
C VAL A 54 9.65 0.60 -5.44
N PRO A 55 9.75 0.00 -6.63
CA PRO A 55 9.44 0.69 -7.89
C PRO A 55 7.96 0.97 -8.04
N TRP A 56 7.63 2.16 -8.55
CA TRP A 56 6.23 2.55 -8.75
C TRP A 56 5.48 1.50 -9.56
N GLU A 57 6.21 0.80 -10.44
CA GLU A 57 5.62 -0.24 -11.26
C GLU A 57 4.85 -1.25 -10.42
N GLN A 58 5.34 -1.49 -9.20
CA GLN A 58 4.71 -2.42 -8.29
C GLN A 58 4.28 -1.74 -7.01
N LEU A 59 4.04 -0.44 -7.09
CA LEU A 59 3.63 0.34 -5.92
C LEU A 59 2.24 0.92 -6.13
N LEU A 60 1.88 1.17 -7.38
CA LEU A 60 0.57 1.72 -7.71
C LEU A 60 -0.25 0.74 -8.55
N ASN A 61 -1.56 0.80 -8.39
CA ASN A 61 -2.46 -0.09 -9.13
C ASN A 61 -2.16 -0.04 -10.63
N ARG A 62 -2.27 -1.18 -11.28
CA ARG A 62 -2.01 -1.26 -12.72
C ARG A 62 -3.32 -1.42 -13.50
N ALA A 63 -4.09 -2.45 -13.17
CA ALA A 63 -5.35 -2.71 -13.82
C ALA A 63 -6.52 -2.12 -13.04
N GLY A 64 -6.23 -1.08 -12.26
CA GLY A 64 -7.26 -0.45 -11.47
C GLY A 64 -7.91 0.73 -12.19
N THR A 65 -9.09 1.13 -11.71
CA THR A 65 -9.81 2.24 -12.32
C THR A 65 -9.04 3.55 -12.18
N THR A 66 -8.33 3.69 -11.06
CA THR A 66 -7.54 4.89 -10.81
C THR A 66 -6.60 5.19 -11.97
N PHE A 67 -5.98 4.15 -12.51
CA PHE A 67 -5.05 4.30 -13.63
C PHE A 67 -5.81 4.53 -14.93
N ARG A 68 -6.97 3.89 -15.07
CA ARG A 68 -7.79 4.03 -16.26
C ARG A 68 -8.48 5.38 -16.29
N LYS A 69 -8.45 6.08 -15.17
CA LYS A 69 -9.07 7.39 -15.08
C LYS A 69 -8.44 8.37 -16.06
N LEU A 70 -7.15 8.20 -16.31
CA LEU A 70 -6.42 9.06 -17.24
C LEU A 70 -6.55 8.57 -18.67
N PRO A 71 -6.36 9.47 -19.63
CA PRO A 71 -6.45 9.14 -21.06
C PRO A 71 -5.30 8.24 -21.52
N GLU A 72 -5.31 7.89 -22.80
CA GLU A 72 -4.27 7.03 -23.36
C GLU A 72 -2.95 7.78 -23.48
N ASP A 73 -3.04 9.06 -23.85
CA ASP A 73 -1.85 9.89 -23.99
C ASP A 73 -1.15 10.08 -22.65
N VAL A 74 -1.91 10.51 -21.65
CA VAL A 74 -1.37 10.73 -20.32
C VAL A 74 -0.91 9.43 -19.68
N ARG A 75 -1.56 8.34 -20.05
CA ARG A 75 -1.22 7.02 -19.51
C ARG A 75 0.06 6.50 -20.15
N SER A 76 0.35 6.97 -21.36
CA SER A 76 1.55 6.55 -22.08
C SER A 76 2.70 7.52 -21.84
N ASN A 77 2.36 8.76 -21.51
CA ASN A 77 3.37 9.78 -21.26
C ASN A 77 3.66 9.89 -19.76
N VAL A 78 3.66 8.75 -19.08
CA VAL A 78 3.94 8.71 -17.64
C VAL A 78 5.36 8.26 -17.37
N ASP A 79 6.07 9.01 -16.53
CA ASP A 79 7.44 8.69 -16.18
C ASP A 79 7.62 8.63 -14.67
N ALA A 80 8.85 8.37 -14.23
CA ALA A 80 9.16 8.30 -12.81
C ALA A 80 8.66 9.54 -12.08
N ALA A 81 9.03 10.72 -12.57
CA ALA A 81 8.61 11.97 -11.97
C ALA A 81 7.10 12.02 -11.77
N SER A 82 6.36 11.87 -12.86
CA SER A 82 4.90 11.89 -12.81
C SER A 82 4.38 10.88 -11.80
N ALA A 83 4.83 9.63 -11.93
CA ALA A 83 4.41 8.57 -11.03
C ALA A 83 4.58 8.99 -9.57
N ARG A 84 5.78 9.48 -9.24
CA ARG A 84 6.07 9.91 -7.88
C ARG A 84 5.14 11.04 -7.45
N GLU A 85 4.80 11.91 -8.40
CA GLU A 85 3.92 13.04 -8.13
C GLU A 85 2.50 12.57 -7.86
N LEU A 86 2.03 11.65 -8.70
CA LEU A 86 0.67 11.11 -8.56
C LEU A 86 0.50 10.41 -7.22
N MET A 87 1.48 9.60 -6.85
CA MET A 87 1.43 8.88 -5.58
C MET A 87 1.66 9.82 -4.40
N LEU A 88 2.50 10.84 -4.63
CA LEU A 88 2.81 11.82 -3.59
C LEU A 88 1.56 12.56 -3.15
N ALA A 89 0.90 13.23 -4.09
CA ALA A 89 -0.31 13.98 -3.81
C ALA A 89 -1.50 13.04 -3.60
N GLN A 90 -1.64 12.07 -4.50
CA GLN A 90 -2.74 11.12 -4.42
C GLN A 90 -2.22 9.71 -4.12
N PRO A 91 -1.83 9.47 -2.86
CA PRO A 91 -1.31 8.18 -2.42
C PRO A 91 -2.39 7.09 -2.40
N SER A 92 -3.63 7.51 -2.60
CA SER A 92 -4.75 6.57 -2.61
C SER A 92 -4.61 5.57 -3.76
N MET A 93 -3.76 5.89 -4.71
CA MET A 93 -3.53 5.01 -5.86
C MET A 93 -2.57 3.87 -5.50
N VAL A 94 -1.82 4.07 -4.43
CA VAL A 94 -0.86 3.06 -3.97
C VAL A 94 -1.56 1.75 -3.62
N LYS A 95 -0.87 0.65 -3.82
CA LYS A 95 -1.42 -0.68 -3.53
C LYS A 95 -1.61 -0.85 -2.02
N ARG A 96 -2.85 -1.14 -1.63
CA ARG A 96 -3.16 -1.35 -0.21
C ARG A 96 -3.80 -2.70 0.01
N PRO A 97 -3.72 -3.21 1.25
CA PRO A 97 -3.04 -2.50 2.34
C PRO A 97 -1.53 -2.44 2.16
N VAL A 98 -0.85 -1.76 3.07
CA VAL A 98 0.60 -1.62 3.00
C VAL A 98 1.25 -1.99 4.34
N LEU A 99 2.31 -2.78 4.27
CA LEU A 99 3.02 -3.21 5.47
C LEU A 99 4.40 -2.55 5.54
N GLU A 100 4.64 -1.81 6.63
CA GLU A 100 5.92 -1.14 6.82
C GLU A 100 6.71 -1.77 7.96
N ARG A 101 7.92 -2.21 7.65
CA ARG A 101 8.79 -2.85 8.66
C ARG A 101 10.19 -3.07 8.10
N ASP A 102 11.19 -2.87 8.95
CA ASP A 102 12.58 -3.04 8.55
C ASP A 102 12.89 -2.21 7.31
N GLY A 103 12.29 -1.03 7.22
CA GLY A 103 12.52 -0.16 6.08
C GLY A 103 12.10 -0.80 4.78
N LYS A 104 11.28 -1.84 4.86
CA LYS A 104 10.80 -2.55 3.68
C LYS A 104 9.28 -2.50 3.60
N LEU A 105 8.77 -2.02 2.47
CA LEU A 105 7.32 -1.92 2.27
C LEU A 105 6.80 -3.12 1.49
N MET A 106 5.68 -3.67 1.95
CA MET A 106 5.07 -4.83 1.29
C MET A 106 3.61 -4.56 0.96
N VAL A 107 3.15 -5.11 -0.16
CA VAL A 107 1.77 -4.93 -0.59
C VAL A 107 0.88 -6.05 -0.06
N GLY A 108 -0.33 -5.69 0.35
CA GLY A 108 -1.26 -6.67 0.88
C GLY A 108 -1.64 -7.72 -0.16
N PHE A 109 -1.57 -8.98 0.23
CA PHE A 109 -1.90 -10.08 -0.67
C PHE A 109 -3.30 -10.63 -0.38
N LYS A 110 -3.91 -11.25 -1.37
CA LYS A 110 -5.24 -11.81 -1.21
C LYS A 110 -5.31 -12.73 0.01
N PRO A 111 -6.53 -12.96 0.52
CA PRO A 111 -6.75 -13.82 1.68
C PRO A 111 -6.49 -15.29 1.39
N ALA A 112 -7.06 -15.78 0.29
CA ALA A 112 -6.88 -17.17 -0.12
C ALA A 112 -5.41 -17.48 -0.37
N GLN A 113 -4.69 -16.51 -0.92
CA GLN A 113 -3.27 -16.68 -1.22
C GLN A 113 -2.44 -16.67 0.05
N TYR A 114 -2.69 -15.68 0.90
CA TYR A 114 -1.97 -15.55 2.16
C TYR A 114 -2.11 -16.81 3.01
N GLU A 115 -3.34 -17.33 3.07
CA GLU A 115 -3.61 -18.53 3.86
C GLU A 115 -2.99 -19.76 3.20
N ALA A 116 -3.25 -19.93 1.91
CA ALA A 116 -2.71 -21.06 1.17
C ALA A 116 -1.18 -21.08 1.19
N TYR A 117 -0.60 -19.88 1.30
CA TYR A 117 0.85 -19.75 1.34
C TYR A 117 1.38 -19.99 2.75
N PHE A 118 0.65 -19.52 3.75
CA PHE A 118 1.04 -19.68 5.14
C PHE A 118 0.34 -20.88 5.77
N LYS A 119 0.04 -21.88 4.95
CA LYS A 119 -0.63 -23.09 5.41
C LYS A 119 0.22 -23.80 6.45
N LEU A 120 -0.33 -24.87 7.03
CA LEU A 120 0.37 -25.65 8.04
C LEU A 120 1.74 -26.09 7.54
N GLY A 1 5.33 -14.94 27.29
CA GLY A 1 5.69 -14.55 25.93
C GLY A 1 4.85 -13.38 25.44
N PRO A 2 5.11 -12.19 25.98
CA PRO A 2 4.38 -10.97 25.60
C PRO A 2 4.72 -10.51 24.18
N GLY A 3 3.93 -9.58 23.66
CA GLY A 3 4.16 -9.07 22.33
C GLY A 3 4.91 -7.75 22.33
N SER A 4 6.21 -7.81 22.06
CA SER A 4 7.04 -6.60 22.04
C SER A 4 6.99 -5.94 20.67
N MET A 5 7.16 -6.73 19.62
CA MET A 5 7.13 -6.22 18.26
C MET A 5 5.70 -6.13 17.74
N SER A 6 5.44 -5.12 16.91
CA SER A 6 4.11 -4.93 16.35
C SER A 6 4.19 -4.67 14.85
N VAL A 7 3.03 -4.72 14.19
CA VAL A 7 2.96 -4.50 12.75
C VAL A 7 2.08 -3.31 12.42
N THR A 8 2.47 -2.54 11.42
CA THR A 8 1.70 -1.37 11.00
C THR A 8 1.27 -1.49 9.54
N ILE A 9 0.01 -1.16 9.27
CA ILE A 9 -0.53 -1.23 7.92
C ILE A 9 -0.90 0.15 7.40
N TYR A 10 -0.57 0.42 6.15
CA TYR A 10 -0.87 1.71 5.54
C TYR A 10 -1.90 1.56 4.42
N GLY A 11 -2.77 2.55 4.29
CA GLY A 11 -3.80 2.50 3.27
C GLY A 11 -4.76 3.68 3.34
N ILE A 12 -5.98 3.48 2.88
CA ILE A 12 -6.99 4.53 2.90
C ILE A 12 -8.28 4.04 3.54
N LYS A 13 -9.25 4.95 3.68
CA LYS A 13 -10.53 4.61 4.28
C LYS A 13 -11.66 4.80 3.27
N ASN A 14 -11.35 4.60 1.99
CA ASN A 14 -12.34 4.74 0.93
C ASN A 14 -12.23 3.60 -0.08
N CYS A 15 -11.72 2.47 0.37
CA CYS A 15 -11.56 1.31 -0.49
C CYS A 15 -12.21 0.07 0.11
N ASP A 16 -12.02 -1.08 -0.52
CA ASP A 16 -12.60 -2.32 -0.03
C ASP A 16 -11.50 -3.31 0.35
N THR A 17 -10.37 -3.23 -0.35
CA THR A 17 -9.24 -4.12 -0.08
C THR A 17 -8.81 -4.05 1.38
N MET A 18 -8.54 -2.84 1.85
CA MET A 18 -8.12 -2.63 3.23
C MET A 18 -9.11 -3.29 4.20
N LYS A 19 -10.39 -3.17 3.90
CA LYS A 19 -11.43 -3.75 4.73
C LYS A 19 -11.21 -5.26 4.91
N LYS A 20 -11.03 -5.96 3.80
CA LYS A 20 -10.80 -7.40 3.84
C LYS A 20 -9.53 -7.74 4.61
N ALA A 21 -8.46 -7.01 4.31
CA ALA A 21 -7.18 -7.22 4.97
C ALA A 21 -7.31 -7.04 6.49
N ARG A 22 -7.92 -5.92 6.89
CA ARG A 22 -8.11 -5.63 8.31
C ARG A 22 -8.89 -6.75 8.99
N ILE A 23 -10.01 -7.13 8.39
CA ILE A 23 -10.85 -8.18 8.94
C ILE A 23 -10.09 -9.49 9.05
N TRP A 24 -9.22 -9.75 8.09
CA TRP A 24 -8.42 -10.98 8.07
C TRP A 24 -7.42 -10.98 9.22
N LEU A 25 -6.59 -9.94 9.28
CA LEU A 25 -5.58 -9.83 10.32
C LEU A 25 -6.23 -9.84 11.70
N GLU A 26 -7.29 -9.05 11.85
CA GLU A 26 -8.00 -8.97 13.12
C GLU A 26 -8.60 -10.30 13.50
N ASP A 27 -9.31 -10.92 12.56
CA ASP A 27 -9.94 -12.22 12.79
C ASP A 27 -8.93 -13.23 13.29
N HIS A 28 -7.77 -13.28 12.63
CA HIS A 28 -6.72 -14.21 13.00
C HIS A 28 -6.12 -13.85 14.36
N GLY A 29 -6.38 -12.62 14.80
CA GLY A 29 -5.87 -12.18 16.08
C GLY A 29 -4.50 -11.53 15.97
N ILE A 30 -4.32 -10.71 14.93
CA ILE A 30 -3.06 -10.03 14.71
C ILE A 30 -3.14 -8.56 15.12
N ASP A 31 -2.01 -7.99 15.49
CA ASP A 31 -1.96 -6.58 15.90
C ASP A 31 -1.44 -5.71 14.76
N TYR A 32 -2.37 -5.11 14.02
CA TYR A 32 -2.01 -4.25 12.89
C TYR A 32 -2.47 -2.82 13.14
N THR A 33 -1.56 -1.86 12.94
CA THR A 33 -1.88 -0.45 13.15
C THR A 33 -2.46 0.16 11.87
N PHE A 34 -3.69 0.65 11.97
CA PHE A 34 -4.35 1.27 10.83
C PHE A 34 -3.83 2.68 10.59
N HIS A 35 -3.11 2.85 9.49
CA HIS A 35 -2.56 4.16 9.14
C HIS A 35 -3.12 4.66 7.81
N ASP A 36 -3.88 5.74 7.86
CA ASP A 36 -4.46 6.32 6.67
C ASP A 36 -3.51 7.31 6.01
N TYR A 37 -3.49 7.33 4.68
CA TYR A 37 -2.63 8.23 3.94
C TYR A 37 -2.81 9.67 4.40
N LYS A 38 -4.02 10.00 4.82
CA LYS A 38 -4.33 11.34 5.29
C LYS A 38 -4.03 11.48 6.78
N LYS A 39 -4.48 10.49 7.56
CA LYS A 39 -4.25 10.50 9.00
C LYS A 39 -2.77 10.65 9.32
N GLU A 40 -1.94 9.87 8.64
CA GLU A 40 -0.50 9.91 8.85
C GLU A 40 0.13 11.05 8.05
N GLY A 41 -0.17 11.10 6.76
CA GLY A 41 0.38 12.14 5.91
C GLY A 41 1.49 11.64 5.02
N LEU A 42 1.93 12.48 4.09
CA LEU A 42 3.00 12.12 3.17
C LEU A 42 3.93 13.30 2.91
N ASP A 43 5.23 13.05 2.98
CA ASP A 43 6.22 14.10 2.76
C ASP A 43 7.20 13.69 1.65
N ALA A 44 7.91 14.67 1.10
CA ALA A 44 8.87 14.42 0.04
C ALA A 44 9.90 13.38 0.47
N GLU A 45 10.30 13.44 1.73
CA GLU A 45 11.28 12.50 2.26
C GLU A 45 10.80 11.06 2.11
N THR A 46 9.57 10.80 2.56
CA THR A 46 9.00 9.47 2.47
C THR A 46 8.78 9.05 1.02
N LEU A 47 8.13 9.91 0.25
CA LEU A 47 7.85 9.64 -1.15
C LEU A 47 9.15 9.32 -1.90
N ASP A 48 10.15 10.18 -1.74
CA ASP A 48 11.44 9.99 -2.39
C ASP A 48 12.06 8.65 -1.99
N ARG A 49 12.16 8.42 -0.68
CA ARG A 49 12.73 7.19 -0.17
C ARG A 49 11.97 5.97 -0.68
N PHE A 50 10.68 6.14 -0.90
CA PHE A 50 9.83 5.05 -1.40
C PHE A 50 10.13 4.77 -2.86
N LEU A 51 10.31 5.83 -3.65
CA LEU A 51 10.60 5.68 -5.07
C LEU A 51 11.97 5.04 -5.29
N LYS A 52 12.94 5.43 -4.45
CA LYS A 52 14.29 4.89 -4.54
C LYS A 52 14.32 3.43 -4.11
N THR A 53 13.76 3.16 -2.94
CA THR A 53 13.74 1.79 -2.41
C THR A 53 12.84 0.90 -3.26
N VAL A 54 11.85 1.50 -3.91
CA VAL A 54 10.92 0.75 -4.75
C VAL A 54 10.43 1.61 -5.92
N PRO A 55 10.46 1.02 -7.12
CA PRO A 55 10.02 1.71 -8.35
C PRO A 55 8.51 1.94 -8.37
N TRP A 56 8.10 3.07 -8.93
CA TRP A 56 6.68 3.40 -9.02
C TRP A 56 5.89 2.27 -9.66
N GLU A 57 6.54 1.53 -10.56
CA GLU A 57 5.90 0.41 -11.24
C GLU A 57 5.29 -0.56 -10.24
N GLN A 58 5.92 -0.68 -9.08
CA GLN A 58 5.44 -1.57 -8.03
C GLN A 58 5.10 -0.80 -6.76
N LEU A 59 4.76 0.46 -6.92
CA LEU A 59 4.41 1.32 -5.79
C LEU A 59 2.95 1.76 -5.87
N LEU A 60 2.39 1.72 -7.07
CA LEU A 60 1.00 2.11 -7.28
C LEU A 60 0.21 0.98 -7.92
N ASN A 61 -1.08 0.90 -7.59
CA ASN A 61 -1.94 -0.14 -8.14
C ASN A 61 -1.84 -0.18 -9.66
N ARG A 62 -1.92 -1.39 -10.21
CA ARG A 62 -1.84 -1.57 -11.67
C ARG A 62 -3.17 -2.05 -12.23
N ALA A 63 -3.86 -2.90 -11.46
CA ALA A 63 -5.14 -3.44 -11.89
C ALA A 63 -6.29 -2.75 -11.16
N GLY A 64 -5.99 -2.19 -9.99
CA GLY A 64 -7.01 -1.51 -9.21
C GLY A 64 -7.76 -0.46 -10.01
N THR A 65 -9.01 -0.23 -9.67
CA THR A 65 -9.84 0.75 -10.36
C THR A 65 -9.13 2.11 -10.43
N THR A 66 -8.36 2.41 -9.40
CA THR A 66 -7.63 3.67 -9.34
C THR A 66 -6.81 3.90 -10.60
N PHE A 67 -6.21 2.82 -11.09
CA PHE A 67 -5.38 2.90 -12.30
C PHE A 67 -6.26 2.96 -13.55
N ARG A 68 -7.38 2.25 -13.52
CA ARG A 68 -8.30 2.21 -14.65
C ARG A 68 -9.14 3.49 -14.70
N LYS A 69 -8.97 4.34 -13.70
CA LYS A 69 -9.71 5.60 -13.62
C LYS A 69 -9.41 6.47 -14.84
N LEU A 70 -8.27 6.24 -15.46
CA LEU A 70 -7.87 7.01 -16.63
C LEU A 70 -7.69 6.10 -17.85
N PRO A 71 -7.83 6.68 -19.05
CA PRO A 71 -7.68 5.94 -20.31
C PRO A 71 -6.24 5.52 -20.57
N GLU A 72 -6.08 4.47 -21.36
CA GLU A 72 -4.75 3.95 -21.69
C GLU A 72 -3.85 5.08 -22.19
N ASP A 73 -4.45 6.05 -22.87
CA ASP A 73 -3.69 7.18 -23.41
C ASP A 73 -3.15 8.05 -22.29
N VAL A 74 -4.02 8.44 -21.37
CA VAL A 74 -3.62 9.27 -20.24
C VAL A 74 -2.71 8.53 -19.28
N ARG A 75 -2.91 7.20 -19.20
CA ARG A 75 -2.10 6.37 -18.33
C ARG A 75 -0.69 6.18 -18.90
N SER A 76 -0.61 6.09 -20.22
CA SER A 76 0.68 5.90 -20.90
C SER A 76 1.57 7.13 -20.70
N ASN A 77 0.97 8.22 -20.26
CA ASN A 77 1.71 9.47 -20.03
C ASN A 77 2.48 9.40 -18.72
N VAL A 78 2.13 8.44 -17.87
CA VAL A 78 2.78 8.27 -16.57
C VAL A 78 4.29 8.21 -16.73
N ASP A 79 5.00 8.94 -15.88
CA ASP A 79 6.45 8.97 -15.92
C ASP A 79 7.04 9.00 -14.51
N ALA A 80 8.36 9.04 -14.42
CA ALA A 80 9.04 9.07 -13.13
C ALA A 80 8.63 10.30 -12.32
N ALA A 81 8.96 11.47 -12.82
CA ALA A 81 8.62 12.72 -12.15
C ALA A 81 7.13 12.78 -11.83
N SER A 82 6.30 12.58 -12.86
CA SER A 82 4.86 12.62 -12.69
C SER A 82 4.42 11.66 -11.59
N ALA A 83 4.87 10.42 -11.67
CA ALA A 83 4.52 9.40 -10.68
C ALA A 83 4.79 9.90 -9.27
N ARG A 84 6.02 10.35 -9.04
CA ARG A 84 6.41 10.86 -7.72
C ARG A 84 5.47 11.96 -7.26
N GLU A 85 5.17 12.90 -8.15
CA GLU A 85 4.28 14.01 -7.83
C GLU A 85 2.88 13.49 -7.51
N LEU A 86 2.41 12.53 -8.29
CA LEU A 86 1.09 11.96 -8.09
C LEU A 86 0.96 11.35 -6.69
N MET A 87 1.93 10.52 -6.32
CA MET A 87 1.93 9.88 -5.01
C MET A 87 2.11 10.91 -3.90
N LEU A 88 2.87 11.97 -4.19
CA LEU A 88 3.12 13.02 -3.22
C LEU A 88 1.82 13.72 -2.83
N ALA A 89 1.08 14.18 -3.82
CA ALA A 89 -0.19 14.86 -3.58
C ALA A 89 -1.28 13.87 -3.17
N GLN A 90 -1.40 12.78 -3.93
CA GLN A 90 -2.40 11.76 -3.63
C GLN A 90 -1.75 10.39 -3.50
N PRO A 91 -1.15 10.13 -2.34
CA PRO A 91 -0.47 8.86 -2.06
C PRO A 91 -1.47 7.70 -1.91
N SER A 92 -2.75 8.03 -1.90
CA SER A 92 -3.80 7.02 -1.76
C SER A 92 -3.84 6.11 -2.98
N MET A 93 -3.11 6.50 -4.02
CA MET A 93 -3.07 5.71 -5.25
C MET A 93 -2.11 4.55 -5.11
N VAL A 94 -1.24 4.61 -4.10
CA VAL A 94 -0.27 3.55 -3.85
C VAL A 94 -0.95 2.20 -3.68
N LYS A 95 -0.17 1.13 -3.76
CA LYS A 95 -0.69 -0.22 -3.61
C LYS A 95 -1.23 -0.45 -2.20
N ARG A 96 -1.85 -1.60 -1.99
CA ARG A 96 -2.42 -1.94 -0.69
C ARG A 96 -3.06 -3.32 -0.72
N PRO A 97 -3.22 -3.92 0.47
CA PRO A 97 -2.81 -3.31 1.73
C PRO A 97 -1.29 -3.22 1.87
N VAL A 98 -0.81 -2.12 2.42
CA VAL A 98 0.62 -1.92 2.60
C VAL A 98 1.05 -2.32 4.02
N LEU A 99 2.05 -3.18 4.10
CA LEU A 99 2.56 -3.64 5.39
C LEU A 99 3.98 -3.15 5.62
N GLU A 100 4.18 -2.43 6.72
CA GLU A 100 5.50 -1.90 7.06
C GLU A 100 6.10 -2.65 8.24
N ARG A 101 7.41 -2.86 8.19
CA ARG A 101 8.11 -3.58 9.25
C ARG A 101 9.55 -3.07 9.38
N ASP A 102 9.84 -2.39 10.48
CA ASP A 102 11.17 -1.85 10.72
C ASP A 102 11.59 -0.90 9.61
N GLY A 103 10.61 -0.26 8.98
CA GLY A 103 10.90 0.67 7.91
C GLY A 103 10.64 0.07 6.54
N LYS A 104 10.95 -1.21 6.39
CA LYS A 104 10.76 -1.90 5.12
C LYS A 104 9.28 -2.01 4.78
N LEU A 105 8.92 -1.68 3.54
CA LEU A 105 7.54 -1.74 3.10
C LEU A 105 7.31 -2.97 2.21
N MET A 106 6.15 -3.60 2.39
CA MET A 106 5.80 -4.78 1.60
C MET A 106 4.37 -4.69 1.09
N VAL A 107 4.10 -5.36 -0.03
CA VAL A 107 2.77 -5.36 -0.63
C VAL A 107 1.94 -6.52 -0.11
N GLY A 108 0.68 -6.24 0.24
CA GLY A 108 -0.20 -7.27 0.74
C GLY A 108 -0.45 -8.37 -0.28
N PHE A 109 -1.23 -9.38 0.11
CA PHE A 109 -1.54 -10.49 -0.78
C PHE A 109 -2.99 -10.92 -0.61
N LYS A 110 -3.54 -11.55 -1.64
CA LYS A 110 -4.92 -12.03 -1.61
C LYS A 110 -5.17 -12.89 -0.37
N PRO A 111 -6.45 -13.02 0.00
CA PRO A 111 -6.85 -13.82 1.17
C PRO A 111 -6.66 -15.32 0.94
N ALA A 112 -7.15 -15.80 -0.20
CA ALA A 112 -7.02 -17.21 -0.55
C ALA A 112 -5.57 -17.65 -0.58
N GLN A 113 -4.70 -16.78 -1.12
CA GLN A 113 -3.28 -17.08 -1.21
C GLN A 113 -2.63 -17.06 0.16
N TYR A 114 -2.91 -16.01 0.93
CA TYR A 114 -2.34 -15.87 2.27
C TYR A 114 -2.67 -17.09 3.13
N GLU A 115 -3.90 -17.55 3.03
CA GLU A 115 -4.35 -18.71 3.80
C GLU A 115 -3.70 -19.98 3.28
N ALA A 116 -3.71 -20.16 1.96
CA ALA A 116 -3.12 -21.33 1.33
C ALA A 116 -1.64 -21.45 1.68
N TYR A 117 -0.92 -20.34 1.58
CA TYR A 117 0.51 -20.32 1.88
C TYR A 117 0.75 -20.44 3.38
N PHE A 118 -0.13 -19.83 4.17
CA PHE A 118 0.00 -19.87 5.62
C PHE A 118 -0.89 -20.97 6.22
N LYS A 119 -1.08 -22.03 5.45
CA LYS A 119 -1.90 -23.16 5.89
C LYS A 119 -1.03 -24.22 6.57
N LEU A 120 -1.52 -24.76 7.68
CA LEU A 120 -0.80 -25.78 8.42
C LEU A 120 -0.60 -27.03 7.57
N GLY A 1 13.33 -7.73 26.85
CA GLY A 1 12.86 -7.35 25.53
C GLY A 1 11.41 -6.93 25.52
N PRO A 2 11.11 -5.78 26.15
CA PRO A 2 9.74 -5.26 26.23
C PRO A 2 9.24 -4.76 24.88
N GLY A 3 10.16 -4.35 24.02
CA GLY A 3 9.78 -3.87 22.70
C GLY A 3 10.96 -3.80 21.75
N SER A 4 11.37 -4.96 21.23
CA SER A 4 12.49 -5.03 20.31
C SER A 4 12.12 -4.43 18.96
N MET A 5 11.05 -4.97 18.36
CA MET A 5 10.59 -4.48 17.06
C MET A 5 9.07 -4.47 17.00
N SER A 6 8.53 -3.81 15.97
CA SER A 6 7.09 -3.71 15.81
C SER A 6 6.72 -3.72 14.33
N VAL A 7 5.41 -3.66 14.06
CA VAL A 7 4.92 -3.67 12.68
C VAL A 7 3.92 -2.54 12.46
N THR A 8 4.01 -1.90 11.30
CA THR A 8 3.11 -0.81 10.96
C THR A 8 2.53 -0.98 9.56
N ILE A 9 1.24 -0.69 9.42
CA ILE A 9 0.57 -0.81 8.12
C ILE A 9 0.11 0.55 7.61
N TYR A 10 0.29 0.77 6.31
CA TYR A 10 -0.10 2.02 5.69
C TYR A 10 -1.29 1.83 4.76
N GLY A 11 -2.38 2.54 5.04
CA GLY A 11 -3.57 2.42 4.21
C GLY A 11 -4.48 3.63 4.34
N ILE A 12 -5.76 3.44 4.06
CA ILE A 12 -6.73 4.52 4.14
C ILE A 12 -8.02 4.06 4.80
N LYS A 13 -8.95 4.99 4.99
CA LYS A 13 -10.23 4.68 5.60
C LYS A 13 -11.27 4.33 4.55
N ASN A 14 -11.08 4.83 3.34
CA ASN A 14 -12.01 4.57 2.24
C ASN A 14 -11.47 3.46 1.33
N CYS A 15 -11.43 2.24 1.86
CA CYS A 15 -10.93 1.10 1.10
C CYS A 15 -11.48 -0.20 1.67
N ASP A 16 -12.34 -0.87 0.89
CA ASP A 16 -12.93 -2.13 1.32
C ASP A 16 -11.85 -3.16 1.62
N THR A 17 -10.88 -3.28 0.71
CA THR A 17 -9.79 -4.24 0.87
C THR A 17 -9.13 -4.10 2.24
N MET A 18 -8.88 -2.85 2.65
CA MET A 18 -8.26 -2.59 3.93
C MET A 18 -9.02 -3.28 5.06
N LYS A 19 -10.34 -3.17 5.03
CA LYS A 19 -11.18 -3.78 6.05
C LYS A 19 -10.87 -5.27 6.19
N LYS A 20 -10.87 -5.99 5.07
CA LYS A 20 -10.58 -7.41 5.06
C LYS A 20 -9.19 -7.69 5.61
N ALA A 21 -8.22 -6.89 5.18
CA ALA A 21 -6.85 -7.04 5.64
C ALA A 21 -6.75 -6.90 7.15
N ARG A 22 -7.36 -5.86 7.68
CA ARG A 22 -7.35 -5.61 9.12
C ARG A 22 -7.97 -6.78 9.89
N ILE A 23 -9.14 -7.21 9.44
CA ILE A 23 -9.84 -8.32 10.09
C ILE A 23 -9.00 -9.60 10.03
N TRP A 24 -8.26 -9.77 8.94
CA TRP A 24 -7.42 -10.94 8.76
C TRP A 24 -6.23 -10.91 9.71
N LEU A 25 -5.64 -9.73 9.87
CA LEU A 25 -4.49 -9.57 10.75
C LEU A 25 -4.91 -9.71 12.21
N GLU A 26 -5.94 -8.97 12.60
CA GLU A 26 -6.45 -9.01 13.97
C GLU A 26 -6.94 -10.41 14.33
N ASP A 27 -7.53 -11.09 13.35
CA ASP A 27 -8.05 -12.43 13.56
C ASP A 27 -6.92 -13.43 13.77
N HIS A 28 -5.90 -13.35 12.90
CA HIS A 28 -4.76 -14.25 12.98
C HIS A 28 -3.96 -13.99 14.26
N GLY A 29 -4.20 -12.84 14.89
CA GLY A 29 -3.50 -12.49 16.11
C GLY A 29 -2.12 -11.93 15.84
N ILE A 30 -2.01 -11.09 14.82
CA ILE A 30 -0.73 -10.48 14.46
C ILE A 30 -0.65 -9.04 14.94
N ASP A 31 0.52 -8.66 15.45
CA ASP A 31 0.72 -7.30 15.94
C ASP A 31 1.02 -6.34 14.79
N TYR A 32 0.30 -5.23 14.75
CA TYR A 32 0.48 -4.23 13.70
C TYR A 32 -0.34 -2.98 13.99
N THR A 33 0.29 -1.81 13.81
CA THR A 33 -0.38 -0.54 14.05
C THR A 33 -1.04 -0.02 12.78
N PHE A 34 -2.27 0.46 12.91
CA PHE A 34 -3.01 0.98 11.77
C PHE A 34 -2.64 2.43 11.50
N HIS A 35 -1.94 2.67 10.40
CA HIS A 35 -1.52 4.01 10.02
C HIS A 35 -2.16 4.44 8.71
N ASP A 36 -2.87 5.57 8.75
CA ASP A 36 -3.53 6.08 7.55
C ASP A 36 -2.63 7.08 6.82
N TYR A 37 -2.78 7.14 5.50
CA TYR A 37 -1.98 8.06 4.69
C TYR A 37 -2.40 9.50 4.92
N LYS A 38 -3.71 9.73 4.91
CA LYS A 38 -4.24 11.08 5.12
C LYS A 38 -4.20 11.45 6.59
N LYS A 39 -4.70 10.58 7.45
CA LYS A 39 -4.71 10.81 8.89
C LYS A 39 -3.31 11.14 9.39
N GLU A 40 -2.33 10.34 8.98
CA GLU A 40 -0.95 10.55 9.40
C GLU A 40 -0.28 11.63 8.55
N GLY A 41 -0.78 11.80 7.33
CA GLY A 41 -0.22 12.79 6.44
C GLY A 41 0.83 12.21 5.50
N LEU A 42 0.81 12.64 4.24
CA LEU A 42 1.75 12.16 3.25
C LEU A 42 2.52 13.31 2.63
N ASP A 43 3.84 13.32 2.82
CA ASP A 43 4.69 14.37 2.27
C ASP A 43 5.67 13.80 1.26
N ALA A 44 6.30 14.68 0.49
CA ALA A 44 7.26 14.26 -0.52
C ALA A 44 8.33 13.36 0.08
N GLU A 45 8.80 13.71 1.27
CA GLU A 45 9.82 12.94 1.96
C GLU A 45 9.40 11.47 2.07
N THR A 46 8.19 11.24 2.56
CA THR A 46 7.68 9.89 2.73
C THR A 46 7.52 9.20 1.37
N LEU A 47 6.89 9.89 0.43
CA LEU A 47 6.67 9.34 -0.90
C LEU A 47 7.99 8.90 -1.53
N ASP A 48 8.97 9.79 -1.51
CA ASP A 48 10.28 9.48 -2.07
C ASP A 48 10.94 8.31 -1.34
N ARG A 49 10.84 8.32 -0.01
CA ARG A 49 11.42 7.27 0.79
C ARG A 49 10.90 5.89 0.37
N PHE A 50 9.59 5.80 0.19
CA PHE A 50 8.96 4.56 -0.23
C PHE A 50 9.26 4.24 -1.69
N LEU A 51 9.42 5.30 -2.49
CA LEU A 51 9.71 5.14 -3.91
C LEU A 51 11.09 4.52 -4.11
N LYS A 52 12.03 4.89 -3.25
CA LYS A 52 13.39 4.37 -3.33
C LYS A 52 13.43 2.89 -2.98
N THR A 53 12.61 2.48 -2.03
CA THR A 53 12.55 1.09 -1.61
C THR A 53 11.70 0.26 -2.57
N VAL A 54 10.74 0.92 -3.21
CA VAL A 54 9.85 0.25 -4.16
C VAL A 54 9.48 1.16 -5.31
N PRO A 55 9.59 0.64 -6.54
CA PRO A 55 9.26 1.39 -7.76
C PRO A 55 7.77 1.68 -7.89
N TRP A 56 7.43 2.83 -8.46
CA TRP A 56 6.04 3.22 -8.64
C TRP A 56 5.26 2.12 -9.34
N GLU A 57 5.87 1.52 -10.37
CA GLU A 57 5.23 0.46 -11.12
C GLU A 57 4.72 -0.64 -10.20
N GLN A 58 5.39 -0.82 -9.07
CA GLN A 58 4.99 -1.84 -8.10
C GLN A 58 4.61 -1.19 -6.77
N LEU A 59 4.16 0.05 -6.82
CA LEU A 59 3.76 0.78 -5.62
C LEU A 59 2.41 1.46 -5.83
N LEU A 60 1.71 1.08 -6.89
CA LEU A 60 0.41 1.66 -7.19
C LEU A 60 -0.48 0.65 -7.93
N ASN A 61 -1.79 0.72 -7.69
CA ASN A 61 -2.73 -0.19 -8.32
C ASN A 61 -2.53 -0.19 -9.83
N ARG A 62 -2.68 -1.36 -10.45
CA ARG A 62 -2.52 -1.50 -11.89
C ARG A 62 -3.87 -1.80 -12.55
N ALA A 63 -4.61 -2.73 -11.98
CA ALA A 63 -5.92 -3.11 -12.52
C ALA A 63 -7.03 -2.29 -11.88
N GLY A 64 -6.74 -1.70 -10.72
CA GLY A 64 -7.72 -0.89 -10.04
C GLY A 64 -8.32 0.18 -10.92
N THR A 65 -9.56 0.57 -10.61
CA THR A 65 -10.25 1.59 -11.39
C THR A 65 -9.47 2.90 -11.41
N THR A 66 -8.76 3.17 -10.33
CA THR A 66 -7.96 4.39 -10.23
C THR A 66 -7.03 4.54 -11.42
N PHE A 67 -6.30 3.48 -11.74
CA PHE A 67 -5.37 3.49 -12.86
C PHE A 67 -6.11 3.54 -14.19
N ARG A 68 -7.27 2.88 -14.24
CA ARG A 68 -8.08 2.85 -15.44
C ARG A 68 -8.84 4.16 -15.63
N LYS A 69 -8.73 5.05 -14.65
CA LYS A 69 -9.40 6.33 -14.70
C LYS A 69 -8.91 7.16 -15.89
N LEU A 70 -7.62 7.09 -16.17
CA LEU A 70 -7.03 7.82 -17.29
C LEU A 70 -7.02 6.96 -18.55
N PRO A 71 -6.92 7.62 -19.71
CA PRO A 71 -6.89 6.93 -21.01
C PRO A 71 -5.59 6.17 -21.23
N GLU A 72 -5.46 5.56 -22.40
CA GLU A 72 -4.27 4.78 -22.73
C GLU A 72 -3.08 5.71 -22.97
N ASP A 73 -3.34 6.88 -23.52
CA ASP A 73 -2.30 7.86 -23.80
C ASP A 73 -1.69 8.38 -22.51
N VAL A 74 -2.54 8.85 -21.60
CA VAL A 74 -2.09 9.37 -20.32
C VAL A 74 -1.36 8.31 -19.51
N ARG A 75 -1.83 7.07 -19.62
CA ARG A 75 -1.22 5.95 -18.89
C ARG A 75 0.05 5.48 -19.59
N SER A 76 0.14 5.74 -20.90
CA SER A 76 1.30 5.34 -21.67
C SER A 76 2.39 6.41 -21.61
N ASN A 77 1.99 7.64 -21.33
CA ASN A 77 2.93 8.75 -21.25
C ASN A 77 3.34 9.00 -19.79
N VAL A 78 3.24 7.97 -18.97
CA VAL A 78 3.61 8.06 -17.57
C VAL A 78 5.11 7.90 -17.38
N ASP A 79 5.70 8.76 -16.55
CA ASP A 79 7.14 8.71 -16.29
C ASP A 79 7.40 8.69 -14.78
N ALA A 80 8.68 8.60 -14.42
CA ALA A 80 9.07 8.56 -13.02
C ALA A 80 8.63 9.83 -12.29
N ALA A 81 9.13 10.97 -12.75
CA ALA A 81 8.78 12.25 -12.13
C ALA A 81 7.27 12.41 -12.03
N SER A 82 6.59 12.32 -13.17
CA SER A 82 5.14 12.47 -13.20
C SER A 82 4.47 11.50 -12.23
N ALA A 83 4.99 10.28 -12.18
CA ALA A 83 4.44 9.26 -11.29
C ALA A 83 4.58 9.67 -9.83
N ARG A 84 5.74 10.21 -9.48
CA ARG A 84 6.00 10.64 -8.11
C ARG A 84 5.07 11.79 -7.72
N GLU A 85 4.88 12.73 -8.66
CA GLU A 85 4.02 13.88 -8.41
C GLU A 85 2.57 13.45 -8.25
N LEU A 86 2.10 12.59 -9.14
CA LEU A 86 0.73 12.10 -9.11
C LEU A 86 0.47 11.32 -7.82
N MET A 87 1.36 10.40 -7.51
CA MET A 87 1.24 9.58 -6.31
C MET A 87 1.37 10.44 -5.06
N LEU A 88 2.20 11.48 -5.15
CA LEU A 88 2.43 12.37 -4.02
C LEU A 88 1.16 13.12 -3.65
N ALA A 89 0.62 13.86 -4.61
CA ALA A 89 -0.61 14.62 -4.40
C ALA A 89 -1.81 13.70 -4.26
N GLN A 90 -1.72 12.51 -4.85
CA GLN A 90 -2.80 11.54 -4.79
C GLN A 90 -2.28 10.16 -4.42
N PRO A 91 -1.91 9.97 -3.15
CA PRO A 91 -1.38 8.71 -2.64
C PRO A 91 -2.44 7.61 -2.59
N SER A 92 -3.70 8.01 -2.79
CA SER A 92 -4.81 7.06 -2.78
C SER A 92 -4.62 5.97 -3.82
N MET A 93 -3.81 6.26 -4.83
CA MET A 93 -3.54 5.31 -5.90
C MET A 93 -2.48 4.29 -5.47
N VAL A 94 -1.72 4.65 -4.43
CA VAL A 94 -0.66 3.78 -3.92
C VAL A 94 -1.23 2.42 -3.54
N LYS A 95 -0.48 1.36 -3.85
CA LYS A 95 -0.90 0.00 -3.52
C LYS A 95 -1.29 -0.12 -2.06
N ARG A 96 -2.06 -1.15 -1.73
CA ARG A 96 -2.50 -1.37 -0.36
C ARG A 96 -3.24 -2.70 -0.24
N PRO A 97 -3.23 -3.28 0.97
CA PRO A 97 -2.55 -2.69 2.13
C PRO A 97 -1.03 -2.73 1.98
N VAL A 98 -0.34 -1.97 2.83
CA VAL A 98 1.11 -1.92 2.80
C VAL A 98 1.70 -2.15 4.18
N LEU A 99 2.64 -3.08 4.27
CA LEU A 99 3.29 -3.42 5.53
C LEU A 99 4.75 -3.00 5.52
N GLU A 100 5.12 -2.11 6.45
CA GLU A 100 6.49 -1.63 6.54
C GLU A 100 7.23 -2.32 7.69
N ARG A 101 8.48 -2.69 7.43
CA ARG A 101 9.30 -3.36 8.43
C ARG A 101 10.72 -3.56 7.92
N ASP A 102 11.69 -3.39 8.82
CA ASP A 102 13.10 -3.55 8.46
C ASP A 102 13.46 -2.65 7.29
N GLY A 103 12.88 -1.45 7.27
CA GLY A 103 13.16 -0.52 6.20
C GLY A 103 12.74 -1.03 4.84
N LYS A 104 11.90 -2.07 4.84
CA LYS A 104 11.42 -2.67 3.60
C LYS A 104 9.90 -2.58 3.52
N LEU A 105 9.40 -2.26 2.33
CA LEU A 105 7.96 -2.15 2.10
C LEU A 105 7.40 -3.43 1.51
N MET A 106 6.33 -3.94 2.11
CA MET A 106 5.69 -5.17 1.63
C MET A 106 4.30 -4.88 1.09
N VAL A 107 3.92 -5.57 0.02
CA VAL A 107 2.62 -5.39 -0.61
C VAL A 107 1.59 -6.36 -0.02
N GLY A 108 0.37 -5.86 0.19
CA GLY A 108 -0.68 -6.69 0.75
C GLY A 108 -1.04 -7.84 -0.16
N PHE A 109 -1.08 -9.05 0.41
CA PHE A 109 -1.41 -10.25 -0.37
C PHE A 109 -2.90 -10.59 -0.23
N LYS A 110 -3.50 -11.04 -1.33
CA LYS A 110 -4.91 -11.40 -1.33
C LYS A 110 -5.23 -12.35 -0.19
N PRO A 111 -6.52 -12.41 0.18
CA PRO A 111 -6.99 -13.28 1.26
C PRO A 111 -6.92 -14.77 0.88
N ALA A 112 -7.43 -15.09 -0.29
CA ALA A 112 -7.43 -16.48 -0.77
C ALA A 112 -6.01 -17.01 -0.89
N GLN A 113 -5.09 -16.13 -1.32
CA GLN A 113 -3.70 -16.52 -1.48
C GLN A 113 -3.01 -16.69 -0.12
N TYR A 114 -3.19 -15.72 0.75
CA TYR A 114 -2.60 -15.76 2.09
C TYR A 114 -3.02 -17.02 2.82
N GLU A 115 -4.30 -17.36 2.73
CA GLU A 115 -4.84 -18.54 3.40
C GLU A 115 -4.34 -19.81 2.73
N ALA A 116 -4.48 -19.87 1.41
CA ALA A 116 -4.03 -21.04 0.65
C ALA A 116 -2.54 -21.28 0.84
N TYR A 117 -1.81 -20.21 1.11
CA TYR A 117 -0.37 -20.31 1.31
C TYR A 117 -0.04 -20.78 2.72
N PHE A 118 -0.72 -20.19 3.70
CA PHE A 118 -0.51 -20.55 5.10
C PHE A 118 -0.83 -22.02 5.34
N LYS A 119 -1.85 -22.51 4.66
CA LYS A 119 -2.27 -23.91 4.79
C LYS A 119 -1.21 -24.85 4.24
N LEU A 120 -1.30 -26.12 4.63
CA LEU A 120 -0.34 -27.12 4.17
C LEU A 120 -0.54 -27.42 2.69
N GLY A 1 3.69 -14.96 22.61
CA GLY A 1 3.78 -14.11 21.45
C GLY A 1 3.87 -12.63 21.80
N PRO A 2 5.01 -12.24 22.40
CA PRO A 2 5.25 -10.85 22.80
C PRO A 2 5.43 -9.92 21.60
N GLY A 3 5.35 -8.62 21.85
CA GLY A 3 5.51 -7.64 20.79
C GLY A 3 6.89 -7.05 20.76
N SER A 4 7.85 -7.80 20.23
CA SER A 4 9.24 -7.34 20.15
C SER A 4 9.38 -6.24 19.10
N MET A 5 8.90 -6.51 17.89
CA MET A 5 8.96 -5.55 16.81
C MET A 5 7.64 -4.80 16.65
N SER A 6 7.61 -3.83 15.74
CA SER A 6 6.41 -3.05 15.50
C SER A 6 6.01 -3.09 14.03
N VAL A 7 4.78 -3.52 13.78
CA VAL A 7 4.27 -3.61 12.41
C VAL A 7 3.30 -2.47 12.10
N THR A 8 3.45 -1.88 10.92
CA THR A 8 2.58 -0.78 10.51
C THR A 8 2.02 -1.02 9.11
N ILE A 9 0.73 -0.74 8.94
CA ILE A 9 0.08 -0.93 7.65
C ILE A 9 -0.39 0.41 7.08
N TYR A 10 -0.21 0.58 5.77
CA TYR A 10 -0.60 1.81 5.11
C TYR A 10 -1.75 1.55 4.13
N GLY A 11 -2.87 2.22 4.35
CA GLY A 11 -4.02 2.06 3.48
C GLY A 11 -4.89 3.29 3.42
N ILE A 12 -6.09 3.16 2.86
CA ILE A 12 -7.02 4.27 2.75
C ILE A 12 -8.35 3.95 3.39
N LYS A 13 -9.25 4.93 3.42
CA LYS A 13 -10.57 4.74 4.00
C LYS A 13 -11.60 4.40 2.94
N ASN A 14 -11.34 4.82 1.71
CA ASN A 14 -12.24 4.56 0.59
C ASN A 14 -11.85 3.28 -0.14
N CYS A 15 -11.92 2.16 0.56
CA CYS A 15 -11.57 0.86 -0.02
C CYS A 15 -12.26 -0.27 0.73
N ASP A 16 -12.64 -1.32 0.00
CA ASP A 16 -13.30 -2.47 0.60
C ASP A 16 -12.28 -3.52 1.04
N THR A 17 -11.24 -3.72 0.22
CA THR A 17 -10.20 -4.68 0.52
C THR A 17 -9.64 -4.47 1.92
N MET A 18 -9.46 -3.21 2.30
CA MET A 18 -8.93 -2.87 3.61
C MET A 18 -9.74 -3.55 4.72
N LYS A 19 -11.02 -3.74 4.47
CA LYS A 19 -11.90 -4.39 5.44
C LYS A 19 -11.49 -5.84 5.67
N LYS A 20 -11.35 -6.58 4.56
CA LYS A 20 -10.96 -7.98 4.64
C LYS A 20 -9.58 -8.14 5.29
N ALA A 21 -8.63 -7.34 4.82
CA ALA A 21 -7.28 -7.39 5.36
C ALA A 21 -7.27 -7.11 6.86
N ARG A 22 -8.01 -6.10 7.27
CA ARG A 22 -8.09 -5.73 8.68
C ARG A 22 -8.72 -6.86 9.50
N ILE A 23 -9.85 -7.37 9.03
CA ILE A 23 -10.54 -8.46 9.71
C ILE A 23 -9.64 -9.68 9.87
N TRP A 24 -8.83 -9.93 8.84
CA TRP A 24 -7.91 -11.07 8.86
C TRP A 24 -6.83 -10.88 9.90
N LEU A 25 -6.17 -9.73 9.87
CA LEU A 25 -5.10 -9.41 10.81
C LEU A 25 -5.61 -9.51 12.25
N GLU A 26 -6.74 -8.87 12.51
CA GLU A 26 -7.32 -8.87 13.84
C GLU A 26 -7.80 -10.27 14.22
N ASP A 27 -8.28 -11.01 13.24
CA ASP A 27 -8.78 -12.36 13.46
C ASP A 27 -7.66 -13.27 13.97
N HIS A 28 -6.49 -13.18 13.32
CA HIS A 28 -5.34 -13.99 13.70
C HIS A 28 -4.69 -13.44 14.97
N GLY A 29 -5.01 -12.19 15.29
CA GLY A 29 -4.44 -11.56 16.47
C GLY A 29 -3.02 -11.06 16.24
N ILE A 30 -2.84 -10.34 15.14
CA ILE A 30 -1.52 -9.79 14.81
C ILE A 30 -1.37 -8.36 15.31
N ASP A 31 -0.16 -8.01 15.75
CA ASP A 31 0.12 -6.68 16.25
C ASP A 31 0.52 -5.74 15.13
N TYR A 32 -0.42 -4.90 14.70
CA TYR A 32 -0.16 -3.96 13.61
C TYR A 32 -0.99 -2.69 13.78
N THR A 33 -0.39 -1.55 13.47
CA THR A 33 -1.08 -0.27 13.59
C THR A 33 -1.67 0.17 12.25
N PHE A 34 -2.88 0.70 12.30
CA PHE A 34 -3.56 1.15 11.09
C PHE A 34 -3.17 2.60 10.75
N HIS A 35 -2.50 2.78 9.62
CA HIS A 35 -2.08 4.11 9.20
C HIS A 35 -2.71 4.48 7.86
N ASP A 36 -3.41 5.61 7.84
CA ASP A 36 -4.07 6.08 6.62
C ASP A 36 -3.13 6.96 5.80
N TYR A 37 -3.26 6.89 4.49
CA TYR A 37 -2.42 7.69 3.59
C TYR A 37 -2.47 9.16 3.98
N LYS A 38 -3.62 9.61 4.47
CA LYS A 38 -3.79 11.00 4.89
C LYS A 38 -3.35 11.20 6.33
N LYS A 39 -3.79 10.30 7.20
CA LYS A 39 -3.43 10.38 8.61
C LYS A 39 -1.92 10.44 8.79
N GLU A 40 -1.19 9.85 7.86
CA GLU A 40 0.27 9.83 7.90
C GLU A 40 0.85 11.03 7.15
N GLY A 41 0.10 11.51 6.16
CA GLY A 41 0.55 12.65 5.37
C GLY A 41 1.77 12.31 4.54
N LEU A 42 1.54 12.01 3.26
CA LEU A 42 2.63 11.67 2.34
C LEU A 42 3.27 12.93 1.77
N ASP A 43 4.50 13.20 2.16
CA ASP A 43 5.23 14.37 1.69
C ASP A 43 6.24 13.98 0.61
N ALA A 44 6.91 14.98 0.05
CA ALA A 44 7.90 14.75 -0.99
C ALA A 44 9.00 13.80 -0.50
N GLU A 45 9.52 14.07 0.69
CA GLU A 45 10.56 13.24 1.27
C GLU A 45 10.14 11.78 1.32
N THR A 46 8.96 11.53 1.88
CA THR A 46 8.44 10.18 1.99
C THR A 46 8.33 9.51 0.62
N LEU A 47 7.71 10.23 -0.32
CA LEU A 47 7.53 9.71 -1.67
C LEU A 47 8.87 9.28 -2.27
N ASP A 48 9.88 10.13 -2.10
CA ASP A 48 11.21 9.84 -2.63
C ASP A 48 11.78 8.56 -2.00
N ARG A 49 11.75 8.51 -0.67
CA ARG A 49 12.26 7.35 0.05
C ARG A 49 11.55 6.08 -0.38
N PHE A 50 10.25 6.19 -0.66
CA PHE A 50 9.46 5.05 -1.09
C PHE A 50 9.80 4.65 -2.53
N LEU A 51 10.10 5.64 -3.35
CA LEU A 51 10.45 5.41 -4.76
C LEU A 51 11.79 4.68 -4.86
N LYS A 52 12.74 5.09 -4.03
CA LYS A 52 14.07 4.48 -4.04
C LYS A 52 14.01 3.05 -3.51
N THR A 53 13.34 2.87 -2.37
CA THR A 53 13.21 1.56 -1.75
C THR A 53 12.33 0.64 -2.59
N VAL A 54 11.35 1.23 -3.27
CA VAL A 54 10.44 0.46 -4.12
C VAL A 54 10.08 1.24 -5.38
N PRO A 55 10.15 0.56 -6.54
CA PRO A 55 9.83 1.16 -7.83
C PRO A 55 8.35 1.46 -7.99
N TRP A 56 8.03 2.60 -8.60
CA TRP A 56 6.65 3.00 -8.80
C TRP A 56 5.87 1.91 -9.54
N GLU A 57 6.58 1.13 -10.34
CA GLU A 57 5.96 0.05 -11.11
C GLU A 57 5.23 -0.92 -10.17
N GLN A 58 5.78 -1.11 -8.98
CA GLN A 58 5.18 -2.01 -8.01
C GLN A 58 4.73 -1.25 -6.76
N LEU A 59 4.44 0.04 -6.93
CA LEU A 59 4.00 0.88 -5.82
C LEU A 59 2.59 1.41 -6.07
N LEU A 60 2.24 1.59 -7.33
CA LEU A 60 0.92 2.09 -7.69
C LEU A 60 0.18 1.09 -8.57
N ASN A 61 -1.09 0.90 -8.29
CA ASN A 61 -1.91 -0.04 -9.06
C ASN A 61 -1.80 0.24 -10.55
N ARG A 62 -1.83 -0.82 -11.35
CA ARG A 62 -1.72 -0.70 -12.80
C ARG A 62 -3.00 -1.17 -13.48
N ALA A 63 -3.48 -2.34 -13.08
CA ALA A 63 -4.69 -2.90 -13.65
C ALA A 63 -5.91 -2.63 -12.76
N GLY A 64 -5.83 -1.54 -11.99
CA GLY A 64 -6.92 -1.19 -11.10
C GLY A 64 -7.64 0.07 -11.55
N THR A 65 -8.91 0.18 -11.18
CA THR A 65 -9.72 1.33 -11.55
C THR A 65 -9.03 2.63 -11.16
N THR A 66 -8.27 2.58 -10.07
CA THR A 66 -7.55 3.76 -9.59
C THR A 66 -6.69 4.37 -10.69
N PHE A 67 -5.87 3.53 -11.32
CA PHE A 67 -5.00 3.99 -12.39
C PHE A 67 -5.80 4.31 -13.66
N ARG A 68 -6.86 3.53 -13.89
CA ARG A 68 -7.71 3.73 -15.06
C ARG A 68 -8.45 5.05 -14.97
N LYS A 69 -8.47 5.63 -13.78
CA LYS A 69 -9.16 6.91 -13.56
C LYS A 69 -8.56 8.00 -14.42
N LEU A 70 -7.30 7.83 -14.81
CA LEU A 70 -6.62 8.81 -15.65
C LEU A 70 -6.97 8.61 -17.12
N PRO A 71 -6.78 9.66 -17.92
CA PRO A 71 -7.07 9.63 -19.36
C PRO A 71 -6.09 8.75 -20.13
N GLU A 72 -6.32 8.61 -21.43
CA GLU A 72 -5.46 7.80 -22.27
C GLU A 72 -4.09 8.45 -22.43
N ASP A 73 -4.09 9.77 -22.55
CA ASP A 73 -2.84 10.52 -22.70
C ASP A 73 -1.97 10.40 -21.46
N VAL A 74 -2.55 10.68 -20.30
CA VAL A 74 -1.84 10.60 -19.04
C VAL A 74 -1.46 9.16 -18.70
N ARG A 75 -2.30 8.22 -19.15
CA ARG A 75 -2.06 6.81 -18.90
C ARG A 75 -0.85 6.31 -19.70
N SER A 76 -0.58 6.97 -20.83
CA SER A 76 0.54 6.60 -21.68
C SER A 76 1.75 7.50 -21.42
N ASN A 77 1.50 8.68 -20.88
CA ASN A 77 2.57 9.62 -20.58
C ASN A 77 3.03 9.47 -19.13
N VAL A 78 3.18 8.23 -18.69
CA VAL A 78 3.62 7.95 -17.33
C VAL A 78 5.14 7.78 -17.27
N ASP A 79 5.77 8.46 -16.33
CA ASP A 79 7.21 8.38 -16.16
C ASP A 79 7.60 8.43 -14.69
N ALA A 80 8.89 8.54 -14.43
CA ALA A 80 9.39 8.58 -13.05
C ALA A 80 8.91 9.85 -12.35
N ALA A 81 9.28 11.00 -12.90
CA ALA A 81 8.88 12.29 -12.33
C ALA A 81 7.38 12.35 -12.13
N SER A 82 6.63 12.14 -13.21
CA SER A 82 5.18 12.18 -13.16
C SER A 82 4.64 11.25 -12.07
N ALA A 83 5.10 10.01 -12.08
CA ALA A 83 4.68 9.03 -11.09
C ALA A 83 4.87 9.55 -9.68
N ARG A 84 6.06 10.09 -9.42
CA ARG A 84 6.39 10.62 -8.09
C ARG A 84 5.42 11.73 -7.70
N GLU A 85 5.16 12.64 -8.64
CA GLU A 85 4.24 13.75 -8.39
C GLU A 85 2.83 13.25 -8.13
N LEU A 86 2.36 12.35 -8.99
CA LEU A 86 1.02 11.79 -8.84
C LEU A 86 0.82 11.17 -7.46
N MET A 87 1.73 10.27 -7.09
CA MET A 87 1.67 9.61 -5.79
C MET A 87 1.85 10.62 -4.66
N LEU A 88 2.65 11.64 -4.92
CA LEU A 88 2.91 12.68 -3.92
C LEU A 88 1.63 13.40 -3.53
N ALA A 89 0.86 13.80 -4.53
CA ALA A 89 -0.40 14.50 -4.30
C ALA A 89 -1.50 13.52 -3.89
N GLN A 90 -1.63 12.43 -4.65
CA GLN A 90 -2.65 11.43 -4.37
C GLN A 90 -2.00 10.06 -4.14
N PRO A 91 -1.40 9.88 -2.96
CA PRO A 91 -0.73 8.63 -2.60
C PRO A 91 -1.73 7.50 -2.36
N SER A 92 -3.01 7.84 -2.34
CA SER A 92 -4.06 6.85 -2.12
C SER A 92 -4.14 5.88 -3.29
N MET A 93 -3.45 6.21 -4.37
CA MET A 93 -3.45 5.36 -5.55
C MET A 93 -2.48 4.18 -5.38
N VAL A 94 -1.60 4.29 -4.39
CA VAL A 94 -0.63 3.24 -4.12
C VAL A 94 -1.32 1.92 -3.78
N LYS A 95 -0.67 0.82 -4.13
CA LYS A 95 -1.23 -0.51 -3.85
C LYS A 95 -1.59 -0.65 -2.38
N ARG A 96 -2.29 -1.73 -2.04
CA ARG A 96 -2.70 -1.97 -0.67
C ARG A 96 -3.43 -3.31 -0.55
N PRO A 97 -3.48 -3.86 0.67
CA PRO A 97 -2.85 -3.24 1.84
C PRO A 97 -1.33 -3.26 1.77
N VAL A 98 -0.70 -2.25 2.34
CA VAL A 98 0.76 -2.16 2.36
C VAL A 98 1.31 -2.36 3.76
N LEU A 99 2.28 -3.26 3.88
CA LEU A 99 2.91 -3.54 5.17
C LEU A 99 4.37 -3.10 5.18
N GLU A 100 4.74 -2.32 6.18
CA GLU A 100 6.11 -1.83 6.30
C GLU A 100 6.83 -2.52 7.45
N ARG A 101 8.01 -3.07 7.17
CA ARG A 101 8.80 -3.76 8.18
C ARG A 101 10.29 -3.49 7.99
N ASP A 102 10.88 -2.77 8.93
CA ASP A 102 12.30 -2.44 8.86
C ASP A 102 12.62 -1.65 7.60
N GLY A 103 11.63 -0.92 7.09
CA GLY A 103 11.82 -0.14 5.89
C GLY A 103 11.36 -0.86 4.64
N LYS A 104 11.33 -2.19 4.71
CA LYS A 104 10.92 -3.00 3.57
C LYS A 104 9.41 -2.94 3.38
N LEU A 105 8.98 -2.56 2.18
CA LEU A 105 7.57 -2.46 1.86
C LEU A 105 7.07 -3.70 1.12
N MET A 106 6.00 -4.29 1.61
CA MET A 106 5.42 -5.48 0.99
C MET A 106 3.95 -5.28 0.68
N VAL A 107 3.48 -5.91 -0.40
CA VAL A 107 2.09 -5.79 -0.80
C VAL A 107 1.25 -6.92 -0.19
N GLY A 108 0.00 -6.61 0.13
CA GLY A 108 -0.89 -7.61 0.71
C GLY A 108 -1.14 -8.77 -0.22
N PHE A 109 -1.75 -9.83 0.31
CA PHE A 109 -2.04 -11.02 -0.48
C PHE A 109 -3.48 -11.48 -0.25
N LYS A 110 -4.04 -12.19 -1.23
CA LYS A 110 -5.40 -12.69 -1.13
C LYS A 110 -5.59 -13.48 0.17
N PRO A 111 -6.86 -13.65 0.56
CA PRO A 111 -7.21 -14.38 1.79
C PRO A 111 -6.95 -15.88 1.65
N ALA A 112 -7.43 -16.46 0.56
CA ALA A 112 -7.25 -17.89 0.32
C ALA A 112 -5.76 -18.26 0.29
N GLN A 113 -4.96 -17.40 -0.32
CA GLN A 113 -3.52 -17.62 -0.42
C GLN A 113 -2.85 -17.48 0.95
N TYR A 114 -3.15 -16.39 1.64
CA TYR A 114 -2.58 -16.13 2.95
C TYR A 114 -2.84 -17.30 3.90
N GLU A 115 -4.06 -17.83 3.86
CA GLU A 115 -4.43 -18.95 4.70
C GLU A 115 -3.73 -20.23 4.27
N ALA A 116 -3.81 -20.53 2.98
CA ALA A 116 -3.16 -21.72 2.43
C ALA A 116 -1.66 -21.70 2.67
N TYR A 117 -1.10 -20.50 2.77
CA TYR A 117 0.34 -20.34 2.99
C TYR A 117 0.67 -20.48 4.47
N PHE A 118 0.01 -19.69 5.31
CA PHE A 118 0.24 -19.72 6.74
C PHE A 118 -0.04 -21.11 7.31
N LYS A 119 -0.91 -21.85 6.63
CA LYS A 119 -1.27 -23.20 7.06
C LYS A 119 -0.08 -24.14 6.94
N LEU A 120 0.00 -25.11 7.84
CA LEU A 120 1.10 -26.07 7.84
C LEU A 120 0.79 -27.23 6.90
N GLY A 1 1.44 -3.91 28.55
CA GLY A 1 1.98 -5.10 27.90
C GLY A 1 1.51 -5.25 26.47
N PRO A 2 2.08 -4.42 25.57
CA PRO A 2 1.73 -4.44 24.15
C PRO A 2 2.23 -5.71 23.44
N GLY A 3 3.48 -6.07 23.70
CA GLY A 3 4.06 -7.25 23.09
C GLY A 3 5.52 -7.08 22.77
N SER A 4 6.06 -8.01 21.97
CA SER A 4 7.47 -7.96 21.60
C SER A 4 7.67 -7.13 20.33
N MET A 5 6.78 -7.34 19.35
CA MET A 5 6.85 -6.61 18.09
C MET A 5 5.48 -6.10 17.68
N SER A 6 5.46 -5.08 16.83
CA SER A 6 4.21 -4.49 16.36
C SER A 6 4.33 -4.04 14.91
N VAL A 7 3.41 -4.49 14.07
CA VAL A 7 3.41 -4.13 12.66
C VAL A 7 2.50 -2.94 12.40
N THR A 8 2.87 -2.13 11.41
CA THR A 8 2.09 -0.94 11.05
C THR A 8 1.58 -1.03 9.63
N ILE A 9 0.29 -0.79 9.46
CA ILE A 9 -0.33 -0.84 8.14
C ILE A 9 -0.86 0.53 7.73
N TYR A 10 -0.62 0.89 6.47
CA TYR A 10 -1.07 2.18 5.94
C TYR A 10 -2.04 1.98 4.78
N GLY A 11 -3.13 2.75 4.79
CA GLY A 11 -4.12 2.66 3.75
C GLY A 11 -5.17 3.74 3.84
N ILE A 12 -6.29 3.55 3.15
CA ILE A 12 -7.37 4.52 3.15
C ILE A 12 -8.60 3.98 3.88
N LYS A 13 -9.59 4.84 4.08
CA LYS A 13 -10.82 4.45 4.76
C LYS A 13 -11.92 4.15 3.75
N ASN A 14 -12.98 3.50 4.22
CA ASN A 14 -14.11 3.15 3.36
C ASN A 14 -13.64 2.31 2.17
N CYS A 15 -12.75 1.36 2.43
CA CYS A 15 -12.23 0.50 1.38
C CYS A 15 -12.47 -0.97 1.72
N ASP A 16 -13.06 -1.70 0.77
CA ASP A 16 -13.35 -3.11 0.96
C ASP A 16 -12.08 -3.89 1.24
N THR A 17 -11.07 -3.72 0.38
CA THR A 17 -9.80 -4.40 0.54
C THR A 17 -9.23 -4.22 1.94
N MET A 18 -9.08 -2.97 2.34
CA MET A 18 -8.55 -2.66 3.67
C MET A 18 -9.32 -3.40 4.75
N LYS A 19 -10.65 -3.33 4.67
CA LYS A 19 -11.50 -3.99 5.65
C LYS A 19 -11.13 -5.47 5.78
N LYS A 20 -11.06 -6.16 4.65
CA LYS A 20 -10.71 -7.58 4.63
C LYS A 20 -9.36 -7.81 5.28
N ALA A 21 -8.38 -6.97 4.93
CA ALA A 21 -7.04 -7.09 5.48
C ALA A 21 -7.06 -6.99 7.01
N ARG A 22 -7.70 -5.95 7.51
CA ARG A 22 -7.79 -5.74 8.95
C ARG A 22 -8.42 -6.95 9.64
N ILE A 23 -9.55 -7.39 9.11
CA ILE A 23 -10.26 -8.54 9.67
C ILE A 23 -9.39 -9.79 9.63
N TRP A 24 -8.56 -9.91 8.60
CA TRP A 24 -7.68 -11.06 8.45
C TRP A 24 -6.62 -11.07 9.54
N LEU A 25 -5.86 -9.97 9.63
CA LEU A 25 -4.81 -9.86 10.64
C LEU A 25 -5.38 -10.03 12.05
N GLU A 26 -6.55 -9.43 12.29
CA GLU A 26 -7.19 -9.51 13.60
C GLU A 26 -7.72 -10.93 13.85
N ASP A 27 -8.19 -11.57 12.78
CA ASP A 27 -8.72 -12.93 12.88
C ASP A 27 -7.63 -13.91 13.29
N HIS A 28 -6.47 -13.80 12.65
CA HIS A 28 -5.35 -14.69 12.95
C HIS A 28 -4.88 -14.49 14.38
N GLY A 29 -5.28 -13.38 14.99
CA GLY A 29 -4.89 -13.11 16.36
C GLY A 29 -3.74 -12.12 16.44
N ILE A 30 -3.51 -11.38 15.36
CA ILE A 30 -2.44 -10.40 15.31
C ILE A 30 -3.00 -8.98 15.36
N ASP A 31 -2.24 -8.08 15.97
CA ASP A 31 -2.65 -6.68 16.08
C ASP A 31 -1.81 -5.79 15.18
N TYR A 32 -2.46 -5.09 14.25
CA TYR A 32 -1.78 -4.21 13.33
C TYR A 32 -2.17 -2.76 13.57
N THR A 33 -1.21 -1.85 13.41
CA THR A 33 -1.46 -0.43 13.61
C THR A 33 -2.07 0.21 12.36
N PHE A 34 -3.32 0.63 12.47
CA PHE A 34 -4.03 1.24 11.35
C PHE A 34 -3.58 2.69 11.16
N HIS A 35 -2.99 2.98 10.00
CA HIS A 35 -2.51 4.31 9.70
C HIS A 35 -3.23 4.87 8.46
N ASP A 36 -3.85 6.04 8.62
CA ASP A 36 -4.56 6.67 7.52
C ASP A 36 -3.60 7.49 6.66
N TYR A 37 -3.66 7.27 5.34
CA TYR A 37 -2.80 7.99 4.41
C TYR A 37 -2.87 9.50 4.65
N LYS A 38 -4.07 9.98 4.97
CA LYS A 38 -4.28 11.39 5.23
C LYS A 38 -3.82 11.78 6.62
N LYS A 39 -4.23 11.00 7.62
CA LYS A 39 -3.86 11.26 9.00
C LYS A 39 -2.33 11.34 9.15
N GLU A 40 -1.64 10.38 8.55
CA GLU A 40 -0.18 10.35 8.61
C GLU A 40 0.41 11.53 7.84
N GLY A 41 -0.19 11.83 6.69
CA GLY A 41 0.30 12.93 5.88
C GLY A 41 1.54 12.56 5.09
N LEU A 42 1.34 12.17 3.83
CA LEU A 42 2.46 11.78 2.97
C LEU A 42 3.40 12.96 2.72
N ASP A 43 4.69 12.73 2.90
CA ASP A 43 5.68 13.78 2.69
C ASP A 43 6.59 13.43 1.51
N ALA A 44 7.14 14.47 0.87
CA ALA A 44 8.03 14.27 -0.27
C ALA A 44 9.14 13.28 0.06
N GLU A 45 9.80 13.49 1.19
CA GLU A 45 10.88 12.61 1.62
C GLU A 45 10.42 11.15 1.64
N THR A 46 9.30 10.90 2.29
CA THR A 46 8.76 9.55 2.38
C THR A 46 8.53 8.95 1.00
N LEU A 47 7.89 9.72 0.13
CA LEU A 47 7.61 9.26 -1.23
C LEU A 47 8.89 8.82 -1.93
N ASP A 48 9.87 9.71 -1.97
CA ASP A 48 11.15 9.41 -2.61
C ASP A 48 11.74 8.11 -2.06
N ARG A 49 11.84 8.02 -0.74
CA ARG A 49 12.39 6.83 -0.08
C ARG A 49 11.60 5.59 -0.48
N PHE A 50 10.30 5.75 -0.68
CA PHE A 50 9.43 4.64 -1.06
C PHE A 50 9.66 4.25 -2.51
N LEU A 51 9.97 5.24 -3.34
CA LEU A 51 10.21 5.01 -4.76
C LEU A 51 11.54 4.27 -4.97
N LYS A 52 12.55 4.65 -4.19
CA LYS A 52 13.86 4.03 -4.29
C LYS A 52 13.81 2.57 -3.85
N THR A 53 12.88 2.26 -2.95
CA THR A 53 12.73 0.90 -2.45
C THR A 53 11.72 0.12 -3.28
N VAL A 54 10.77 0.83 -3.88
CA VAL A 54 9.75 0.20 -4.71
C VAL A 54 9.49 1.01 -5.97
N PRO A 55 9.44 0.33 -7.12
CA PRO A 55 9.20 0.97 -8.42
C PRO A 55 7.76 1.47 -8.55
N TRP A 56 7.61 2.63 -9.18
CA TRP A 56 6.28 3.23 -9.37
C TRP A 56 5.33 2.22 -10.01
N GLU A 57 5.83 1.49 -10.99
CA GLU A 57 5.02 0.50 -11.69
C GLU A 57 4.38 -0.48 -10.71
N GLN A 58 5.05 -0.70 -9.58
CA GLN A 58 4.56 -1.60 -8.56
C GLN A 58 4.26 -0.86 -7.27
N LEU A 59 3.99 0.43 -7.38
CA LEU A 59 3.69 1.26 -6.22
C LEU A 59 2.26 1.78 -6.27
N LEU A 60 1.71 1.86 -7.47
CA LEU A 60 0.34 2.33 -7.65
C LEU A 60 -0.53 1.26 -8.31
N ASN A 61 -1.82 1.27 -7.98
CA ASN A 61 -2.75 0.30 -8.53
C ASN A 61 -2.64 0.24 -10.06
N ARG A 62 -2.79 -0.95 -10.61
CA ARG A 62 -2.71 -1.13 -12.06
C ARG A 62 -4.04 -1.61 -12.62
N ALA A 63 -4.78 -2.37 -11.82
CA ALA A 63 -6.08 -2.89 -12.24
C ALA A 63 -7.22 -2.10 -11.60
N GLY A 64 -6.92 -1.47 -10.46
CA GLY A 64 -7.93 -0.69 -9.76
C GLY A 64 -8.53 0.40 -10.64
N THR A 65 -9.79 0.75 -10.35
CA THR A 65 -10.48 1.78 -11.13
C THR A 65 -9.66 3.06 -11.20
N THR A 66 -8.92 3.35 -10.13
CA THR A 66 -8.09 4.54 -10.08
C THR A 66 -7.17 4.62 -11.28
N PHE A 67 -6.64 3.47 -11.71
CA PHE A 67 -5.75 3.43 -12.86
C PHE A 67 -6.53 3.52 -14.16
N ARG A 68 -7.73 2.93 -14.18
CA ARG A 68 -8.58 2.96 -15.36
C ARG A 68 -9.27 4.31 -15.51
N LYS A 69 -9.08 5.17 -14.53
CA LYS A 69 -9.68 6.50 -14.55
C LYS A 69 -9.22 7.29 -15.78
N LEU A 70 -8.07 6.92 -16.31
CA LEU A 70 -7.52 7.59 -17.49
C LEU A 70 -7.34 6.61 -18.64
N PRO A 71 -7.34 7.13 -19.87
CA PRO A 71 -7.17 6.32 -21.09
C PRO A 71 -5.76 5.77 -21.22
N GLU A 72 -5.63 4.67 -21.96
CA GLU A 72 -4.34 4.04 -22.16
C GLU A 72 -3.30 5.06 -22.64
N ASP A 73 -3.75 6.02 -23.44
CA ASP A 73 -2.87 7.05 -23.95
C ASP A 73 -2.32 7.92 -22.83
N VAL A 74 -3.22 8.43 -21.99
CA VAL A 74 -2.82 9.28 -20.87
C VAL A 74 -2.05 8.49 -19.83
N ARG A 75 -2.41 7.21 -19.66
CA ARG A 75 -1.75 6.35 -18.70
C ARG A 75 -0.33 6.01 -19.15
N SER A 76 -0.11 6.03 -20.47
CA SER A 76 1.20 5.72 -21.02
C SER A 76 2.19 6.86 -20.76
N ASN A 77 1.65 8.02 -20.39
CA ASN A 77 2.48 9.18 -20.11
C ASN A 77 3.09 9.09 -18.72
N VAL A 78 2.74 8.04 -17.98
CA VAL A 78 3.26 7.83 -16.64
C VAL A 78 4.78 7.68 -16.66
N ASP A 79 5.45 8.42 -15.78
CA ASP A 79 6.90 8.37 -15.69
C ASP A 79 7.35 8.36 -14.23
N ALA A 80 8.66 8.35 -14.02
CA ALA A 80 9.23 8.34 -12.68
C ALA A 80 8.81 9.58 -11.90
N ALA A 81 9.25 10.74 -12.36
CA ALA A 81 8.92 12.01 -11.70
C ALA A 81 7.42 12.14 -11.50
N SER A 82 6.66 11.97 -12.58
CA SER A 82 5.20 12.08 -12.52
C SER A 82 4.64 11.12 -11.48
N ALA A 83 5.02 9.86 -11.56
CA ALA A 83 4.56 8.85 -10.61
C ALA A 83 4.76 9.31 -9.17
N ARG A 84 5.93 9.86 -8.90
CA ARG A 84 6.25 10.34 -7.55
C ARG A 84 5.35 11.51 -7.17
N GLU A 85 5.10 12.39 -8.13
CA GLU A 85 4.26 13.56 -7.89
C GLU A 85 2.81 13.15 -7.63
N LEU A 86 2.31 12.22 -8.43
CA LEU A 86 0.95 11.74 -8.27
C LEU A 86 0.75 11.07 -6.92
N MET A 87 1.65 10.16 -6.57
CA MET A 87 1.58 9.45 -5.30
C MET A 87 1.81 10.42 -4.14
N LEU A 88 2.64 11.43 -4.36
CA LEU A 88 2.94 12.41 -3.33
C LEU A 88 1.70 13.22 -2.98
N ALA A 89 1.00 13.70 -4.00
CA ALA A 89 -0.21 14.50 -3.79
C ALA A 89 -1.39 13.61 -3.39
N GLN A 90 -1.58 12.52 -4.14
CA GLN A 90 -2.67 11.59 -3.86
C GLN A 90 -2.15 10.18 -3.68
N PRO A 91 -1.62 9.89 -2.47
CA PRO A 91 -1.06 8.57 -2.15
C PRO A 91 -2.15 7.50 -2.03
N SER A 92 -3.41 7.94 -2.09
CA SER A 92 -4.54 7.01 -1.99
C SER A 92 -4.50 5.99 -3.11
N MET A 93 -3.76 6.30 -4.17
CA MET A 93 -3.64 5.41 -5.31
C MET A 93 -2.64 4.30 -5.04
N VAL A 94 -1.77 4.52 -4.05
CA VAL A 94 -0.75 3.54 -3.69
C VAL A 94 -1.38 2.19 -3.39
N LYS A 95 -0.68 1.12 -3.72
CA LYS A 95 -1.16 -0.24 -3.49
C LYS A 95 -1.58 -0.41 -2.03
N ARG A 96 -2.21 -1.54 -1.73
CA ARG A 96 -2.66 -1.83 -0.37
C ARG A 96 -3.24 -3.24 -0.28
N PRO A 97 -3.29 -3.77 0.94
CA PRO A 97 -2.83 -3.06 2.15
C PRO A 97 -1.31 -2.90 2.17
N VAL A 98 -0.85 -1.75 2.68
CA VAL A 98 0.57 -1.48 2.77
C VAL A 98 1.13 -1.87 4.12
N LEU A 99 2.18 -2.70 4.12
CA LEU A 99 2.79 -3.16 5.36
C LEU A 99 4.19 -2.55 5.51
N GLU A 100 4.40 -1.85 6.62
CA GLU A 100 5.70 -1.23 6.90
C GLU A 100 6.42 -1.96 8.02
N ARG A 101 7.69 -2.29 7.78
CA ARG A 101 8.50 -2.99 8.77
C ARG A 101 9.97 -2.67 8.59
N ASP A 102 10.60 -2.15 9.65
CA ASP A 102 12.01 -1.80 9.60
C ASP A 102 12.29 -0.85 8.44
N GLY A 103 11.29 -0.09 8.04
CA GLY A 103 11.46 0.85 6.94
C GLY A 103 11.01 0.27 5.61
N LYS A 104 11.31 -1.02 5.40
CA LYS A 104 10.94 -1.69 4.17
C LYS A 104 9.42 -1.84 4.07
N LEU A 105 8.88 -1.54 2.89
CA LEU A 105 7.44 -1.64 2.66
C LEU A 105 7.11 -2.94 1.93
N MET A 106 5.88 -3.42 2.13
CA MET A 106 5.42 -4.65 1.48
C MET A 106 4.00 -4.49 0.94
N VAL A 107 3.73 -5.13 -0.20
CA VAL A 107 2.41 -5.06 -0.82
C VAL A 107 1.53 -6.20 -0.34
N GLY A 108 0.35 -5.84 0.17
CA GLY A 108 -0.58 -6.85 0.66
C GLY A 108 -1.05 -7.78 -0.45
N PHE A 109 -1.14 -9.07 -0.12
CA PHE A 109 -1.58 -10.07 -1.09
C PHE A 109 -3.04 -10.44 -0.88
N LYS A 110 -3.69 -10.92 -1.92
CA LYS A 110 -5.09 -11.32 -1.86
C LYS A 110 -5.33 -12.27 -0.69
N PRO A 111 -6.59 -12.39 -0.27
CA PRO A 111 -6.98 -13.26 0.85
C PRO A 111 -6.86 -14.74 0.49
N ALA A 112 -7.40 -15.12 -0.66
CA ALA A 112 -7.35 -16.50 -1.12
C ALA A 112 -5.91 -16.97 -1.28
N GLN A 113 -5.06 -16.08 -1.75
CA GLN A 113 -3.64 -16.40 -1.95
C GLN A 113 -2.91 -16.52 -0.62
N TYR A 114 -3.11 -15.53 0.25
CA TYR A 114 -2.47 -15.51 1.55
C TYR A 114 -2.81 -16.79 2.34
N GLU A 115 -4.08 -17.18 2.28
CA GLU A 115 -4.54 -18.37 2.98
C GLU A 115 -3.99 -19.63 2.32
N ALA A 116 -4.15 -19.73 1.01
CA ALA A 116 -3.68 -20.89 0.26
C ALA A 116 -2.16 -21.04 0.40
N TYR A 117 -1.49 -19.93 0.66
CA TYR A 117 -0.04 -19.94 0.82
C TYR A 117 0.36 -20.40 2.22
N PHE A 118 -0.15 -19.71 3.23
CA PHE A 118 0.16 -20.03 4.62
C PHE A 118 -0.34 -21.43 4.96
N LYS A 119 -1.39 -21.87 4.27
CA LYS A 119 -1.96 -23.18 4.50
C LYS A 119 -0.95 -24.28 4.18
N LEU A 120 -1.32 -25.52 4.50
CA LEU A 120 -0.45 -26.67 4.24
C LEU A 120 -0.15 -26.80 2.75
N GLY A 1 5.17 -15.37 19.65
CA GLY A 1 5.82 -14.76 20.80
C GLY A 1 5.05 -13.57 21.34
N PRO A 2 5.62 -12.90 22.35
CA PRO A 2 5.00 -11.73 22.97
C PRO A 2 4.98 -10.51 22.04
N GLY A 3 4.36 -9.43 22.50
CA GLY A 3 4.28 -8.22 21.71
C GLY A 3 5.56 -7.41 21.76
N SER A 4 6.67 -8.00 21.33
CA SER A 4 7.96 -7.33 21.35
C SER A 4 7.88 -6.00 20.59
N MET A 5 7.57 -6.08 19.30
CA MET A 5 7.47 -4.89 18.47
C MET A 5 6.12 -4.84 17.76
N SER A 6 5.67 -3.63 17.44
CA SER A 6 4.39 -3.44 16.76
C SER A 6 4.60 -3.02 15.30
N VAL A 7 3.90 -3.68 14.40
CA VAL A 7 4.01 -3.38 12.97
C VAL A 7 3.04 -2.28 12.58
N THR A 8 3.46 -1.43 11.65
CA THR A 8 2.63 -0.33 11.18
C THR A 8 2.07 -0.61 9.80
N ILE A 9 0.76 -0.52 9.66
CA ILE A 9 0.09 -0.75 8.39
C ILE A 9 -0.57 0.50 7.85
N TYR A 10 -0.42 0.74 6.55
CA TYR A 10 -1.00 1.92 5.92
C TYR A 10 -2.18 1.53 5.03
N GLY A 11 -3.11 2.47 4.86
CA GLY A 11 -4.27 2.22 4.04
C GLY A 11 -5.14 3.45 3.85
N ILE A 12 -6.33 3.27 3.30
CA ILE A 12 -7.25 4.37 3.07
C ILE A 12 -8.59 4.12 3.76
N LYS A 13 -9.48 5.11 3.67
CA LYS A 13 -10.80 5.00 4.28
C LYS A 13 -11.82 4.50 3.28
N ASN A 14 -11.57 4.75 1.99
CA ASN A 14 -12.46 4.33 0.93
C ASN A 14 -11.92 3.09 0.22
N CYS A 15 -11.93 1.96 0.91
CA CYS A 15 -11.43 0.71 0.35
C CYS A 15 -12.04 -0.49 1.06
N ASP A 16 -12.35 -1.53 0.30
CA ASP A 16 -12.94 -2.75 0.86
C ASP A 16 -11.86 -3.73 1.29
N THR A 17 -10.77 -3.78 0.52
CA THR A 17 -9.66 -4.68 0.81
C THR A 17 -9.19 -4.52 2.25
N MET A 18 -9.07 -3.27 2.69
CA MET A 18 -8.62 -2.97 4.05
C MET A 18 -9.47 -3.73 5.07
N LYS A 19 -10.77 -3.84 4.80
CA LYS A 19 -11.68 -4.54 5.69
C LYS A 19 -11.25 -5.99 5.89
N LYS A 20 -11.02 -6.70 4.77
CA LYS A 20 -10.60 -8.09 4.83
C LYS A 20 -9.26 -8.23 5.54
N ALA A 21 -8.29 -7.40 5.15
CA ALA A 21 -6.97 -7.43 5.76
C ALA A 21 -7.06 -7.28 7.27
N ARG A 22 -7.84 -6.28 7.72
CA ARG A 22 -8.00 -6.03 9.14
C ARG A 22 -8.62 -7.23 9.84
N ILE A 23 -9.70 -7.76 9.27
CA ILE A 23 -10.38 -8.92 9.83
C ILE A 23 -9.43 -10.10 9.98
N TRP A 24 -8.54 -10.26 9.01
CA TRP A 24 -7.57 -11.34 9.02
C TRP A 24 -6.56 -11.17 10.15
N LEU A 25 -5.89 -10.02 10.16
CA LEU A 25 -4.90 -9.73 11.19
C LEU A 25 -5.53 -9.75 12.57
N GLU A 26 -6.75 -9.24 12.68
CA GLU A 26 -7.47 -9.20 13.95
C GLU A 26 -7.89 -10.61 14.37
N ASP A 27 -8.50 -11.34 13.45
CA ASP A 27 -8.95 -12.70 13.73
C ASP A 27 -7.80 -13.56 14.24
N HIS A 28 -6.65 -13.46 13.58
CA HIS A 28 -5.48 -14.23 13.97
C HIS A 28 -5.03 -13.85 15.38
N GLY A 29 -5.49 -12.71 15.85
CA GLY A 29 -5.12 -12.25 17.18
C GLY A 29 -3.92 -11.33 17.16
N ILE A 30 -3.74 -10.63 16.05
CA ILE A 30 -2.62 -9.70 15.91
C ILE A 30 -3.09 -8.25 15.98
N ASP A 31 -2.23 -7.37 16.46
CA ASP A 31 -2.55 -5.95 16.58
C ASP A 31 -1.61 -5.11 15.73
N TYR A 32 -2.13 -4.50 14.68
CA TYR A 32 -1.34 -3.67 13.79
C TYR A 32 -1.76 -2.20 13.89
N THR A 33 -0.82 -1.31 13.62
CA THR A 33 -1.10 0.13 13.68
C THR A 33 -1.73 0.62 12.38
N PHE A 34 -3.01 1.01 12.47
CA PHE A 34 -3.74 1.49 11.30
C PHE A 34 -3.34 2.93 10.98
N HIS A 35 -2.83 3.13 9.77
CA HIS A 35 -2.41 4.46 9.33
C HIS A 35 -3.20 4.89 8.09
N ASP A 36 -3.86 6.05 8.20
CA ASP A 36 -4.64 6.58 7.08
C ASP A 36 -3.75 7.38 6.12
N TYR A 37 -3.96 7.16 4.83
CA TYR A 37 -3.18 7.85 3.81
C TYR A 37 -3.19 9.36 4.05
N LYS A 38 -4.30 9.86 4.59
CA LYS A 38 -4.44 11.29 4.87
C LYS A 38 -3.92 11.62 6.26
N LYS A 39 -4.30 10.82 7.25
CA LYS A 39 -3.88 11.03 8.62
C LYS A 39 -2.35 11.08 8.72
N GLU A 40 -1.69 10.14 8.06
CA GLU A 40 -0.24 10.09 8.06
C GLU A 40 0.35 11.22 7.22
N GLY A 41 -0.37 11.61 6.17
CA GLY A 41 0.10 12.67 5.30
C GLY A 41 1.33 12.28 4.50
N LEU A 42 1.11 11.86 3.26
CA LEU A 42 2.21 11.45 2.38
C LEU A 42 3.00 12.65 1.91
N ASP A 43 4.32 12.56 2.00
CA ASP A 43 5.20 13.65 1.56
C ASP A 43 6.18 13.16 0.51
N ALA A 44 7.03 14.07 0.04
CA ALA A 44 8.02 13.73 -0.99
C ALA A 44 9.00 12.69 -0.47
N GLU A 45 9.59 12.96 0.70
CA GLU A 45 10.55 12.04 1.30
C GLU A 45 9.97 10.63 1.40
N THR A 46 8.77 10.53 1.98
CA THR A 46 8.11 9.25 2.14
C THR A 46 7.88 8.58 0.80
N LEU A 47 7.31 9.33 -0.14
CA LEU A 47 7.03 8.80 -1.48
C LEU A 47 8.28 8.19 -2.09
N ASP A 48 9.38 8.94 -2.06
CA ASP A 48 10.66 8.46 -2.61
C ASP A 48 11.14 7.23 -1.86
N ARG A 49 10.96 7.22 -0.55
CA ARG A 49 11.38 6.10 0.27
C ARG A 49 10.64 4.82 -0.12
N PHE A 50 9.34 4.94 -0.34
CA PHE A 50 8.52 3.80 -0.73
C PHE A 50 8.79 3.39 -2.18
N LEU A 51 9.08 4.39 -3.01
CA LEU A 51 9.36 4.13 -4.42
C LEU A 51 10.72 3.45 -4.59
N LYS A 52 11.64 3.75 -3.69
CA LYS A 52 12.97 3.16 -3.74
C LYS A 52 12.94 1.70 -3.29
N THR A 53 11.98 1.38 -2.43
CA THR A 53 11.85 0.01 -1.93
C THR A 53 10.90 -0.80 -2.80
N VAL A 54 9.90 -0.13 -3.35
CA VAL A 54 8.92 -0.80 -4.22
C VAL A 54 8.61 0.05 -5.44
N PRO A 55 8.61 -0.60 -6.63
CA PRO A 55 8.34 0.07 -7.90
C PRO A 55 6.88 0.50 -8.02
N TRP A 56 6.65 1.64 -8.66
CA TRP A 56 5.30 2.16 -8.84
C TRP A 56 4.41 1.13 -9.54
N GLU A 57 4.99 0.41 -10.50
CA GLU A 57 4.25 -0.61 -11.24
C GLU A 57 3.65 -1.64 -10.30
N GLN A 58 4.29 -1.82 -9.15
CA GLN A 58 3.82 -2.79 -8.15
C GLN A 58 3.57 -2.12 -6.82
N LEU A 59 3.34 -0.81 -6.85
CA LEU A 59 3.09 -0.04 -5.64
C LEU A 59 1.81 0.78 -5.77
N LEU A 60 1.15 0.67 -6.92
CA LEU A 60 -0.09 1.38 -7.17
C LEU A 60 -0.98 0.61 -8.13
N ASN A 61 -2.28 0.54 -7.79
CA ASN A 61 -3.24 -0.17 -8.63
C ASN A 61 -3.24 0.39 -10.05
N ARG A 62 -3.43 -0.50 -11.02
CA ARG A 62 -3.45 -0.10 -12.42
C ARG A 62 -4.80 -0.43 -13.06
N ALA A 63 -5.50 -1.39 -12.48
CA ALA A 63 -6.81 -1.80 -12.99
C ALA A 63 -7.93 -1.05 -12.27
N GLY A 64 -7.64 0.17 -11.85
CA GLY A 64 -8.64 0.97 -11.15
C GLY A 64 -8.90 2.29 -11.84
N THR A 65 -9.94 3.00 -11.40
CA THR A 65 -10.29 4.29 -11.98
C THR A 65 -9.08 5.23 -12.02
N THR A 66 -8.19 5.07 -11.05
CA THR A 66 -7.00 5.90 -10.97
C THR A 66 -6.22 5.87 -12.28
N PHE A 67 -6.18 4.71 -12.93
CA PHE A 67 -5.48 4.57 -14.20
C PHE A 67 -6.32 5.13 -15.35
N ARG A 68 -7.63 4.98 -15.25
CA ARG A 68 -8.53 5.46 -16.27
C ARG A 68 -8.76 6.96 -16.14
N LYS A 69 -8.19 7.55 -15.09
CA LYS A 69 -8.32 8.98 -14.83
C LYS A 69 -7.77 9.79 -16.00
N LEU A 70 -6.77 9.23 -16.68
CA LEU A 70 -6.14 9.91 -17.83
C LEU A 70 -6.37 9.12 -19.11
N PRO A 71 -6.27 9.81 -20.25
CA PRO A 71 -6.46 9.19 -21.57
C PRO A 71 -5.33 8.24 -21.93
N GLU A 72 -5.41 7.64 -23.11
CA GLU A 72 -4.40 6.71 -23.58
C GLU A 72 -3.11 7.45 -23.93
N ASP A 73 -3.24 8.52 -24.70
CA ASP A 73 -2.08 9.31 -25.12
C ASP A 73 -1.27 9.75 -23.90
N VAL A 74 -1.95 10.02 -22.80
CA VAL A 74 -1.29 10.45 -21.57
C VAL A 74 -0.83 9.25 -20.75
N ARG A 75 -1.71 8.27 -20.59
CA ARG A 75 -1.39 7.07 -19.83
C ARG A 75 -0.15 6.38 -20.38
N SER A 76 -0.08 6.27 -21.70
CA SER A 76 1.06 5.63 -22.35
C SER A 76 2.36 6.36 -22.01
N ASN A 77 2.23 7.62 -21.61
CA ASN A 77 3.39 8.43 -21.25
C ASN A 77 3.64 8.39 -19.75
N VAL A 78 3.19 7.32 -19.10
CA VAL A 78 3.36 7.16 -17.67
C VAL A 78 4.79 6.74 -17.32
N ASP A 79 5.39 7.46 -16.38
CA ASP A 79 6.76 7.16 -15.96
C ASP A 79 6.92 7.38 -14.46
N ALA A 80 8.14 7.16 -13.96
CA ALA A 80 8.42 7.34 -12.55
C ALA A 80 7.97 8.71 -12.06
N ALA A 81 8.26 9.74 -12.84
CA ALA A 81 7.88 11.09 -12.48
C ALA A 81 6.38 11.20 -12.23
N SER A 82 5.59 10.83 -13.24
CA SER A 82 4.13 10.88 -13.13
C SER A 82 3.66 10.09 -11.90
N ALA A 83 4.11 8.84 -11.80
CA ALA A 83 3.74 7.98 -10.69
C ALA A 83 4.04 8.64 -9.35
N ARG A 84 5.29 9.05 -9.17
CA ARG A 84 5.71 9.71 -7.93
C ARG A 84 4.79 10.87 -7.60
N GLU A 85 4.46 11.67 -8.61
CA GLU A 85 3.58 12.82 -8.42
C GLU A 85 2.16 12.38 -8.09
N LEU A 86 1.74 11.27 -8.67
CA LEU A 86 0.40 10.74 -8.45
C LEU A 86 0.27 10.18 -7.04
N MET A 87 1.32 9.53 -6.56
CA MET A 87 1.33 8.96 -5.22
C MET A 87 1.41 10.06 -4.16
N LEU A 88 2.29 11.04 -4.39
CA LEU A 88 2.46 12.14 -3.45
C LEU A 88 1.21 13.00 -3.39
N ALA A 89 0.62 13.28 -4.54
CA ALA A 89 -0.59 14.09 -4.61
C ALA A 89 -1.80 13.30 -4.13
N GLN A 90 -1.95 12.08 -4.62
CA GLN A 90 -3.07 11.23 -4.24
C GLN A 90 -2.60 9.81 -3.95
N PRO A 91 -2.02 9.62 -2.76
CA PRO A 91 -1.51 8.30 -2.33
C PRO A 91 -2.64 7.30 -2.06
N SER A 92 -3.87 7.80 -2.07
CA SER A 92 -5.03 6.96 -1.82
C SER A 92 -5.11 5.82 -2.84
N MET A 93 -4.44 6.00 -3.97
CA MET A 93 -4.43 4.99 -5.02
C MET A 93 -3.33 3.97 -4.79
N VAL A 94 -2.38 4.32 -3.94
CA VAL A 94 -1.27 3.43 -3.62
C VAL A 94 -1.77 2.05 -3.21
N LYS A 95 -1.04 1.02 -3.60
CA LYS A 95 -1.40 -0.35 -3.28
C LYS A 95 -1.67 -0.51 -1.79
N ARG A 96 -2.37 -1.59 -1.43
CA ARG A 96 -2.70 -1.85 -0.03
C ARG A 96 -3.31 -3.24 0.13
N PRO A 97 -3.27 -3.76 1.36
CA PRO A 97 -2.67 -3.06 2.51
C PRO A 97 -1.15 -2.96 2.39
N VAL A 98 -0.57 -1.99 3.06
CA VAL A 98 0.88 -1.78 3.04
C VAL A 98 1.48 -1.99 4.42
N LEU A 99 2.60 -2.70 4.47
CA LEU A 99 3.29 -2.97 5.73
C LEU A 99 4.65 -2.28 5.77
N GLU A 100 4.89 -1.52 6.82
CA GLU A 100 6.16 -0.81 6.98
C GLU A 100 6.97 -1.39 8.14
N ARG A 101 8.26 -1.58 7.91
CA ARG A 101 9.15 -2.13 8.93
C ARG A 101 10.61 -1.89 8.57
N ASP A 102 11.33 -1.24 9.47
CA ASP A 102 12.75 -0.94 9.25
C ASP A 102 12.95 -0.21 7.93
N GLY A 103 11.93 0.52 7.50
CA GLY A 103 12.02 1.25 6.25
C GLY A 103 11.50 0.45 5.07
N LYS A 104 11.87 -0.83 5.02
CA LYS A 104 11.44 -1.70 3.93
C LYS A 104 9.92 -1.85 3.93
N LEU A 105 9.31 -1.55 2.78
CA LEU A 105 7.87 -1.65 2.64
C LEU A 105 7.47 -2.98 2.01
N MET A 106 6.26 -3.44 2.31
CA MET A 106 5.76 -4.69 1.76
C MET A 106 4.32 -4.54 1.27
N VAL A 107 4.02 -5.18 0.15
CA VAL A 107 2.68 -5.10 -0.43
C VAL A 107 1.81 -6.26 0.07
N GLY A 108 0.56 -5.94 0.41
CA GLY A 108 -0.35 -6.95 0.89
C GLY A 108 -0.63 -8.03 -0.14
N PHE A 109 -1.23 -9.13 0.30
CA PHE A 109 -1.55 -10.23 -0.60
C PHE A 109 -2.93 -10.80 -0.29
N LYS A 110 -3.54 -11.43 -1.28
CA LYS A 110 -4.87 -12.02 -1.12
C LYS A 110 -4.91 -12.94 0.09
N PRO A 111 -6.12 -13.22 0.59
CA PRO A 111 -6.33 -14.09 1.75
C PRO A 111 -6.01 -15.55 1.44
N ALA A 112 -6.55 -16.05 0.34
CA ALA A 112 -6.32 -17.44 -0.06
C ALA A 112 -4.83 -17.71 -0.27
N GLN A 113 -4.13 -16.73 -0.84
CA GLN A 113 -2.70 -16.87 -1.08
C GLN A 113 -1.91 -16.81 0.22
N TYR A 114 -2.21 -15.83 1.05
CA TYR A 114 -1.53 -15.66 2.33
C TYR A 114 -1.64 -16.93 3.16
N GLU A 115 -2.83 -17.52 3.18
CA GLU A 115 -3.06 -18.74 3.94
C GLU A 115 -2.34 -19.93 3.31
N ALA A 116 -2.54 -20.11 2.01
CA ALA A 116 -1.91 -21.20 1.29
C ALA A 116 -0.39 -21.12 1.39
N TYR A 117 0.13 -19.91 1.53
CA TYR A 117 1.57 -19.69 1.63
C TYR A 117 2.04 -19.92 3.06
N PHE A 118 1.24 -19.50 4.02
CA PHE A 118 1.58 -19.65 5.44
C PHE A 118 1.86 -21.11 5.77
N LYS A 119 1.27 -22.02 4.99
CA LYS A 119 1.47 -23.45 5.20
C LYS A 119 2.55 -24.00 4.28
N LEU A 120 3.26 -25.02 4.76
CA LEU A 120 4.33 -25.64 3.97
C LEU A 120 3.76 -26.51 2.87
#